data_1YBA
#
_entry.id   1YBA
#
_cell.length_a   76.159
_cell.length_b   76.159
_cell.length_c   354.144
_cell.angle_alpha   90.00
_cell.angle_beta   90.00
_cell.angle_gamma   90.00
#
_symmetry.space_group_name_H-M   'P 43'
#
loop_
_entity.id
_entity.type
_entity.pdbx_description
1 polymer 'D-3-phosphoglycerate dehydrogenase'
2 non-polymer 'PHOSPHATE ION'
3 non-polymer '2-OXOGLUTARIC ACID'
4 non-polymer 'UNKNOWN LIGAND'
5 non-polymer NICOTINAMIDE-ADENINE-DINUCLEOTIDE
6 water water
#
_entity_poly.entity_id   1
_entity_poly.type   'polypeptide(L)'
_entity_poly.pdbx_seq_one_letter_code
;MAKVSLEKDKIKFLLVEGVHQKALESLRAAGYTNIEFHKGALDDEQLKESIRDAHFIGLRSRTHLTEDVINAAEKLVAIG
CFCIGTNQVDLDAAAKRGIPVFNAPFSNTRSVAELVIGELLLLLRGVPEANAKAHRGVWNKLAAGSFEARGKKLGIIGYG
HIGTQLGILAESLG(MSE)YVYFYDIENKLPLGNATQVQHLSDLLN(MSE)SDVVSLHVPENPSTKN(MSE)(MSE)GAK
EISL(MSE)KPGSLLINASRGTVVDIPALCDALASKHLAGAAIDVFPTEPATNSDPFTSPLCEFDNVLLTPHIGGSTQEA
QENIGLEVAGKLIKYSDNGSTLSAVNFPEVSLPLHGGRRL(MSE)HIHENRPGVLTALNKIFAEQGVNIAAQYLQTSAQ
(MSE)GYVVIDIEADEDVAEKALQA(MSE)KAIPGTIRARLLY
;
_entity_poly.pdbx_strand_id   A,B,C,D
#
# COMPACT_ATOMS: atom_id res chain seq x y z
N SER A 5 -16.45 41.79 18.14
CA SER A 5 -17.70 41.00 18.45
C SER A 5 -19.01 41.78 18.15
N LEU A 6 -19.28 42.87 18.88
CA LEU A 6 -20.23 43.89 18.41
C LEU A 6 -19.70 44.65 17.14
N GLU A 7 -18.36 44.65 16.93
CA GLU A 7 -17.66 45.33 15.79
C GLU A 7 -17.38 44.46 14.59
N LYS A 8 -17.44 43.14 14.77
CA LYS A 8 -17.36 42.22 13.65
C LYS A 8 -18.73 42.08 12.98
N ASP A 9 -19.78 42.25 13.80
CA ASP A 9 -21.18 42.42 13.34
C ASP A 9 -21.38 43.49 12.23
N LYS A 10 -20.66 44.61 12.33
CA LYS A 10 -20.79 45.65 11.32
C LYS A 10 -20.16 45.21 10.02
N ILE A 11 -19.17 44.33 10.10
CA ILE A 11 -18.38 43.90 8.94
C ILE A 11 -19.14 42.92 8.05
N LYS A 12 -19.79 43.40 6.98
CA LYS A 12 -20.61 42.57 6.11
C LYS A 12 -19.83 41.80 5.05
N PHE A 13 -20.16 40.51 4.96
CA PHE A 13 -19.71 39.63 3.88
C PHE A 13 -20.90 39.32 2.99
N LEU A 14 -20.77 39.60 1.70
CA LEU A 14 -21.72 39.20 0.67
C LEU A 14 -21.17 37.96 -0.07
N LEU A 15 -21.87 36.84 0.02
CA LEU A 15 -21.47 35.59 -0.62
C LEU A 15 -22.50 35.20 -1.63
N VAL A 16 -22.05 34.98 -2.87
CA VAL A 16 -22.94 34.69 -3.98
C VAL A 16 -22.54 33.42 -4.74
N GLU A 17 -23.45 32.99 -5.60
CA GLU A 17 -23.26 31.81 -6.42
C GLU A 17 -23.13 30.49 -5.64
N GLY A 18 -23.63 30.46 -4.42
CA GLY A 18 -23.69 29.27 -3.60
C GLY A 18 -22.35 28.66 -3.33
N VAL A 19 -21.50 29.39 -2.63
CA VAL A 19 -20.27 28.82 -2.12
C VAL A 19 -20.64 27.83 -1.03
N HIS A 20 -19.66 27.04 -0.63
CA HIS A 20 -19.91 25.94 0.30
C HIS A 20 -20.15 26.43 1.76
N GLN A 21 -21.01 25.70 2.47
CA GLN A 21 -21.38 26.04 3.84
C GLN A 21 -20.22 26.14 4.83
N LYS A 22 -19.08 25.54 4.52
CA LYS A 22 -17.93 25.61 5.41
C LYS A 22 -17.31 26.97 5.36
N ALA A 23 -17.58 27.73 4.30
CA ALA A 23 -17.16 29.13 4.25
C ALA A 23 -17.81 29.93 5.37
N LEU A 24 -19.12 29.80 5.43
CA LEU A 24 -19.96 30.43 6.43
C LEU A 24 -19.60 29.90 7.85
N GLU A 25 -19.33 28.62 7.97
CA GLU A 25 -18.90 28.09 9.26
C GLU A 25 -17.56 28.71 9.72
N SER A 26 -16.63 28.91 8.79
CA SER A 26 -15.37 29.55 9.13
C SER A 26 -15.57 30.97 9.55
N LEU A 27 -16.44 31.67 8.85
CA LEU A 27 -16.70 33.07 9.18
C LEU A 27 -17.23 33.23 10.59
N ARG A 28 -18.33 32.52 10.88
CA ARG A 28 -18.94 32.57 12.19
C ARG A 28 -17.95 32.18 13.28
N ALA A 29 -17.24 31.09 13.10
CA ALA A 29 -16.12 30.72 13.99
C ALA A 29 -15.12 31.86 14.28
N ALA A 30 -14.95 32.78 13.34
CA ALA A 30 -14.02 33.87 13.54
C ALA A 30 -14.75 35.13 14.03
N GLY A 31 -16.05 35.00 14.36
CA GLY A 31 -16.87 36.13 14.86
C GLY A 31 -17.58 36.99 13.82
N TYR A 32 -17.36 36.68 12.56
CA TYR A 32 -18.03 37.35 11.48
C TYR A 32 -19.37 36.68 11.21
N THR A 33 -20.45 37.34 11.63
CA THR A 33 -21.78 36.78 11.49
C THR A 33 -22.68 37.61 10.59
N ASN A 34 -22.22 38.77 10.13
CA ASN A 34 -23.07 39.58 9.27
C ASN A 34 -22.81 39.16 7.85
N ILE A 35 -23.64 38.23 7.37
CA ILE A 35 -23.45 37.55 6.07
C ILE A 35 -24.72 37.60 5.20
N GLU A 36 -24.58 38.03 3.94
CA GLU A 36 -25.66 37.97 2.97
C GLU A 36 -25.30 36.88 1.97
N PHE A 37 -25.94 35.72 2.12
CA PHE A 37 -25.65 34.53 1.33
C PHE A 37 -26.65 34.37 0.20
N HIS A 38 -26.18 34.08 -1.00
CA HIS A 38 -27.06 33.78 -2.12
C HIS A 38 -26.55 32.50 -2.80
N LYS A 39 -27.45 31.53 -3.01
CA LYS A 39 -27.16 30.33 -3.80
C LYS A 39 -26.87 30.64 -5.27
N GLY A 40 -27.42 31.73 -5.80
CA GLY A 40 -27.33 32.04 -7.21
C GLY A 40 -26.49 33.27 -7.47
N ALA A 41 -26.27 33.53 -8.76
CA ALA A 41 -25.66 34.78 -9.22
C ALA A 41 -26.74 35.87 -9.25
N LEU A 42 -26.29 37.11 -9.02
CA LEU A 42 -27.17 38.29 -8.85
C LEU A 42 -27.22 39.10 -10.13
N ASP A 43 -28.43 39.41 -10.61
CA ASP A 43 -28.59 40.42 -11.67
C ASP A 43 -28.07 41.78 -11.14
N ASP A 44 -27.92 42.75 -12.02
CA ASP A 44 -27.08 43.93 -11.72
C ASP A 44 -27.65 44.83 -10.65
N GLU A 45 -28.91 45.21 -10.83
CA GLU A 45 -29.72 45.87 -9.78
C GLU A 45 -29.43 45.21 -8.42
N GLN A 46 -29.54 43.89 -8.35
CA GLN A 46 -29.40 43.16 -7.08
C GLN A 46 -27.97 43.15 -6.58
N LEU A 47 -27.03 43.05 -7.50
CA LEU A 47 -25.61 43.00 -7.16
C LEU A 47 -25.18 44.31 -6.57
N LYS A 48 -25.38 45.36 -7.34
CA LYS A 48 -25.10 46.71 -6.91
C LYS A 48 -25.76 47.09 -5.56
N GLU A 49 -27.03 46.76 -5.37
CA GLU A 49 -27.66 46.96 -4.06
C GLU A 49 -26.98 46.14 -2.95
N SER A 50 -26.86 44.83 -3.17
CA SER A 50 -26.28 43.93 -2.15
C SER A 50 -24.78 44.12 -1.75
N ILE A 51 -24.08 44.83 -2.70
CA ILE A 51 -22.65 45.15 -2.56
C ILE A 51 -22.30 46.59 -2.11
N ARG A 52 -23.19 47.56 -2.36
CA ARG A 52 -23.04 48.94 -1.84
C ARG A 52 -22.27 48.96 -0.51
N ASP A 53 -22.72 48.14 0.44
CA ASP A 53 -22.30 48.20 1.85
C ASP A 53 -21.40 47.04 2.31
N ALA A 54 -21.13 46.10 1.42
CA ALA A 54 -20.34 44.91 1.78
C ALA A 54 -18.86 45.22 1.94
N HIS A 55 -18.30 44.89 3.12
CA HIS A 55 -16.86 44.93 3.33
C HIS A 55 -16.08 43.85 2.52
N PHE A 56 -16.68 42.67 2.40
CA PHE A 56 -16.13 41.58 1.60
C PHE A 56 -17.17 41.01 0.65
N ILE A 57 -16.71 40.59 -0.53
CA ILE A 57 -17.51 39.79 -1.43
C ILE A 57 -16.77 38.49 -1.81
N GLY A 58 -17.52 37.39 -1.79
CA GLY A 58 -17.05 36.09 -2.22
C GLY A 58 -17.92 35.61 -3.38
N LEU A 59 -17.28 35.25 -4.49
CA LEU A 59 -17.98 34.89 -5.68
C LEU A 59 -17.40 33.63 -6.28
N ARG A 60 -18.01 33.17 -7.35
CA ARG A 60 -17.41 32.17 -8.16
C ARG A 60 -17.18 32.74 -9.56
N SER A 61 -17.32 31.92 -10.60
CA SER A 61 -16.74 32.22 -11.89
C SER A 61 -17.67 33.00 -12.77
N ARG A 62 -18.92 33.16 -12.35
CA ARG A 62 -19.93 33.79 -13.19
C ARG A 62 -20.31 35.20 -12.78
N THR A 63 -20.04 35.59 -11.54
CA THR A 63 -20.20 36.99 -11.12
C THR A 63 -19.07 37.78 -11.76
N HIS A 64 -19.40 38.93 -12.35
CA HIS A 64 -18.47 39.73 -13.17
C HIS A 64 -18.24 41.11 -12.55
N LEU A 65 -17.20 41.23 -11.73
CA LEU A 65 -16.87 42.49 -11.04
C LEU A 65 -16.03 43.39 -11.93
N THR A 66 -16.73 44.18 -12.71
CA THR A 66 -16.07 45.10 -13.63
C THR A 66 -15.60 46.30 -12.88
N GLU A 67 -14.82 47.10 -13.59
CA GLU A 67 -14.37 48.39 -13.15
C GLU A 67 -15.46 49.12 -12.31
N ASP A 68 -16.65 49.27 -12.94
CA ASP A 68 -17.78 50.06 -12.37
C ASP A 68 -18.56 49.37 -11.24
N VAL A 69 -18.69 48.06 -11.24
CA VAL A 69 -19.28 47.40 -10.10
C VAL A 69 -18.42 47.73 -8.90
N ILE A 70 -17.10 47.74 -9.11
CA ILE A 70 -16.17 47.96 -8.00
C ILE A 70 -16.32 49.38 -7.45
N ASN A 71 -16.23 50.40 -8.30
CA ASN A 71 -16.47 51.77 -7.90
C ASN A 71 -17.64 51.95 -6.94
N ALA A 72 -18.77 51.33 -7.29
CA ALA A 72 -20.01 51.52 -6.54
C ALA A 72 -19.93 51.06 -5.07
N ALA A 73 -19.11 50.05 -4.76
CA ALA A 73 -19.03 49.50 -3.40
C ALA A 73 -18.16 50.37 -2.52
N GLU A 74 -18.75 51.22 -1.68
CA GLU A 74 -17.95 52.09 -0.83
C GLU A 74 -17.24 51.40 0.30
N LYS A 75 -17.85 50.37 0.88
CA LYS A 75 -17.23 49.70 2.03
C LYS A 75 -16.21 48.64 1.66
N LEU A 76 -16.12 48.27 0.37
CA LEU A 76 -15.41 47.05 -0.06
C LEU A 76 -13.89 47.05 0.21
N VAL A 77 -13.46 45.97 0.86
CA VAL A 77 -12.14 45.83 1.47
C VAL A 77 -11.31 44.75 0.76
N ALA A 78 -11.90 43.56 0.60
CA ALA A 78 -11.28 42.53 -0.23
C ALA A 78 -12.29 41.65 -0.97
N ILE A 79 -11.78 40.97 -1.99
CA ILE A 79 -12.53 40.06 -2.85
C ILE A 79 -11.98 38.63 -2.76
N GLY A 80 -12.86 37.66 -2.56
CA GLY A 80 -12.49 36.26 -2.60
C GLY A 80 -13.18 35.52 -3.75
N CYS A 81 -12.38 35.07 -4.71
CA CYS A 81 -12.85 34.15 -5.72
C CYS A 81 -12.79 32.74 -5.13
N PHE A 82 -13.96 32.23 -4.75
CA PHE A 82 -14.14 30.86 -4.25
C PHE A 82 -14.08 29.86 -5.42
N CYS A 83 -12.91 29.82 -6.05
CA CYS A 83 -12.68 29.11 -7.32
C CYS A 83 -11.24 29.41 -7.72
N ILE A 84 -10.81 28.79 -8.81
CA ILE A 84 -9.45 28.97 -9.31
C ILE A 84 -9.27 30.25 -10.14
N GLY A 85 -10.19 30.48 -11.07
CA GLY A 85 -10.07 31.56 -12.03
C GLY A 85 -10.37 32.92 -11.44
N THR A 86 -9.77 33.96 -12.01
CA THR A 86 -10.00 35.34 -11.57
C THR A 86 -10.31 36.36 -12.69
N ASN A 87 -10.37 35.91 -13.94
CA ASN A 87 -10.78 36.77 -15.07
C ASN A 87 -12.06 37.55 -14.89
N GLN A 88 -12.98 36.98 -14.12
CA GLN A 88 -14.28 37.60 -13.92
C GLN A 88 -14.17 38.91 -13.13
N VAL A 89 -13.06 39.08 -12.41
CA VAL A 89 -12.75 40.30 -11.65
C VAL A 89 -11.72 41.20 -12.34
N ASP A 90 -12.01 42.50 -12.40
CA ASP A 90 -11.05 43.46 -12.92
C ASP A 90 -10.01 43.72 -11.85
N LEU A 91 -8.86 43.09 -12.02
CA LEU A 91 -7.86 43.06 -10.99
C LEU A 91 -7.17 44.39 -10.81
N ASP A 92 -6.93 45.11 -11.92
CA ASP A 92 -6.28 46.44 -11.84
C ASP A 92 -7.15 47.44 -11.13
N ALA A 93 -8.45 47.34 -11.39
CA ALA A 93 -9.44 48.23 -10.80
C ALA A 93 -9.52 48.03 -9.30
N ALA A 94 -9.48 46.78 -8.84
CA ALA A 94 -9.48 46.49 -7.41
C ALA A 94 -8.18 46.96 -6.73
N ALA A 95 -7.05 46.67 -7.37
CA ALA A 95 -5.72 47.05 -6.87
C ALA A 95 -5.60 48.58 -6.72
N LYS A 96 -5.96 49.32 -7.77
CA LYS A 96 -6.01 50.76 -7.69
C LYS A 96 -6.76 51.26 -6.45
N ARG A 97 -7.71 50.49 -5.92
CA ARG A 97 -8.46 50.92 -4.73
C ARG A 97 -8.05 50.27 -3.42
N GLY A 98 -6.98 49.47 -3.44
CA GLY A 98 -6.44 48.89 -2.23
C GLY A 98 -7.24 47.70 -1.84
N ILE A 99 -7.83 47.06 -2.87
CA ILE A 99 -8.71 45.90 -2.69
C ILE A 99 -8.00 44.65 -3.22
N PRO A 100 -7.42 43.86 -2.30
CA PRO A 100 -6.84 42.57 -2.70
C PRO A 100 -7.87 41.54 -3.18
N VAL A 101 -7.45 40.76 -4.17
CA VAL A 101 -8.21 39.60 -4.66
C VAL A 101 -7.47 38.31 -4.32
N PHE A 102 -8.19 37.43 -3.65
CA PHE A 102 -7.71 36.11 -3.33
C PHE A 102 -8.47 35.06 -4.15
N ASN A 103 -7.85 33.91 -4.35
CA ASN A 103 -8.53 32.76 -4.94
C ASN A 103 -8.09 31.46 -4.30
N ALA A 104 -8.49 30.33 -4.89
CA ALA A 104 -8.08 28.99 -4.45
C ALA A 104 -7.45 28.20 -5.58
N PRO A 105 -6.16 28.40 -5.82
CA PRO A 105 -5.58 27.76 -7.00
C PRO A 105 -5.34 26.24 -6.88
N PHE A 106 -5.21 25.71 -5.66
CA PHE A 106 -4.75 24.35 -5.44
C PHE A 106 -5.65 23.55 -4.51
N SER A 107 -6.98 23.83 -4.50
N SER A 107 -6.95 23.83 -4.54
CA SER A 107 -7.89 23.05 -3.61
CA SER A 107 -7.95 23.17 -3.69
C SER A 107 -8.68 21.97 -4.40
C SER A 107 -8.67 21.96 -4.40
N ASN A 108 -8.36 21.75 -5.69
CA ASN A 108 -9.12 20.85 -6.59
C ASN A 108 -8.35 19.57 -6.94
N THR A 109 -7.23 19.38 -6.24
CA THR A 109 -6.18 18.43 -6.66
C THR A 109 -6.64 16.95 -6.82
N ARG A 110 -7.22 16.40 -5.77
CA ARG A 110 -7.76 15.06 -5.76
C ARG A 110 -8.92 14.85 -6.75
N SER A 111 -9.79 15.82 -6.91
CA SER A 111 -10.91 15.67 -7.83
C SER A 111 -10.41 15.48 -9.25
N VAL A 112 -9.36 16.19 -9.63
CA VAL A 112 -8.87 16.10 -11.01
C VAL A 112 -8.15 14.77 -11.23
N ALA A 113 -7.35 14.39 -10.25
CA ALA A 113 -6.62 13.12 -10.29
C ALA A 113 -7.58 11.92 -10.47
N GLU A 114 -8.62 11.86 -9.64
CA GLU A 114 -9.62 10.81 -9.76
C GLU A 114 -10.32 10.85 -11.09
N LEU A 115 -10.61 12.03 -11.63
CA LEU A 115 -11.20 12.09 -12.95
C LEU A 115 -10.31 11.45 -14.00
N VAL A 116 -9.03 11.79 -14.04
CA VAL A 116 -8.15 11.24 -15.06
C VAL A 116 -8.12 9.69 -14.98
N ILE A 117 -8.14 9.17 -13.75
CA ILE A 117 -8.11 7.76 -13.50
C ILE A 117 -9.35 7.04 -14.02
N GLY A 118 -10.53 7.54 -13.69
CA GLY A 118 -11.75 6.96 -14.20
C GLY A 118 -11.77 6.98 -15.72
N GLU A 119 -11.43 8.14 -16.28
CA GLU A 119 -11.48 8.30 -17.70
C GLU A 119 -10.52 7.39 -18.45
N LEU A 120 -9.28 7.22 -17.95
CA LEU A 120 -8.30 6.41 -18.69
C LEU A 120 -8.66 4.97 -18.58
N LEU A 121 -9.20 4.58 -17.45
CA LEU A 121 -9.73 3.23 -17.30
C LEU A 121 -10.77 2.93 -18.37
N LEU A 122 -11.77 3.78 -18.50
CA LEU A 122 -12.78 3.50 -19.51
C LEU A 122 -12.29 3.66 -20.95
N LEU A 123 -11.40 4.61 -21.18
CA LEU A 123 -10.85 4.82 -22.52
C LEU A 123 -10.07 3.62 -23.04
N LEU A 124 -9.21 3.06 -22.20
CA LEU A 124 -8.42 1.85 -22.53
C LEU A 124 -9.29 0.66 -22.92
N ARG A 125 -10.52 0.66 -22.42
CA ARG A 125 -11.50 -0.37 -22.67
C ARG A 125 -12.47 -0.09 -23.80
N GLY A 126 -12.38 1.09 -24.40
CA GLY A 126 -13.30 1.47 -25.46
C GLY A 126 -14.73 1.67 -24.98
N VAL A 127 -14.89 1.95 -23.69
CA VAL A 127 -16.23 2.07 -23.09
C VAL A 127 -17.02 3.28 -23.61
N PRO A 128 -16.37 4.45 -23.72
CA PRO A 128 -17.11 5.55 -24.33
C PRO A 128 -17.78 5.26 -25.71
N GLU A 129 -17.05 4.67 -26.65
CA GLU A 129 -17.62 4.39 -27.97
C GLU A 129 -18.74 3.36 -27.86
N ALA A 130 -18.58 2.41 -26.93
CA ALA A 130 -19.54 1.33 -26.77
C ALA A 130 -20.84 1.79 -26.12
N ASN A 131 -20.72 2.63 -25.10
CA ASN A 131 -21.85 3.33 -24.48
C ASN A 131 -22.58 4.20 -25.50
N ALA A 132 -21.83 4.91 -26.33
CA ALA A 132 -22.45 5.78 -27.30
C ALA A 132 -23.22 4.95 -28.29
N LYS A 133 -22.59 3.92 -28.83
CA LYS A 133 -23.26 2.97 -29.74
C LYS A 133 -24.47 2.29 -29.05
N ALA A 134 -24.29 1.86 -27.81
CA ALA A 134 -25.34 1.16 -27.12
C ALA A 134 -26.57 1.98 -26.97
N HIS A 135 -26.39 3.25 -26.60
CA HIS A 135 -27.57 4.10 -26.42
C HIS A 135 -28.28 4.35 -27.74
N ARG A 136 -27.56 4.27 -28.87
CA ARG A 136 -28.26 4.26 -30.16
C ARG A 136 -28.55 2.86 -30.70
N GLY A 137 -28.66 1.87 -29.81
CA GLY A 137 -29.13 0.54 -30.22
C GLY A 137 -28.15 -0.34 -30.96
N VAL A 138 -26.86 -0.02 -30.86
CA VAL A 138 -25.82 -0.77 -31.56
C VAL A 138 -24.95 -1.52 -30.55
N TRP A 139 -24.82 -2.85 -30.78
CA TRP A 139 -24.07 -3.74 -29.89
C TRP A 139 -22.68 -3.98 -30.48
N ASN A 140 -21.66 -3.68 -29.69
CA ASN A 140 -20.31 -3.78 -30.20
C ASN A 140 -19.37 -4.45 -29.18
N LYS A 141 -19.64 -5.73 -28.94
CA LYS A 141 -18.89 -6.56 -28.00
C LYS A 141 -17.62 -7.07 -28.66
N LEU A 142 -16.49 -6.79 -28.03
CA LEU A 142 -15.21 -7.29 -28.51
C LEU A 142 -14.14 -7.11 -27.45
N ALA A 143 -13.11 -7.90 -27.57
CA ALA A 143 -11.98 -7.85 -26.66
C ALA A 143 -10.78 -7.19 -27.35
N ALA A 144 -10.75 -7.26 -28.67
CA ALA A 144 -9.62 -6.85 -29.47
C ALA A 144 -9.40 -5.39 -29.22
N GLY A 145 -8.18 -5.03 -28.82
CA GLY A 145 -7.85 -3.62 -28.57
C GLY A 145 -8.26 -3.01 -27.24
N SER A 146 -8.92 -3.77 -26.34
CA SER A 146 -9.30 -3.34 -24.98
C SER A 146 -8.32 -3.83 -23.98
N PHE A 147 -8.04 -3.02 -22.96
CA PHE A 147 -6.93 -3.31 -22.07
C PHE A 147 -7.17 -2.92 -20.63
N GLU A 148 -6.65 -3.73 -19.73
CA GLU A 148 -6.56 -3.34 -18.36
C GLU A 148 -5.51 -2.22 -18.24
N ALA A 149 -5.69 -1.36 -17.24
CA ALA A 149 -4.73 -0.29 -16.87
C ALA A 149 -3.53 -0.81 -16.10
N ARG A 150 -3.72 -1.86 -15.34
CA ARG A 150 -2.64 -2.44 -14.59
C ARG A 150 -1.54 -2.93 -15.53
N GLY A 151 -0.31 -2.52 -15.25
CA GLY A 151 0.80 -2.83 -16.15
C GLY A 151 1.11 -1.83 -17.25
N LYS A 152 0.23 -0.86 -17.47
CA LYS A 152 0.43 0.14 -18.50
C LYS A 152 1.21 1.33 -17.96
N LYS A 153 1.71 2.12 -18.89
CA LYS A 153 2.59 3.23 -18.57
C LYS A 153 1.78 4.53 -18.69
N LEU A 154 1.69 5.27 -17.57
CA LEU A 154 1.13 6.62 -17.57
C LEU A 154 2.26 7.64 -17.67
N GLY A 155 2.12 8.51 -18.67
CA GLY A 155 3.04 9.64 -18.88
C GLY A 155 2.37 10.93 -18.47
N ILE A 156 2.87 11.50 -17.38
CA ILE A 156 2.32 12.72 -16.78
C ILE A 156 3.18 13.89 -17.21
N ILE A 157 2.57 14.84 -17.90
CA ILE A 157 3.28 16.04 -18.29
C ILE A 157 2.98 17.14 -17.27
N GLY A 158 3.99 17.58 -16.55
CA GLY A 158 3.78 18.51 -15.48
C GLY A 158 3.49 17.78 -14.19
N TYR A 159 4.54 17.60 -13.40
CA TYR A 159 4.51 16.82 -12.18
C TYR A 159 4.37 17.79 -11.00
N GLY A 160 3.21 18.40 -10.89
CA GLY A 160 2.96 19.37 -9.80
C GLY A 160 1.97 18.87 -8.75
N HIS A 161 1.12 19.74 -8.27
CA HIS A 161 0.15 19.34 -7.26
C HIS A 161 -0.69 18.18 -7.79
N ILE A 162 -1.19 18.33 -8.99
CA ILE A 162 -2.11 17.32 -9.51
C ILE A 162 -1.35 16.15 -10.09
N GLY A 163 -0.35 16.44 -10.90
CA GLY A 163 0.43 15.36 -11.52
C GLY A 163 0.90 14.37 -10.46
N THR A 164 1.46 14.93 -9.40
CA THR A 164 1.97 14.19 -8.30
C THR A 164 0.91 13.27 -7.71
N GLN A 165 -0.25 13.81 -7.42
CA GLN A 165 -1.32 13.06 -6.81
C GLN A 165 -1.85 11.99 -7.77
N LEU A 166 -2.01 12.36 -9.04
CA LEU A 166 -2.37 11.41 -10.09
C LEU A 166 -1.42 10.22 -10.10
N GLY A 167 -0.12 10.49 -10.08
CA GLY A 167 0.86 9.40 -10.14
C GLY A 167 0.73 8.40 -9.02
N ILE A 168 0.51 8.90 -7.81
CA ILE A 168 0.26 8.07 -6.65
C ILE A 168 -0.97 7.19 -6.81
N LEU A 169 -2.08 7.77 -7.22
CA LEU A 169 -3.25 7.00 -7.58
C LEU A 169 -3.01 5.89 -8.61
N ALA A 170 -2.30 6.25 -9.69
CA ALA A 170 -2.03 5.36 -10.79
C ALA A 170 -1.26 4.13 -10.31
N GLU A 171 -0.25 4.36 -9.48
CA GLU A 171 0.55 3.31 -8.89
C GLU A 171 -0.21 2.38 -7.97
N SER A 172 -1.14 2.92 -7.18
CA SER A 172 -2.12 2.11 -6.41
C SER A 172 -2.87 1.11 -7.28
N LEU A 173 -3.15 1.51 -8.53
CA LEU A 173 -3.77 0.64 -9.52
C LEU A 173 -2.83 -0.22 -10.34
N GLY A 174 -1.53 -0.14 -10.05
CA GLY A 174 -0.55 -1.03 -10.64
C GLY A 174 -0.10 -0.55 -11.99
N TYR A 176 2.49 1.90 -14.19
CA TYR A 176 3.85 2.48 -14.11
C TYR A 176 3.81 3.94 -14.49
N VAL A 177 4.43 4.76 -13.66
CA VAL A 177 4.29 6.20 -13.78
C VAL A 177 5.59 6.87 -14.17
N TYR A 178 5.53 7.59 -15.28
CA TYR A 178 6.64 8.44 -15.75
C TYR A 178 6.17 9.88 -15.85
N PHE A 179 7.08 10.82 -15.62
CA PHE A 179 6.72 12.20 -15.76
C PHE A 179 7.77 13.00 -16.47
N TYR A 180 7.27 14.04 -17.13
CA TYR A 180 8.10 15.06 -17.74
C TYR A 180 7.73 16.40 -17.14
N ASP A 181 8.74 17.15 -16.73
CA ASP A 181 8.50 18.49 -16.20
C ASP A 181 9.69 19.32 -16.61
N ILE A 182 9.49 20.63 -16.73
CA ILE A 182 10.59 21.54 -17.06
C ILE A 182 11.59 21.74 -15.91
N GLU A 183 11.13 21.44 -14.69
CA GLU A 183 11.98 21.40 -13.51
C GLU A 183 12.35 19.96 -13.15
N ASN A 184 13.46 19.80 -12.44
CA ASN A 184 13.77 18.54 -11.82
C ASN A 184 12.92 18.44 -10.59
N LYS A 185 12.08 17.41 -10.51
CA LYS A 185 11.21 17.18 -9.36
C LYS A 185 11.63 15.90 -8.66
N LEU A 186 11.35 15.83 -7.36
CA LEU A 186 11.53 14.59 -6.60
C LEU A 186 10.36 13.65 -6.83
N PRO A 187 10.61 12.48 -7.46
CA PRO A 187 9.54 11.53 -7.70
C PRO A 187 9.02 10.99 -6.39
N LEU A 188 7.72 10.73 -6.36
CA LEU A 188 7.07 10.04 -5.25
C LEU A 188 6.81 8.58 -5.64
N GLY A 189 6.93 7.66 -4.70
CA GLY A 189 6.75 6.24 -5.02
C GLY A 189 7.74 5.79 -6.08
N ASN A 190 7.32 4.95 -7.02
CA ASN A 190 8.24 4.54 -8.07
C ASN A 190 8.01 5.29 -9.37
N ALA A 191 7.65 6.56 -9.22
CA ALA A 191 7.50 7.43 -10.36
C ALA A 191 8.90 7.73 -10.92
N THR A 192 8.98 7.96 -12.22
CA THR A 192 10.27 8.19 -12.86
C THR A 192 10.25 9.42 -13.74
N GLN A 193 11.21 10.32 -13.53
CA GLN A 193 11.32 11.50 -14.39
C GLN A 193 11.98 11.13 -15.69
N VAL A 194 11.43 11.61 -16.79
CA VAL A 194 11.98 11.42 -18.12
C VAL A 194 12.55 12.79 -18.56
N GLN A 195 13.82 12.82 -18.95
CA GLN A 195 14.50 14.07 -19.30
C GLN A 195 13.89 14.76 -20.52
N HIS A 196 13.62 13.95 -21.55
CA HIS A 196 13.06 14.39 -22.83
C HIS A 196 11.60 14.03 -23.05
N LEU A 197 10.82 14.97 -23.54
CA LEU A 197 9.42 14.71 -23.70
C LEU A 197 9.16 13.72 -24.84
N SER A 198 10.01 13.75 -25.86
CA SER A 198 9.89 12.79 -26.94
C SER A 198 9.92 11.36 -26.40
N ASP A 199 10.85 11.07 -25.50
CA ASP A 199 10.88 9.76 -24.85
C ASP A 199 9.59 9.43 -24.08
N LEU A 200 9.15 10.35 -23.23
CA LEU A 200 7.89 10.15 -22.51
C LEU A 200 6.77 9.81 -23.47
N LEU A 201 6.70 10.52 -24.58
CA LEU A 201 5.58 10.35 -25.46
C LEU A 201 5.63 8.98 -26.14
N ASN A 202 6.80 8.56 -26.58
CA ASN A 202 6.98 7.22 -27.14
C ASN A 202 6.53 6.10 -26.22
N SER A 204 4.57 5.98 -23.34
CA SER A 204 3.33 6.04 -22.56
C SER A 204 2.13 5.44 -23.31
N ASP A 205 1.29 4.74 -22.57
CA ASP A 205 0.04 4.20 -23.07
C ASP A 205 -1.07 5.21 -22.92
N VAL A 206 -0.97 5.99 -21.84
CA VAL A 206 -1.82 7.13 -21.59
C VAL A 206 -0.96 8.35 -21.24
N VAL A 207 -1.23 9.47 -21.91
CA VAL A 207 -0.55 10.74 -21.60
C VAL A 207 -1.58 11.68 -21.02
N SER A 208 -1.30 12.25 -19.83
CA SER A 208 -2.18 13.23 -19.18
C SER A 208 -1.42 14.52 -18.87
N LEU A 209 -2.07 15.64 -19.18
CA LEU A 209 -1.47 16.96 -19.05
C LEU A 209 -1.85 17.68 -17.77
N HIS A 210 -0.83 18.17 -17.04
CA HIS A 210 -1.06 18.90 -15.78
C HIS A 210 -0.19 20.13 -15.57
N VAL A 211 -0.29 21.02 -16.55
CA VAL A 211 0.59 22.15 -16.77
C VAL A 211 -0.13 23.52 -16.64
N PRO A 212 0.67 24.60 -16.50
CA PRO A 212 0.07 25.93 -16.47
C PRO A 212 -0.30 26.48 -17.86
N GLU A 213 -0.93 27.65 -17.86
CA GLU A 213 -1.25 28.31 -19.11
C GLU A 213 -0.19 29.36 -19.31
N ASN A 214 0.63 29.19 -20.32
CA ASN A 214 1.58 30.23 -20.67
C ASN A 214 2.21 29.93 -22.02
N PRO A 215 3.01 30.89 -22.52
CA PRO A 215 3.75 30.65 -23.74
C PRO A 215 4.32 29.25 -23.87
N SER A 216 5.00 28.74 -22.85
CA SER A 216 5.67 27.42 -22.96
C SER A 216 4.70 26.25 -23.16
N THR A 217 3.45 26.42 -22.76
CA THR A 217 2.49 25.35 -22.83
C THR A 217 1.44 25.55 -23.93
N LYS A 218 1.35 26.75 -24.49
CA LYS A 218 0.40 27.01 -25.58
C LYS A 218 0.61 26.08 -26.81
N ASN A 219 -0.41 25.31 -27.16
CA ASN A 219 -0.30 24.21 -28.17
C ASN A 219 1.00 23.37 -28.11
N GLY A 222 1.03 19.55 -30.16
CA GLY A 222 0.67 19.79 -31.55
C GLY A 222 0.77 18.49 -32.30
N ALA A 223 0.77 18.60 -33.63
CA ALA A 223 0.82 17.44 -34.50
C ALA A 223 2.12 16.63 -34.32
N LYS A 224 3.24 17.32 -34.19
CA LYS A 224 4.51 16.65 -33.94
C LYS A 224 4.45 15.83 -32.66
N GLU A 225 3.89 16.38 -31.59
CA GLU A 225 3.95 15.70 -30.31
C GLU A 225 2.96 14.54 -30.28
N ILE A 226 1.81 14.79 -30.88
CA ILE A 226 0.80 13.78 -30.98
C ILE A 226 1.30 12.58 -31.80
N SER A 227 2.10 12.82 -32.82
CA SER A 227 2.59 11.69 -33.63
C SER A 227 3.80 11.00 -32.97
N LEU A 228 4.45 11.64 -31.99
CA LEU A 228 5.48 10.97 -31.19
C LEU A 228 4.87 9.98 -30.20
N LYS A 230 2.71 6.88 -28.71
CA LYS A 230 2.63 5.46 -29.05
C LYS A 230 1.34 5.13 -29.81
N PRO A 231 1.43 4.34 -30.91
CA PRO A 231 0.18 3.92 -31.60
C PRO A 231 -0.84 3.36 -30.67
N GLY A 232 -2.10 3.69 -30.95
CA GLY A 232 -3.20 3.29 -30.08
C GLY A 232 -3.19 3.85 -28.68
N SER A 233 -2.39 4.89 -28.42
CA SER A 233 -2.37 5.50 -27.08
C SER A 233 -3.54 6.47 -26.91
N LEU A 234 -3.55 7.15 -25.76
CA LEU A 234 -4.70 7.94 -25.29
C LEU A 234 -4.23 9.22 -24.68
N LEU A 235 -4.86 10.31 -25.07
CA LEU A 235 -4.52 11.65 -24.54
C LEU A 235 -5.61 12.22 -23.65
N ILE A 236 -5.19 12.76 -22.51
CA ILE A 236 -6.08 13.31 -21.56
C ILE A 236 -5.65 14.74 -21.19
N ASN A 237 -6.52 15.73 -21.49
CA ASN A 237 -6.32 17.11 -21.08
C ASN A 237 -7.42 17.68 -20.17
N ALA A 238 -7.03 17.83 -18.91
CA ALA A 238 -7.81 18.52 -17.90
C ALA A 238 -6.94 19.58 -17.23
N SER A 239 -5.95 20.10 -17.96
CA SER A 239 -5.16 21.19 -17.45
C SER A 239 -5.80 22.51 -17.93
N ARG A 240 -5.45 22.91 -19.15
CA ARG A 240 -5.83 24.19 -19.76
C ARG A 240 -6.20 24.03 -21.23
N GLY A 241 -7.10 24.90 -21.68
CA GLY A 241 -7.74 24.78 -22.97
C GLY A 241 -6.91 25.16 -24.17
N THR A 242 -5.70 25.64 -23.92
CA THR A 242 -4.80 26.12 -24.97
C THR A 242 -3.60 25.20 -25.23
N VAL A 243 -3.57 24.08 -24.53
CA VAL A 243 -2.37 23.28 -24.45
C VAL A 243 -2.32 22.24 -25.58
N VAL A 244 -3.50 21.85 -26.07
CA VAL A 244 -3.62 20.90 -27.17
C VAL A 244 -4.15 21.60 -28.43
N ASP A 245 -3.46 21.36 -29.54
CA ASP A 245 -3.94 21.64 -30.88
C ASP A 245 -5.09 20.65 -31.15
N ILE A 246 -6.32 21.11 -30.97
CA ILE A 246 -7.48 20.22 -31.04
C ILE A 246 -7.65 19.68 -32.44
N PRO A 247 -7.55 20.52 -33.48
CA PRO A 247 -7.59 19.94 -34.83
C PRO A 247 -6.55 18.85 -35.10
N ALA A 248 -5.36 19.02 -34.60
CA ALA A 248 -4.34 18.01 -34.79
C ALA A 248 -4.80 16.73 -34.10
N LEU A 249 -5.31 16.87 -32.87
CA LEU A 249 -5.87 15.74 -32.13
C LEU A 249 -6.99 15.06 -32.91
N CYS A 250 -7.85 15.84 -33.55
CA CYS A 250 -8.92 15.25 -34.33
C CYS A 250 -8.36 14.41 -35.47
N ASP A 251 -7.31 14.89 -36.10
CA ASP A 251 -6.66 14.12 -37.16
C ASP A 251 -6.04 12.82 -36.68
N ALA A 252 -5.39 12.86 -35.50
CA ALA A 252 -4.84 11.67 -34.91
C ALA A 252 -5.95 10.67 -34.59
N LEU A 253 -7.09 11.15 -34.10
CA LEU A 253 -8.21 10.26 -33.78
C LEU A 253 -8.79 9.62 -35.03
N ALA A 254 -8.87 10.43 -36.08
CA ALA A 254 -9.46 10.00 -37.33
C ALA A 254 -8.55 9.00 -38.03
N SER A 255 -7.24 9.21 -37.94
CA SER A 255 -6.28 8.28 -38.53
C SER A 255 -6.09 7.07 -37.63
N LYS A 256 -6.82 6.99 -36.52
CA LYS A 256 -6.62 5.95 -35.51
C LYS A 256 -5.20 5.84 -34.91
N HIS A 257 -4.38 6.87 -35.05
CA HIS A 257 -3.05 6.83 -34.42
C HIS A 257 -3.21 6.79 -32.91
N LEU A 258 -4.17 7.55 -32.42
CA LEU A 258 -4.63 7.46 -31.03
C LEU A 258 -5.95 6.72 -30.98
N ALA A 259 -6.21 6.06 -29.86
CA ALA A 259 -7.43 5.27 -29.76
C ALA A 259 -8.57 5.99 -29.02
N GLY A 260 -8.32 7.21 -28.54
CA GLY A 260 -9.29 7.93 -27.72
C GLY A 260 -8.67 9.09 -26.99
N ALA A 261 -9.53 9.95 -26.42
CA ALA A 261 -9.10 11.07 -25.61
C ALA A 261 -10.15 11.46 -24.60
N ALA A 262 -9.74 12.18 -23.57
CA ALA A 262 -10.67 12.82 -22.67
C ALA A 262 -10.19 14.25 -22.51
N ILE A 263 -11.06 15.17 -22.88
CA ILE A 263 -10.77 16.62 -22.90
C ILE A 263 -11.82 17.35 -22.05
N ASP A 264 -11.33 18.04 -21.02
CA ASP A 264 -12.18 18.72 -20.04
C ASP A 264 -12.14 20.20 -20.21
N VAL A 265 -11.17 20.68 -20.99
CA VAL A 265 -10.96 22.11 -21.20
C VAL A 265 -10.66 22.34 -22.68
N PHE A 266 -11.19 23.44 -23.20
CA PHE A 266 -11.16 23.77 -24.63
C PHE A 266 -10.75 25.22 -24.84
N PRO A 267 -10.25 25.55 -26.03
CA PRO A 267 -9.81 26.89 -26.37
C PRO A 267 -10.89 27.95 -26.09
N THR A 268 -12.13 27.58 -26.41
CA THR A 268 -13.29 28.38 -26.18
C THR A 268 -14.30 27.56 -25.41
N GLU A 269 -14.86 28.13 -24.36
CA GLU A 269 -15.84 27.48 -23.53
C GLU A 269 -17.07 28.35 -23.27
N PRO A 270 -18.28 27.73 -23.31
CA PRO A 270 -19.54 28.34 -22.89
C PRO A 270 -19.47 29.09 -21.58
N ALA A 271 -19.98 30.31 -21.58
CA ALA A 271 -19.98 31.15 -20.39
C ALA A 271 -20.97 30.66 -19.34
N THR A 272 -22.08 30.08 -19.78
CA THR A 272 -23.07 29.56 -18.85
C THR A 272 -23.49 28.24 -19.41
N ASN A 273 -24.26 27.49 -18.66
CA ASN A 273 -24.79 26.23 -19.18
C ASN A 273 -25.90 26.36 -20.23
N SER A 274 -26.43 27.57 -20.34
CA SER A 274 -27.41 27.90 -21.36
C SER A 274 -26.75 28.08 -22.74
N ASP A 275 -25.44 28.36 -22.76
CA ASP A 275 -24.75 28.65 -23.99
C ASP A 275 -24.30 27.38 -24.69
N PRO A 276 -24.54 27.29 -26.02
CA PRO A 276 -24.07 26.12 -26.74
C PRO A 276 -22.54 25.88 -26.83
N PHE A 277 -22.18 24.60 -26.85
CA PHE A 277 -20.83 24.13 -26.97
C PHE A 277 -20.62 23.48 -28.33
N THR A 278 -19.42 23.61 -28.88
CA THR A 278 -19.06 22.96 -30.12
C THR A 278 -17.56 22.72 -30.19
N SER A 279 -17.18 21.56 -30.68
CA SER A 279 -15.80 21.19 -30.84
C SER A 279 -15.79 20.21 -31.99
N PRO A 280 -14.76 20.26 -32.83
CA PRO A 280 -14.73 19.21 -33.83
C PRO A 280 -14.58 17.81 -33.18
N LEU A 281 -14.21 17.75 -31.93
CA LEU A 281 -14.18 16.51 -31.18
C LEU A 281 -15.53 15.87 -30.98
N CYS A 282 -16.61 16.63 -31.18
CA CYS A 282 -17.97 16.14 -30.91
C CYS A 282 -18.36 14.98 -31.78
N GLU A 283 -17.68 14.84 -32.92
CA GLU A 283 -18.06 13.80 -33.85
C GLU A 283 -17.51 12.42 -33.44
N PHE A 284 -16.59 12.38 -32.49
CA PHE A 284 -15.88 11.15 -32.07
C PHE A 284 -16.48 10.52 -30.81
N ASP A 285 -17.10 9.37 -30.99
CA ASP A 285 -17.62 8.63 -29.85
C ASP A 285 -16.54 8.06 -28.92
N ASN A 286 -15.33 7.87 -29.44
CA ASN A 286 -14.19 7.44 -28.62
C ASN A 286 -13.45 8.57 -27.88
N VAL A 287 -14.03 9.78 -27.91
CA VAL A 287 -13.58 10.91 -27.05
C VAL A 287 -14.59 11.19 -25.95
N LEU A 288 -14.11 11.31 -24.72
CA LEU A 288 -14.87 11.90 -23.62
C LEU A 288 -14.72 13.41 -23.53
N LEU A 289 -15.85 14.10 -23.67
CA LEU A 289 -15.91 15.54 -23.55
C LEU A 289 -16.59 15.88 -22.26
N THR A 290 -15.95 16.69 -21.43
CA THR A 290 -16.56 17.14 -20.21
C THR A 290 -16.48 18.65 -20.03
N PRO A 291 -17.52 19.24 -19.43
CA PRO A 291 -17.63 20.70 -19.32
C PRO A 291 -16.78 21.35 -18.22
N HIS A 292 -15.48 21.23 -18.31
CA HIS A 292 -14.60 21.90 -17.37
C HIS A 292 -14.95 21.55 -15.95
N ILE A 293 -15.14 20.26 -15.71
CA ILE A 293 -15.59 19.81 -14.40
C ILE A 293 -14.53 19.00 -13.65
N GLY A 294 -13.29 19.07 -14.11
CA GLY A 294 -12.20 18.37 -13.43
C GLY A 294 -12.13 18.63 -11.93
N GLY A 295 -12.44 19.85 -11.50
CA GLY A 295 -12.46 20.18 -10.08
C GLY A 295 -13.83 20.31 -9.45
N SER A 296 -14.89 19.99 -10.19
CA SER A 296 -16.27 20.22 -9.76
C SER A 296 -16.84 19.07 -8.96
N THR A 297 -16.44 18.99 -7.70
CA THR A 297 -17.03 18.07 -6.75
C THR A 297 -17.39 18.84 -5.52
N GLN A 298 -18.20 18.26 -4.66
CA GLN A 298 -18.49 18.89 -3.38
C GLN A 298 -17.27 18.94 -2.47
N GLU A 299 -16.35 18.00 -2.66
CA GLU A 299 -15.19 17.93 -1.76
C GLU A 299 -14.29 19.12 -2.05
N ALA A 300 -14.22 19.50 -3.33
CA ALA A 300 -13.41 20.61 -3.81
C ALA A 300 -14.03 21.91 -3.34
N GLN A 301 -15.33 22.08 -3.59
CA GLN A 301 -16.05 23.24 -3.03
C GLN A 301 -15.81 23.49 -1.55
N GLU A 302 -15.77 22.41 -0.80
CA GLU A 302 -15.55 22.45 0.62
C GLU A 302 -14.14 22.97 0.96
N ASN A 303 -13.13 22.49 0.23
CA ASN A 303 -11.72 22.89 0.43
C ASN A 303 -11.52 24.36 0.10
N ILE A 304 -12.26 24.78 -0.94
CA ILE A 304 -12.28 26.16 -1.40
C ILE A 304 -12.90 27.06 -0.34
N GLY A 305 -14.11 26.71 0.07
CA GLY A 305 -14.82 27.40 1.12
C GLY A 305 -13.90 27.71 2.28
N LEU A 306 -13.28 26.68 2.85
CA LEU A 306 -12.35 26.88 3.95
C LEU A 306 -11.16 27.74 3.57
N GLU A 307 -10.58 27.49 2.41
CA GLU A 307 -9.33 28.20 2.07
C GLU A 307 -9.52 29.69 1.88
N VAL A 308 -10.57 30.07 1.16
CA VAL A 308 -10.85 31.48 0.82
C VAL A 308 -11.56 32.22 1.96
N ALA A 309 -12.49 31.59 2.66
CA ALA A 309 -12.97 32.21 3.89
C ALA A 309 -11.76 32.54 4.75
N GLY A 310 -10.87 31.57 4.90
CA GLY A 310 -9.64 31.74 5.67
C GLY A 310 -8.80 32.91 5.24
N LYS A 311 -8.57 33.07 3.95
CA LYS A 311 -7.77 34.18 3.39
C LYS A 311 -8.36 35.56 3.73
N LEU A 312 -9.68 35.66 3.56
CA LEU A 312 -10.42 36.87 3.92
C LEU A 312 -10.43 37.14 5.44
N ILE A 313 -10.72 36.13 6.26
CA ILE A 313 -10.64 36.30 7.69
C ILE A 313 -9.25 36.85 8.11
N LYS A 314 -8.18 36.34 7.51
CA LYS A 314 -6.81 36.71 7.89
C LYS A 314 -6.45 38.10 7.41
N TYR A 315 -6.98 38.49 6.25
CA TYR A 315 -6.75 39.84 5.77
C TYR A 315 -7.43 40.80 6.72
N SER A 316 -8.67 40.47 7.06
CA SER A 316 -9.49 41.30 7.90
C SER A 316 -8.89 41.47 9.27
N ASP A 317 -8.47 40.35 9.87
CA ASP A 317 -7.99 40.36 11.25
C ASP A 317 -6.54 40.80 11.35
N ASN A 318 -5.66 40.32 10.48
CA ASN A 318 -4.25 40.67 10.64
C ASN A 318 -3.52 41.32 9.41
N GLY A 319 -4.27 41.56 8.32
CA GLY A 319 -3.73 42.32 7.19
C GLY A 319 -2.91 41.53 6.18
N SER A 320 -2.92 40.21 6.29
CA SER A 320 -2.15 39.37 5.43
C SER A 320 -2.73 39.38 4.03
N THR A 321 -1.87 39.64 3.05
CA THR A 321 -2.20 39.61 1.62
C THR A 321 -1.38 38.52 0.95
N LEU A 322 -0.97 37.56 1.75
CA LEU A 322 -0.27 36.44 1.22
C LEU A 322 -1.18 35.70 0.24
N SER A 323 -0.64 35.47 -0.96
CA SER A 323 -1.33 34.72 -2.02
C SER A 323 -2.22 35.61 -2.87
N ALA A 324 -2.25 36.89 -2.56
CA ALA A 324 -3.12 37.82 -3.25
C ALA A 324 -2.68 37.87 -4.69
N VAL A 325 -3.67 37.99 -5.55
CA VAL A 325 -3.48 37.83 -6.96
C VAL A 325 -3.12 39.14 -7.67
N ASN A 326 -3.42 40.28 -7.06
CA ASN A 326 -3.26 41.62 -7.69
C ASN A 326 -2.64 42.68 -6.75
N PHE A 327 -1.87 42.24 -5.77
CA PHE A 327 -1.48 43.07 -4.64
C PHE A 327 -0.15 42.68 -4.08
N PRO A 328 0.63 43.65 -3.57
CA PRO A 328 1.82 43.24 -2.85
C PRO A 328 1.50 42.27 -1.71
N GLU A 329 2.29 41.20 -1.64
CA GLU A 329 2.10 40.20 -0.61
C GLU A 329 2.86 40.54 0.66
N VAL A 330 2.10 40.64 1.73
CA VAL A 330 2.58 40.99 3.05
C VAL A 330 1.87 40.11 4.09
N SER A 331 2.64 39.64 5.05
CA SER A 331 2.17 38.88 6.18
C SER A 331 3.21 39.09 7.29
N LEU A 332 2.72 39.41 8.49
CA LEU A 332 3.57 39.44 9.70
C LEU A 332 3.05 38.55 10.82
N PRO A 333 3.93 37.78 11.46
CA PRO A 333 3.41 36.97 12.55
C PRO A 333 2.83 37.84 13.64
N LEU A 334 1.86 37.30 14.37
CA LEU A 334 1.16 38.03 15.39
C LEU A 334 1.95 37.93 16.68
N HIS A 335 2.54 39.04 17.11
CA HIS A 335 3.27 39.08 18.38
C HIS A 335 2.68 40.11 19.34
N GLY A 336 1.35 40.26 19.34
CA GLY A 336 0.69 41.19 20.27
C GLY A 336 1.01 42.62 19.90
N GLY A 337 0.77 43.54 20.82
CA GLY A 337 0.93 44.97 20.51
C GLY A 337 -0.18 45.43 19.60
N ARG A 338 -0.01 46.58 18.99
CA ARG A 338 -1.00 47.13 18.07
C ARG A 338 -0.54 46.94 16.65
N ARG A 339 -1.47 46.70 15.74
CA ARG A 339 -1.12 46.59 14.32
C ARG A 339 -1.88 47.56 13.44
N LEU A 340 -1.11 48.35 12.68
CA LEU A 340 -1.70 49.17 11.66
C LEU A 340 -1.23 48.76 10.26
N HIS A 342 -1.29 50.26 5.94
CA HIS A 342 -1.37 51.45 5.13
C HIS A 342 -1.18 51.08 3.67
N ILE A 343 -2.15 51.42 2.83
CA ILE A 343 -2.08 51.11 1.41
C ILE A 343 -1.92 52.46 0.71
N HIS A 344 -1.01 52.50 -0.26
CA HIS A 344 -0.73 53.75 -0.92
C HIS A 344 -0.14 53.71 -2.31
N GLU A 345 -0.41 54.80 -3.00
CA GLU A 345 0.41 55.19 -4.12
C GLU A 345 1.85 55.42 -3.62
N ASN A 346 2.82 55.04 -4.44
CA ASN A 346 4.24 55.20 -4.17
C ASN A 346 4.76 56.57 -4.51
N ARG A 347 4.33 57.50 -3.69
CA ARG A 347 4.73 58.89 -3.82
C ARG A 347 5.96 59.10 -3.02
N PRO A 348 6.74 60.12 -3.39
CA PRO A 348 7.96 60.28 -2.64
C PRO A 348 7.63 60.58 -1.19
N GLY A 349 8.38 59.99 -0.28
CA GLY A 349 8.26 60.34 1.14
C GLY A 349 7.10 59.79 1.95
N VAL A 350 6.38 58.81 1.43
CA VAL A 350 5.33 58.15 2.19
C VAL A 350 5.89 57.42 3.38
N LEU A 351 7.05 56.79 3.17
CA LEU A 351 7.59 55.86 4.15
C LEU A 351 8.24 56.65 5.26
N THR A 352 9.04 57.61 4.81
CA THR A 352 9.55 58.70 5.60
C THR A 352 8.50 59.31 6.52
N ALA A 353 7.33 59.58 5.95
CA ALA A 353 6.24 60.23 6.66
C ALA A 353 5.67 59.31 7.72
N LEU A 354 5.58 58.05 7.35
CA LEU A 354 5.10 56.99 8.24
C LEU A 354 5.92 56.78 9.49
N ASN A 355 7.24 56.65 9.31
CA ASN A 355 8.11 56.34 10.44
C ASN A 355 8.40 57.64 11.21
N LYS A 356 8.24 58.79 10.56
CA LYS A 356 8.28 60.06 11.28
C LYS A 356 7.12 60.14 12.31
N ILE A 357 5.94 59.66 11.96
CA ILE A 357 4.82 59.75 12.89
C ILE A 357 5.12 59.11 14.22
N PHE A 358 5.71 57.93 14.19
CA PHE A 358 5.92 57.15 15.41
C PHE A 358 7.11 57.65 16.15
N ALA A 359 8.19 57.79 15.39
CA ALA A 359 9.47 58.09 15.95
C ALA A 359 9.39 59.48 16.56
N GLU A 360 8.93 60.48 15.80
CA GLU A 360 8.83 61.84 16.35
C GLU A 360 8.09 61.83 17.68
N GLN A 361 7.14 60.91 17.78
CA GLN A 361 6.23 60.92 18.89
C GLN A 361 6.38 59.67 19.82
N GLY A 362 7.62 59.42 20.28
CA GLY A 362 7.97 58.38 21.27
C GLY A 362 8.13 56.92 20.84
N VAL A 363 7.30 56.51 19.87
CA VAL A 363 6.85 55.11 19.67
C VAL A 363 7.82 54.12 19.01
N ASN A 364 8.03 53.01 19.71
CA ASN A 364 8.86 51.93 19.22
C ASN A 364 8.07 51.11 18.20
N ILE A 365 8.71 50.88 17.07
CA ILE A 365 8.21 49.96 16.07
C ILE A 365 8.81 48.56 16.27
N ALA A 366 7.91 47.61 16.49
CA ALA A 366 8.26 46.23 16.79
C ALA A 366 8.52 45.41 15.52
N ALA A 367 7.78 45.72 14.46
CA ALA A 367 7.94 45.03 13.19
C ALA A 367 7.31 45.84 12.07
N GLN A 368 7.90 45.75 10.90
CA GLN A 368 7.37 46.44 9.74
C GLN A 368 7.60 45.64 8.50
N TYR A 369 6.57 45.48 7.68
CA TYR A 369 6.74 44.76 6.41
C TYR A 369 6.07 45.56 5.30
N LEU A 370 6.89 46.09 4.39
CA LEU A 370 6.45 46.82 3.20
C LEU A 370 6.79 46.01 1.96
N GLN A 371 5.86 46.03 1.01
CA GLN A 371 6.08 45.44 -0.32
C GLN A 371 5.36 46.33 -1.32
N THR A 372 5.93 46.40 -2.51
CA THR A 372 5.41 47.28 -3.54
C THR A 372 5.23 46.54 -4.84
N SER A 373 4.44 47.16 -5.69
CA SER A 373 4.25 46.68 -7.03
C SER A 373 3.95 47.82 -7.95
N ALA A 374 4.95 48.24 -8.74
CA ALA A 374 4.82 49.37 -9.66
C ALA A 374 4.47 50.58 -8.78
N GLN A 375 3.35 51.26 -9.00
CA GLN A 375 3.02 52.40 -8.15
C GLN A 375 2.10 52.09 -6.95
N GLY A 377 1.86 50.46 -3.09
CA GLY A 377 2.65 50.06 -1.93
C GLY A 377 1.75 49.64 -0.78
N TYR A 378 2.18 48.65 0.01
CA TYR A 378 1.42 48.16 1.16
C TYR A 378 2.39 47.84 2.25
N VAL A 379 2.12 48.38 3.42
CA VAL A 379 2.94 48.19 4.59
C VAL A 379 2.04 47.93 5.80
N VAL A 380 2.50 46.92 6.55
CA VAL A 380 1.92 46.52 7.84
C VAL A 380 2.99 46.79 8.91
N ILE A 381 2.55 47.44 10.00
CA ILE A 381 3.41 47.89 11.09
C ILE A 381 2.86 47.50 12.45
N ASP A 382 3.73 46.91 13.28
CA ASP A 382 3.43 46.62 14.69
C ASP A 382 4.14 47.61 15.60
N ILE A 383 3.37 48.16 16.53
CA ILE A 383 3.89 49.15 17.45
C ILE A 383 3.58 48.81 18.91
N GLU A 384 4.48 49.23 19.77
CA GLU A 384 4.31 49.10 21.19
C GLU A 384 3.76 50.43 21.63
N ALA A 385 2.45 50.51 21.83
CA ALA A 385 1.81 51.78 22.18
C ALA A 385 0.44 51.64 22.82
N ASP A 386 0.08 52.65 23.61
CA ASP A 386 -1.30 52.85 24.07
C ASP A 386 -2.32 52.71 22.96
N GLU A 387 -3.56 52.54 23.39
CA GLU A 387 -4.69 52.54 22.49
C GLU A 387 -4.88 53.91 21.84
N ASP A 388 -4.94 54.97 22.64
CA ASP A 388 -5.22 56.28 22.05
C ASP A 388 -4.07 56.80 21.21
N VAL A 389 -2.85 56.39 21.53
CA VAL A 389 -1.68 56.75 20.72
C VAL A 389 -1.80 56.11 19.34
N ALA A 390 -2.20 54.86 19.31
CA ALA A 390 -2.42 54.19 18.03
C ALA A 390 -3.53 54.83 17.21
N GLU A 391 -4.67 55.11 17.85
CA GLU A 391 -5.81 55.75 17.19
C GLU A 391 -5.40 57.12 16.60
N LYS A 392 -4.54 57.86 17.30
CA LYS A 392 -4.01 59.13 16.80
C LYS A 392 -3.04 58.92 15.65
N ALA A 393 -2.16 57.94 15.76
CA ALA A 393 -1.25 57.61 14.65
C ALA A 393 -2.01 57.27 13.39
N LEU A 394 -3.10 56.51 13.54
CA LEU A 394 -3.94 56.18 12.42
C LEU A 394 -4.44 57.45 11.74
N GLN A 395 -5.03 58.38 12.48
CA GLN A 395 -5.55 59.57 11.84
C GLN A 395 -4.48 60.29 11.04
N ALA A 396 -3.29 60.39 11.59
CA ALA A 396 -2.15 61.02 10.92
C ALA A 396 -1.82 60.32 9.60
N LYS A 398 -3.71 58.45 7.66
CA LYS A 398 -4.77 58.58 6.66
C LYS A 398 -4.60 59.86 5.82
N ALA A 399 -3.91 60.84 6.40
CA ALA A 399 -3.65 62.12 5.78
C ALA A 399 -2.39 62.19 4.91
N ILE A 400 -1.53 61.18 4.96
CA ILE A 400 -0.33 61.23 4.12
C ILE A 400 -0.75 61.22 2.67
N PRO A 401 -0.25 62.17 1.88
CA PRO A 401 -0.63 62.17 0.47
C PRO A 401 -0.17 60.94 -0.28
N GLY A 402 -1.09 60.46 -1.12
CA GLY A 402 -0.99 59.16 -1.76
C GLY A 402 -1.68 58.01 -1.04
N THR A 403 -2.17 58.26 0.19
CA THR A 403 -2.81 57.22 1.00
C THR A 403 -4.11 56.81 0.34
N ILE A 404 -4.28 55.50 0.20
CA ILE A 404 -5.47 54.89 -0.37
C ILE A 404 -6.35 54.37 0.76
N ARG A 405 -5.72 53.72 1.73
CA ARG A 405 -6.44 53.11 2.83
C ARG A 405 -5.48 52.93 3.95
N ALA A 406 -5.94 53.24 5.14
CA ALA A 406 -5.25 52.82 6.34
C ALA A 406 -6.26 52.41 7.40
N ARG A 407 -5.81 51.50 8.24
CA ARG A 407 -6.70 50.76 9.12
C ARG A 407 -5.91 50.43 10.41
N LEU A 408 -6.56 50.45 11.57
CA LEU A 408 -5.97 49.92 12.79
C LEU A 408 -6.53 48.53 13.00
N LEU A 409 -5.72 47.49 12.84
CA LEU A 409 -6.22 46.12 12.87
C LEU A 409 -6.44 45.61 14.28
N TYR A 410 -5.48 45.83 15.15
CA TYR A 410 -5.67 45.45 16.54
C TYR A 410 -4.85 46.26 17.54
N SER B 5 6.44 -37.25 -28.82
CA SER B 5 6.26 -36.06 -29.64
C SER B 5 6.23 -36.42 -31.15
N LEU B 6 6.76 -37.62 -31.51
CA LEU B 6 6.57 -38.11 -32.91
C LEU B 6 5.29 -38.95 -32.83
N GLU B 7 4.56 -38.74 -31.70
CA GLU B 7 3.15 -39.07 -31.55
C GLU B 7 2.35 -37.80 -31.31
N LYS B 8 2.84 -36.91 -30.45
CA LYS B 8 2.10 -35.67 -30.07
C LYS B 8 1.94 -34.71 -31.24
N ASP B 9 2.92 -34.70 -32.14
CA ASP B 9 2.82 -33.88 -33.33
C ASP B 9 1.76 -34.37 -34.34
N LYS B 10 1.04 -35.43 -34.05
CA LYS B 10 -0.03 -35.88 -34.93
C LYS B 10 -1.41 -35.69 -34.29
N ILE B 11 -1.40 -35.08 -33.12
CA ILE B 11 -2.59 -34.78 -32.42
C ILE B 11 -2.98 -33.40 -32.90
N LYS B 12 -3.97 -33.34 -33.78
CA LYS B 12 -4.44 -32.06 -34.26
C LYS B 12 -5.22 -31.24 -33.24
N PHE B 13 -4.80 -29.99 -33.09
CA PHE B 13 -5.57 -29.00 -32.36
C PHE B 13 -6.18 -28.02 -33.34
N LEU B 14 -7.51 -27.90 -33.31
CA LEU B 14 -8.23 -26.86 -34.04
C LEU B 14 -8.61 -25.73 -33.10
N LEU B 15 -8.07 -24.55 -33.37
CA LEU B 15 -8.41 -23.39 -32.59
C LEU B 15 -9.08 -22.36 -33.48
N VAL B 16 -10.23 -21.92 -33.02
CA VAL B 16 -11.03 -20.98 -33.78
C VAL B 16 -11.35 -19.74 -32.96
N GLU B 17 -11.79 -18.74 -33.69
CA GLU B 17 -12.24 -17.48 -33.11
C GLU B 17 -11.14 -16.69 -32.44
N GLY B 18 -9.89 -16.94 -32.82
CA GLY B 18 -8.77 -16.08 -32.50
C GLY B 18 -8.46 -16.03 -31.05
N VAL B 19 -8.39 -17.19 -30.43
CA VAL B 19 -7.96 -17.26 -29.04
C VAL B 19 -6.57 -16.65 -28.96
N HIS B 20 -6.17 -16.32 -27.74
CA HIS B 20 -4.91 -15.64 -27.51
C HIS B 20 -3.67 -16.49 -27.80
N GLN B 21 -2.61 -15.84 -28.23
CA GLN B 21 -1.43 -16.53 -28.64
C GLN B 21 -0.80 -17.38 -27.55
N LYS B 22 -0.86 -16.93 -26.31
CA LYS B 22 -0.43 -17.76 -25.20
C LYS B 22 -1.08 -19.14 -25.22
N ALA B 23 -2.34 -19.26 -25.65
CA ALA B 23 -2.94 -20.59 -25.81
C ALA B 23 -1.99 -21.51 -26.62
N LEU B 24 -1.54 -21.01 -27.77
CA LEU B 24 -0.73 -21.74 -28.70
C LEU B 24 0.69 -21.94 -28.19
N GLU B 25 1.29 -20.93 -27.57
CA GLU B 25 2.61 -21.05 -26.94
C GLU B 25 2.62 -22.17 -25.89
N SER B 26 1.57 -22.26 -25.09
CA SER B 26 1.37 -23.36 -24.14
C SER B 26 1.37 -24.74 -24.82
N LEU B 27 0.51 -24.86 -25.83
CA LEU B 27 0.41 -26.09 -26.57
C LEU B 27 1.77 -26.51 -27.05
N ARG B 28 2.47 -25.60 -27.71
CA ARG B 28 3.72 -25.99 -28.32
C ARG B 28 4.76 -26.34 -27.31
N ALA B 29 4.74 -25.66 -26.19
CA ALA B 29 5.71 -25.90 -25.14
C ALA B 29 5.55 -27.30 -24.58
N ALA B 30 4.29 -27.75 -24.57
CA ALA B 30 3.91 -29.05 -24.07
C ALA B 30 4.13 -30.13 -25.14
N GLY B 31 4.70 -29.77 -26.29
CA GLY B 31 4.98 -30.71 -27.38
C GLY B 31 3.88 -30.85 -28.43
N TYR B 32 2.77 -30.15 -28.23
CA TYR B 32 1.65 -30.21 -29.16
C TYR B 32 1.76 -29.10 -30.19
N THR B 33 2.40 -29.41 -31.32
CA THR B 33 2.72 -28.43 -32.32
C THR B 33 1.85 -28.51 -33.58
N ASN B 34 0.88 -29.40 -33.59
CA ASN B 34 0.01 -29.53 -34.75
C ASN B 34 -1.23 -28.69 -34.54
N ILE B 35 -1.16 -27.42 -34.94
CA ILE B 35 -2.21 -26.44 -34.60
C ILE B 35 -2.74 -25.72 -35.81
N GLU B 36 -4.04 -25.89 -36.04
CA GLU B 36 -4.74 -25.20 -37.14
C GLU B 36 -5.52 -24.07 -36.51
N PHE B 37 -5.11 -22.86 -36.79
CA PHE B 37 -5.59 -21.68 -36.09
C PHE B 37 -6.38 -20.73 -37.01
N HIS B 38 -7.58 -20.38 -36.55
CA HIS B 38 -8.44 -19.44 -37.22
C HIS B 38 -8.78 -18.27 -36.34
N LYS B 39 -8.77 -17.10 -36.97
CA LYS B 39 -9.07 -15.83 -36.29
C LYS B 39 -10.55 -15.65 -36.12
N GLY B 40 -11.31 -16.20 -37.06
CA GLY B 40 -12.74 -16.11 -36.97
C GLY B 40 -13.44 -17.38 -36.54
N ALA B 41 -14.76 -17.34 -36.63
CA ALA B 41 -15.60 -18.54 -36.56
C ALA B 41 -15.77 -19.15 -37.97
N LEU B 42 -15.99 -20.46 -38.06
CA LEU B 42 -16.04 -21.14 -39.36
C LEU B 42 -17.46 -21.38 -39.89
N ASP B 43 -17.70 -21.20 -41.19
CA ASP B 43 -18.99 -21.57 -41.76
C ASP B 43 -19.24 -23.07 -41.45
N ASP B 44 -20.35 -23.65 -41.90
CA ASP B 44 -20.61 -25.02 -41.51
C ASP B 44 -19.76 -26.05 -42.26
N GLU B 45 -19.78 -25.95 -43.58
N GLU B 45 -19.78 -25.90 -43.59
CA GLU B 45 -19.03 -26.88 -44.41
CA GLU B 45 -19.00 -26.71 -44.53
C GLU B 45 -17.54 -26.55 -44.43
C GLU B 45 -17.58 -26.89 -44.02
N GLN B 46 -17.04 -25.84 -43.40
CA GLN B 46 -15.61 -25.74 -43.15
C GLN B 46 -15.29 -26.01 -41.70
N LEU B 47 -16.26 -25.82 -40.81
CA LEU B 47 -16.15 -26.37 -39.48
C LEU B 47 -16.13 -27.90 -39.61
N LYS B 48 -17.06 -28.45 -40.39
CA LYS B 48 -17.12 -29.90 -40.60
C LYS B 48 -15.79 -30.42 -41.14
N GLU B 49 -15.25 -29.71 -42.11
CA GLU B 49 -13.98 -30.03 -42.71
C GLU B 49 -12.83 -30.02 -41.71
N SER B 50 -12.56 -28.87 -41.10
CA SER B 50 -11.48 -28.69 -40.12
C SER B 50 -11.58 -29.58 -38.89
N ILE B 51 -12.79 -29.91 -38.43
CA ILE B 51 -12.93 -30.66 -37.20
C ILE B 51 -12.95 -32.20 -37.39
N ARG B 52 -12.97 -32.68 -38.64
CA ARG B 52 -13.20 -34.11 -38.91
C ARG B 52 -12.12 -35.00 -38.29
N ASP B 53 -10.89 -34.49 -38.30
CA ASP B 53 -9.69 -35.21 -37.85
C ASP B 53 -9.04 -34.52 -36.64
N ALA B 54 -9.75 -33.56 -36.04
CA ALA B 54 -9.18 -32.82 -34.94
C ALA B 54 -9.34 -33.64 -33.68
N HIS B 55 -8.27 -33.80 -32.92
CA HIS B 55 -8.35 -34.49 -31.63
C HIS B 55 -8.84 -33.54 -30.58
N PHE B 56 -8.53 -32.26 -30.74
CA PHE B 56 -8.99 -31.21 -29.79
C PHE B 56 -9.52 -29.98 -30.51
N ILE B 57 -10.55 -29.35 -29.95
CA ILE B 57 -10.99 -28.04 -30.44
C ILE B 57 -11.08 -27.05 -29.31
N GLY B 58 -10.56 -25.86 -29.58
CA GLY B 58 -10.68 -24.69 -28.69
C GLY B 58 -11.53 -23.67 -29.41
N LEU B 59 -12.52 -23.15 -28.73
CA LEU B 59 -13.46 -22.20 -29.33
C LEU B 59 -13.85 -21.15 -28.32
N ARG B 60 -14.63 -20.19 -28.80
CA ARG B 60 -15.17 -19.11 -27.96
C ARG B 60 -16.68 -19.14 -28.09
N SER B 61 -17.35 -18.00 -28.00
CA SER B 61 -18.80 -18.04 -27.80
C SER B 61 -19.59 -18.31 -29.05
N ARG B 62 -18.99 -18.18 -30.21
CA ARG B 62 -19.77 -18.14 -31.45
C ARG B 62 -19.82 -19.46 -32.21
N THR B 63 -19.00 -20.43 -31.82
CA THR B 63 -18.98 -21.70 -32.52
C THR B 63 -20.02 -22.60 -31.87
N HIS B 64 -21.00 -23.06 -32.64
CA HIS B 64 -22.00 -23.96 -32.08
C HIS B 64 -21.66 -25.42 -32.34
N LEU B 65 -21.18 -26.09 -31.29
CA LEU B 65 -20.96 -27.54 -31.33
C LEU B 65 -22.24 -28.27 -30.95
N THR B 66 -23.06 -28.47 -31.97
CA THR B 66 -24.27 -29.21 -31.85
C THR B 66 -23.94 -30.70 -31.81
N GLU B 67 -24.97 -31.47 -31.46
CA GLU B 67 -24.87 -32.91 -31.47
C GLU B 67 -24.38 -33.40 -32.83
N ASP B 68 -24.97 -32.89 -33.90
CA ASP B 68 -24.54 -33.25 -35.22
C ASP B 68 -23.08 -32.94 -35.47
N VAL B 69 -22.58 -31.80 -35.02
CA VAL B 69 -21.17 -31.45 -35.26
C VAL B 69 -20.31 -32.43 -34.51
N ILE B 70 -20.64 -32.63 -33.25
CA ILE B 70 -19.89 -33.52 -32.35
C ILE B 70 -19.88 -34.95 -32.84
N ASN B 71 -21.01 -35.48 -33.30
CA ASN B 71 -21.02 -36.86 -33.75
C ASN B 71 -20.32 -37.08 -35.09
N ALA B 72 -20.11 -36.04 -35.89
CA ALA B 72 -19.36 -36.16 -37.18
C ALA B 72 -17.87 -35.92 -37.02
N ALA B 73 -17.45 -35.42 -35.86
CA ALA B 73 -16.05 -35.27 -35.54
C ALA B 73 -15.49 -36.58 -35.00
N GLU B 74 -14.91 -37.38 -35.89
CA GLU B 74 -14.47 -38.76 -35.61
C GLU B 74 -13.40 -38.92 -34.47
N LYS B 75 -12.39 -38.05 -34.48
CA LYS B 75 -11.20 -38.12 -33.60
C LYS B 75 -11.25 -37.30 -32.30
N LEU B 76 -12.39 -36.73 -31.98
CA LEU B 76 -12.43 -35.69 -30.99
C LEU B 76 -12.29 -36.19 -29.58
N VAL B 77 -11.27 -35.69 -28.90
CA VAL B 77 -10.89 -36.14 -27.58
C VAL B 77 -11.44 -35.24 -26.47
N ALA B 78 -11.26 -33.93 -26.61
CA ALA B 78 -11.76 -32.93 -25.64
C ALA B 78 -12.10 -31.57 -26.28
N ILE B 79 -12.83 -30.75 -25.55
CA ILE B 79 -13.29 -29.48 -26.05
C ILE B 79 -12.97 -28.44 -25.00
N GLY B 80 -12.34 -27.36 -25.46
CA GLY B 80 -12.05 -26.19 -24.64
C GLY B 80 -12.83 -24.96 -25.08
N CYS B 81 -13.64 -24.47 -24.17
CA CYS B 81 -14.26 -23.17 -24.31
C CYS B 81 -13.32 -22.12 -23.74
N PHE B 82 -12.71 -21.36 -24.64
CA PHE B 82 -11.78 -20.32 -24.24
C PHE B 82 -12.60 -19.11 -23.92
N CYS B 83 -13.42 -19.27 -22.89
CA CYS B 83 -14.42 -18.29 -22.50
C CYS B 83 -15.17 -18.81 -21.28
N ILE B 84 -16.03 -18.01 -20.67
CA ILE B 84 -16.80 -18.46 -19.52
C ILE B 84 -17.90 -19.39 -19.94
N GLY B 85 -18.63 -19.06 -21.00
CA GLY B 85 -19.84 -19.80 -21.35
C GLY B 85 -19.55 -21.13 -22.00
N THR B 86 -20.48 -22.07 -21.81
CA THR B 86 -20.51 -23.38 -22.48
C THR B 86 -21.84 -23.68 -23.17
N ASN B 87 -22.78 -22.74 -23.16
CA ASN B 87 -24.05 -22.87 -23.85
C ASN B 87 -23.91 -23.17 -25.32
N GLN B 88 -22.82 -22.72 -25.94
CA GLN B 88 -22.58 -22.96 -27.37
C GLN B 88 -22.26 -24.43 -27.73
N VAL B 89 -22.01 -25.23 -26.70
CA VAL B 89 -21.63 -26.62 -26.85
C VAL B 89 -22.70 -27.56 -26.25
N ASP B 90 -23.04 -28.63 -26.99
CA ASP B 90 -23.95 -29.68 -26.47
C ASP B 90 -23.17 -30.60 -25.51
N LEU B 91 -23.30 -30.34 -24.23
CA LEU B 91 -22.49 -31.02 -23.23
C LEU B 91 -22.86 -32.48 -23.08
N ASP B 92 -24.12 -32.82 -23.30
CA ASP B 92 -24.53 -34.23 -23.18
C ASP B 92 -24.05 -35.04 -24.36
N ALA B 93 -24.16 -34.46 -25.54
CA ALA B 93 -23.71 -35.13 -26.73
C ALA B 93 -22.20 -35.39 -26.62
N ALA B 94 -21.47 -34.43 -26.03
CA ALA B 94 -20.04 -34.58 -25.80
C ALA B 94 -19.78 -35.68 -24.78
N ALA B 95 -20.46 -35.60 -23.64
CA ALA B 95 -20.37 -36.62 -22.61
C ALA B 95 -20.59 -38.04 -23.15
N LYS B 96 -21.71 -38.22 -23.85
CA LYS B 96 -22.07 -39.55 -24.40
C LYS B 96 -20.98 -40.15 -25.29
N ARG B 97 -20.18 -39.30 -25.90
CA ARG B 97 -19.05 -39.71 -26.72
C ARG B 97 -17.72 -39.70 -25.89
N GLY B 98 -17.81 -39.65 -24.57
CA GLY B 98 -16.61 -39.59 -23.75
C GLY B 98 -15.66 -38.41 -24.02
N ILE B 99 -16.26 -37.24 -24.23
CA ILE B 99 -15.52 -36.04 -24.57
C ILE B 99 -15.76 -35.00 -23.50
N PRO B 100 -14.72 -34.69 -22.70
CA PRO B 100 -14.85 -33.69 -21.66
C PRO B 100 -14.86 -32.29 -22.22
N VAL B 101 -15.57 -31.40 -21.53
CA VAL B 101 -15.62 -29.98 -21.88
C VAL B 101 -15.05 -29.14 -20.73
N PHE B 102 -14.09 -28.28 -21.06
CA PHE B 102 -13.46 -27.35 -20.14
C PHE B 102 -13.78 -25.91 -20.57
N ASN B 103 -13.67 -25.00 -19.61
CA ASN B 103 -13.85 -23.57 -19.83
C ASN B 103 -12.98 -22.83 -18.85
N ALA B 104 -13.11 -21.51 -18.84
CA ALA B 104 -12.39 -20.64 -17.93
C ALA B 104 -13.38 -19.80 -17.16
N PRO B 105 -13.82 -20.26 -15.98
CA PRO B 105 -14.85 -19.49 -15.31
C PRO B 105 -14.34 -18.26 -14.51
N PHE B 106 -13.07 -18.23 -14.13
CA PHE B 106 -12.50 -17.16 -13.31
C PHE B 106 -11.17 -16.60 -13.84
N SER B 107 -11.04 -16.43 -15.14
CA SER B 107 -9.86 -15.76 -15.68
C SER B 107 -10.07 -14.24 -15.92
N ASN B 108 -11.32 -13.78 -15.79
CA ASN B 108 -11.68 -12.39 -16.10
C ASN B 108 -11.75 -11.44 -14.87
N THR B 109 -11.37 -11.88 -13.66
CA THR B 109 -11.61 -11.05 -12.43
C THR B 109 -11.04 -9.59 -12.39
N ARG B 110 -9.77 -9.34 -12.73
CA ARG B 110 -9.21 -7.97 -12.68
C ARG B 110 -9.93 -7.02 -13.67
N SER B 111 -10.23 -7.54 -14.84
CA SER B 111 -10.97 -6.81 -15.86
C SER B 111 -12.33 -6.37 -15.35
N VAL B 112 -13.11 -7.26 -14.75
CA VAL B 112 -14.44 -6.82 -14.30
C VAL B 112 -14.31 -5.81 -13.17
N ALA B 113 -13.37 -6.04 -12.27
CA ALA B 113 -13.12 -5.15 -11.14
C ALA B 113 -12.70 -3.75 -11.56
N GLU B 114 -11.72 -3.66 -12.45
CA GLU B 114 -11.29 -2.38 -13.04
C GLU B 114 -12.44 -1.66 -13.75
N LEU B 115 -13.27 -2.35 -14.53
CA LEU B 115 -14.42 -1.69 -15.14
C LEU B 115 -15.30 -0.99 -14.10
N VAL B 116 -15.64 -1.69 -13.06
CA VAL B 116 -16.54 -1.17 -12.04
C VAL B 116 -15.95 0.11 -11.41
N ILE B 117 -14.66 0.08 -11.09
CA ILE B 117 -13.97 1.20 -10.48
C ILE B 117 -13.98 2.40 -11.41
N GLY B 118 -13.69 2.21 -12.69
CA GLY B 118 -13.73 3.29 -13.66
C GLY B 118 -15.14 3.84 -13.79
N GLU B 119 -16.12 2.95 -13.80
CA GLU B 119 -17.50 3.31 -13.97
C GLU B 119 -18.03 4.09 -12.76
N LEU B 120 -17.78 3.59 -11.56
CA LEU B 120 -18.24 4.31 -10.38
C LEU B 120 -17.50 5.66 -10.23
N LEU B 121 -16.23 5.76 -10.66
CA LEU B 121 -15.54 7.05 -10.60
C LEU B 121 -16.34 8.09 -11.39
N LEU B 122 -16.82 7.69 -12.57
CA LEU B 122 -17.40 8.67 -13.48
C LEU B 122 -18.85 8.90 -13.19
N LEU B 123 -19.51 7.82 -12.75
CA LEU B 123 -20.90 7.95 -12.37
C LEU B 123 -21.06 8.92 -11.23
N LEU B 124 -20.20 8.83 -10.21
CA LEU B 124 -20.24 9.72 -9.04
C LEU B 124 -20.10 11.22 -9.37
N ARG B 125 -19.48 11.46 -10.53
CA ARG B 125 -19.12 12.75 -11.04
C ARG B 125 -20.03 13.21 -12.18
N GLY B 126 -21.07 12.46 -12.48
CA GLY B 126 -22.04 12.88 -13.46
C GLY B 126 -21.50 12.91 -14.87
N VAL B 127 -20.37 12.26 -15.09
CA VAL B 127 -19.70 12.38 -16.39
C VAL B 127 -20.40 11.75 -17.59
N PRO B 128 -21.02 10.58 -17.40
CA PRO B 128 -21.75 10.02 -18.55
C PRO B 128 -22.84 10.97 -19.12
N GLU B 129 -23.60 11.61 -18.23
CA GLU B 129 -24.62 12.58 -18.64
C GLU B 129 -23.98 13.74 -19.37
N ALA B 130 -22.92 14.27 -18.77
CA ALA B 130 -22.19 15.43 -19.28
C ALA B 130 -21.56 15.16 -20.65
N ASN B 131 -20.92 14.01 -20.78
CA ASN B 131 -20.35 13.58 -22.06
C ASN B 131 -21.41 13.47 -23.15
N ALA B 132 -22.58 12.96 -22.80
CA ALA B 132 -23.58 12.73 -23.79
C ALA B 132 -24.06 14.09 -24.23
N LYS B 133 -24.34 14.95 -23.26
CA LYS B 133 -24.79 16.32 -23.51
C LYS B 133 -23.80 17.05 -24.37
N ALA B 134 -22.54 17.06 -23.95
CA ALA B 134 -21.47 17.74 -24.69
C ALA B 134 -21.37 17.36 -26.17
N HIS B 135 -21.46 16.09 -26.47
CA HIS B 135 -21.45 15.66 -27.88
C HIS B 135 -22.65 16.21 -28.68
N ARG B 136 -23.73 16.55 -27.97
CA ARG B 136 -24.91 17.21 -28.55
C ARG B 136 -24.89 18.76 -28.45
N GLY B 137 -23.81 19.32 -27.90
CA GLY B 137 -23.62 20.76 -27.79
C GLY B 137 -24.18 21.39 -26.55
N VAL B 138 -24.54 20.56 -25.58
CA VAL B 138 -25.04 21.03 -24.29
C VAL B 138 -23.92 20.92 -23.28
N TRP B 139 -23.72 22.01 -22.56
CA TRP B 139 -22.69 22.17 -21.56
C TRP B 139 -23.34 22.19 -20.17
N ASN B 140 -22.92 21.27 -19.33
CA ASN B 140 -23.56 21.07 -18.05
C ASN B 140 -22.53 21.08 -16.91
N LYS B 141 -21.87 22.23 -16.73
CA LYS B 141 -20.84 22.41 -15.70
C LYS B 141 -21.49 22.67 -14.36
N LEU B 142 -21.33 21.73 -13.44
CA LEU B 142 -21.79 21.91 -12.08
C LEU B 142 -21.06 20.99 -11.09
N ALA B 143 -21.03 21.41 -9.82
CA ALA B 143 -20.46 20.66 -8.72
C ALA B 143 -21.52 20.02 -7.87
N ALA B 144 -22.70 20.59 -7.83
CA ALA B 144 -23.81 20.00 -7.10
C ALA B 144 -24.03 18.55 -7.55
N GLY B 145 -24.03 17.65 -6.58
CA GLY B 145 -24.27 16.26 -6.83
C GLY B 145 -23.07 15.44 -7.22
N SER B 146 -21.94 16.10 -7.50
CA SER B 146 -20.71 15.45 -7.89
C SER B 146 -19.82 15.18 -6.69
N PHE B 147 -19.24 13.97 -6.70
CA PHE B 147 -18.45 13.46 -5.56
C PHE B 147 -17.18 12.74 -5.98
N GLU B 148 -16.13 12.95 -5.20
CA GLU B 148 -14.92 12.09 -5.19
C GLU B 148 -15.25 10.70 -4.59
N ALA B 149 -14.65 9.66 -5.12
CA ALA B 149 -14.95 8.33 -4.58
C ALA B 149 -14.30 8.15 -3.21
N ARG B 150 -13.22 8.88 -2.97
CA ARG B 150 -12.51 8.76 -1.70
C ARG B 150 -13.44 9.12 -0.54
N GLY B 151 -13.53 8.20 0.41
CA GLY B 151 -14.33 8.41 1.62
C GLY B 151 -15.75 7.86 1.49
N LYS B 152 -16.12 7.40 0.31
CA LYS B 152 -17.45 6.87 0.06
C LYS B 152 -17.48 5.36 0.36
N LYS B 153 -18.70 4.86 0.62
CA LYS B 153 -18.95 3.47 0.93
C LYS B 153 -19.32 2.72 -0.37
N LEU B 154 -18.55 1.68 -0.65
CA LEU B 154 -18.90 0.71 -1.68
C LEU B 154 -19.50 -0.53 -0.99
N GLY B 155 -20.71 -0.88 -1.42
CA GLY B 155 -21.36 -2.11 -1.01
C GLY B 155 -21.33 -3.15 -2.11
N ILE B 156 -20.70 -4.27 -1.80
CA ILE B 156 -20.49 -5.35 -2.74
C ILE B 156 -21.40 -6.49 -2.37
N ILE B 157 -22.24 -6.90 -3.33
CA ILE B 157 -23.08 -8.09 -3.18
C ILE B 157 -22.46 -9.25 -3.98
N GLY B 158 -21.94 -10.22 -3.24
CA GLY B 158 -21.16 -11.29 -3.80
C GLY B 158 -19.68 -11.05 -3.63
N TYR B 159 -19.16 -11.51 -2.50
CA TYR B 159 -17.76 -11.35 -2.14
C TYR B 159 -16.98 -12.64 -2.53
N GLY B 160 -16.94 -12.89 -3.84
CA GLY B 160 -16.27 -14.04 -4.42
C GLY B 160 -14.99 -13.58 -5.07
N HIS B 161 -14.66 -14.19 -6.19
CA HIS B 161 -13.45 -13.88 -6.95
C HIS B 161 -13.32 -12.40 -7.26
N ILE B 162 -14.34 -11.89 -7.95
CA ILE B 162 -14.40 -10.54 -8.43
C ILE B 162 -14.70 -9.56 -7.29
N GLY B 163 -15.70 -9.90 -6.46
CA GLY B 163 -16.12 -9.00 -5.36
C GLY B 163 -14.96 -8.66 -4.45
N THR B 164 -14.21 -9.68 -4.10
CA THR B 164 -12.97 -9.55 -3.37
C THR B 164 -11.94 -8.60 -4.00
N GLN B 165 -11.62 -8.84 -5.26
CA GLN B 165 -10.62 -8.06 -5.96
C GLN B 165 -11.09 -6.59 -6.08
N LEU B 166 -12.36 -6.42 -6.43
CA LEU B 166 -13.00 -5.10 -6.44
C LEU B 166 -12.86 -4.33 -5.13
N GLY B 167 -13.15 -4.98 -3.99
CA GLY B 167 -12.97 -4.33 -2.70
C GLY B 167 -11.53 -3.92 -2.41
N ILE B 168 -10.58 -4.74 -2.84
CA ILE B 168 -9.15 -4.40 -2.72
C ILE B 168 -8.78 -3.10 -3.45
N LEU B 169 -9.21 -3.00 -4.72
CA LEU B 169 -9.00 -1.81 -5.55
C LEU B 169 -9.69 -0.60 -4.94
N ALA B 170 -10.98 -0.73 -4.64
CA ALA B 170 -11.72 0.34 -3.97
C ALA B 170 -11.02 0.90 -2.72
N GLU B 171 -10.47 0.00 -1.91
CA GLU B 171 -9.75 0.38 -0.71
C GLU B 171 -8.50 1.16 -1.04
N SER B 172 -7.77 0.72 -2.07
CA SER B 172 -6.68 1.52 -2.67
C SER B 172 -7.01 2.95 -3.04
N LEU B 173 -8.24 3.19 -3.43
CA LEU B 173 -8.74 4.53 -3.72
C LEU B 173 -9.33 5.23 -2.53
N GLY B 174 -9.18 4.65 -1.33
CA GLY B 174 -9.69 5.28 -0.11
C GLY B 174 -11.19 5.19 0.07
N TYR B 176 -14.49 3.02 1.50
CA TYR B 176 -14.78 2.10 2.59
C TYR B 176 -15.57 0.94 2.03
N VAL B 177 -15.13 -0.27 2.32
CA VAL B 177 -15.71 -1.42 1.63
C VAL B 177 -16.55 -2.29 2.57
N TYR B 178 -17.76 -2.60 2.10
CA TYR B 178 -18.66 -3.54 2.78
C TYR B 178 -19.18 -4.58 1.80
N PHE B 179 -19.46 -5.78 2.31
CA PHE B 179 -20.05 -6.80 1.48
C PHE B 179 -21.19 -7.60 2.15
N TYR B 180 -22.21 -7.91 1.36
CA TYR B 180 -23.16 -8.91 1.69
C TYR B 180 -22.92 -10.16 0.85
N ASP B 181 -22.81 -11.30 1.51
CA ASP B 181 -22.74 -12.59 0.85
C ASP B 181 -23.55 -13.59 1.67
N ILE B 182 -24.22 -14.52 0.98
CA ILE B 182 -25.06 -15.52 1.67
C ILE B 182 -24.25 -16.47 2.55
N GLU B 183 -22.98 -16.59 2.20
CA GLU B 183 -22.01 -17.32 2.97
C GLU B 183 -21.17 -16.32 3.71
N ASN B 184 -20.60 -16.78 4.80
CA ASN B 184 -19.78 -15.97 5.63
C ASN B 184 -18.35 -16.08 5.12
N LYS B 185 -17.76 -14.96 4.73
CA LYS B 185 -16.42 -14.94 4.16
C LYS B 185 -15.51 -14.16 5.07
N LEU B 186 -14.23 -14.54 5.06
CA LEU B 186 -13.19 -13.74 5.70
C LEU B 186 -12.97 -12.48 4.87
N PRO B 187 -13.04 -11.30 5.50
CA PRO B 187 -12.79 -10.05 4.78
C PRO B 187 -11.30 -9.88 4.45
N LEU B 188 -11.01 -9.12 3.39
CA LEU B 188 -9.64 -8.78 3.04
C LEU B 188 -9.37 -7.32 3.30
N GLY B 189 -8.21 -7.03 3.88
CA GLY B 189 -7.93 -5.66 4.29
C GLY B 189 -8.99 -5.24 5.28
N ASN B 190 -9.55 -4.04 5.11
CA ASN B 190 -10.60 -3.52 6.00
C ASN B 190 -12.03 -3.67 5.47
N ALA B 191 -12.24 -4.64 4.59
CA ALA B 191 -13.60 -4.90 4.16
C ALA B 191 -14.42 -5.34 5.39
N THR B 192 -15.74 -5.08 5.37
CA THR B 192 -16.62 -5.56 6.43
C THR B 192 -17.84 -6.26 5.88
N GLN B 193 -18.14 -7.42 6.47
CA GLN B 193 -19.28 -8.18 6.05
C GLN B 193 -20.48 -7.54 6.71
N VAL B 194 -21.52 -7.31 5.92
CA VAL B 194 -22.79 -6.90 6.46
C VAL B 194 -23.73 -8.14 6.42
N GLN B 195 -24.27 -8.48 7.59
CA GLN B 195 -25.11 -9.67 7.76
C GLN B 195 -26.44 -9.54 7.02
N HIS B 196 -27.15 -8.45 7.25
CA HIS B 196 -28.38 -8.17 6.52
C HIS B 196 -28.15 -7.29 5.31
N LEU B 197 -28.74 -7.69 4.18
CA LEU B 197 -28.61 -6.93 2.92
C LEU B 197 -29.29 -5.57 3.01
N SER B 198 -30.40 -5.48 3.74
CA SER B 198 -31.08 -4.21 3.95
C SER B 198 -30.13 -3.13 4.45
N ASP B 199 -29.25 -3.54 5.38
CA ASP B 199 -28.33 -2.63 6.05
C ASP B 199 -27.21 -2.19 5.13
N LEU B 200 -26.79 -3.09 4.25
CA LEU B 200 -25.75 -2.79 3.27
C LEU B 200 -26.26 -1.86 2.21
N LEU B 201 -27.48 -2.10 1.78
CA LEU B 201 -28.09 -1.24 0.77
C LEU B 201 -28.33 0.16 1.34
N ASN B 202 -28.76 0.24 2.60
CA ASN B 202 -29.00 1.53 3.26
C ASN B 202 -27.76 2.41 3.29
N SER B 204 -24.75 2.28 1.48
CA SER B 204 -23.89 2.39 0.31
C SER B 204 -24.15 3.61 -0.58
N ASP B 205 -23.07 4.13 -1.13
CA ASP B 205 -23.11 5.19 -2.12
C ASP B 205 -23.13 4.60 -3.52
N VAL B 206 -22.45 3.45 -3.62
CA VAL B 206 -22.41 2.65 -4.83
C VAL B 206 -22.57 1.23 -4.38
N VAL B 207 -23.42 0.51 -5.09
CA VAL B 207 -23.62 -0.90 -4.90
C VAL B 207 -23.23 -1.62 -6.18
N SER B 208 -22.46 -2.71 -6.03
CA SER B 208 -22.01 -3.47 -7.17
C SER B 208 -22.28 -4.97 -6.95
N LEU B 209 -22.69 -5.64 -8.03
CA LEU B 209 -23.24 -7.01 -7.96
C LEU B 209 -22.30 -7.97 -8.62
N HIS B 210 -21.96 -9.03 -7.91
CA HIS B 210 -21.00 -10.06 -8.40
C HIS B 210 -21.39 -11.45 -7.93
N VAL B 211 -22.58 -11.84 -8.38
CA VAL B 211 -23.28 -13.03 -7.94
C VAL B 211 -23.52 -13.94 -9.15
N PRO B 212 -23.73 -15.24 -8.88
CA PRO B 212 -23.99 -16.20 -9.93
C PRO B 212 -25.41 -16.10 -10.47
N GLU B 213 -25.70 -16.89 -11.50
CA GLU B 213 -27.04 -16.91 -12.04
C GLU B 213 -27.81 -18.09 -11.47
N ASN B 214 -28.78 -17.82 -10.59
CA ASN B 214 -29.70 -18.84 -10.15
C ASN B 214 -30.92 -18.28 -9.42
N PRO B 215 -31.95 -19.13 -9.18
CA PRO B 215 -33.04 -18.86 -8.25
C PRO B 215 -32.75 -17.82 -7.21
N SER B 216 -31.71 -18.01 -6.41
CA SER B 216 -31.42 -17.07 -5.31
C SER B 216 -31.13 -15.63 -5.77
N THR B 217 -30.63 -15.48 -6.99
CA THR B 217 -30.22 -14.17 -7.52
C THR B 217 -31.14 -13.52 -8.56
N LYS B 218 -32.01 -14.29 -9.22
CA LYS B 218 -32.91 -13.77 -10.26
C LYS B 218 -33.82 -12.65 -9.73
N ASN B 219 -33.65 -11.46 -10.30
CA ASN B 219 -34.32 -10.23 -9.88
C ASN B 219 -34.16 -9.94 -8.42
N GLY B 222 -35.07 -5.86 -7.12
CA GLY B 222 -36.38 -5.40 -7.56
C GLY B 222 -36.61 -4.05 -6.96
N ALA B 223 -37.82 -3.52 -7.12
CA ALA B 223 -38.14 -2.19 -6.65
C ALA B 223 -37.85 -2.00 -5.14
N LYS B 224 -38.15 -3.03 -4.35
CA LYS B 224 -37.98 -3.01 -2.89
C LYS B 224 -36.53 -2.83 -2.49
N GLU B 225 -35.64 -3.59 -3.13
CA GLU B 225 -34.22 -3.57 -2.81
C GLU B 225 -33.56 -2.25 -3.24
N ILE B 226 -34.08 -1.69 -4.32
CA ILE B 226 -33.60 -0.43 -4.88
C ILE B 226 -33.99 0.76 -3.99
N SER B 227 -35.17 0.66 -3.38
CA SER B 227 -35.67 1.74 -2.56
C SER B 227 -34.97 1.78 -1.22
N LEU B 228 -34.44 0.63 -0.78
CA LEU B 228 -33.60 0.56 0.42
C LEU B 228 -32.22 1.23 0.21
N LYS B 230 -29.49 4.06 -0.51
CA LYS B 230 -29.32 5.44 -0.11
C LYS B 230 -29.76 6.37 -1.26
N PRO B 231 -30.59 7.39 -0.98
CA PRO B 231 -30.92 8.33 -2.06
C PRO B 231 -29.71 8.90 -2.77
N GLY B 232 -29.79 8.96 -4.09
CA GLY B 232 -28.66 9.44 -4.90
C GLY B 232 -27.53 8.44 -5.01
N SER B 233 -27.76 7.18 -4.66
CA SER B 233 -26.74 6.15 -4.88
C SER B 233 -26.71 5.71 -6.34
N LEU B 234 -25.72 4.86 -6.63
CA LEU B 234 -25.52 4.26 -7.95
C LEU B 234 -25.55 2.73 -7.88
N LEU B 235 -26.19 2.10 -8.84
CA LEU B 235 -26.19 0.66 -9.00
C LEU B 235 -25.33 0.23 -10.18
N ILE B 236 -24.44 -0.76 -9.96
CA ILE B 236 -23.67 -1.37 -11.04
C ILE B 236 -23.92 -2.86 -11.17
N ASN B 237 -24.27 -3.31 -12.38
CA ASN B 237 -24.36 -4.74 -12.66
C ASN B 237 -23.52 -5.17 -13.85
N ALA B 238 -22.44 -5.87 -13.50
CA ALA B 238 -21.56 -6.58 -14.42
C ALA B 238 -21.48 -8.07 -14.00
N SER B 239 -22.49 -8.57 -13.28
CA SER B 239 -22.58 -10.00 -12.93
C SER B 239 -23.34 -10.76 -14.03
N ARG B 240 -24.66 -10.90 -13.85
CA ARG B 240 -25.58 -11.62 -14.75
C ARG B 240 -26.82 -10.79 -15.13
N GLY B 241 -27.35 -11.02 -16.33
CA GLY B 241 -28.41 -10.18 -16.87
C GLY B 241 -29.79 -10.36 -16.30
N THR B 242 -29.97 -11.34 -15.40
CA THR B 242 -31.27 -11.66 -14.77
C THR B 242 -31.40 -11.09 -13.37
N VAL B 243 -30.31 -10.53 -12.87
CA VAL B 243 -30.17 -10.16 -11.47
C VAL B 243 -30.91 -8.86 -11.09
N VAL B 244 -31.10 -7.95 -12.04
CA VAL B 244 -31.78 -6.68 -11.81
C VAL B 244 -33.10 -6.57 -12.59
N ASP B 245 -34.14 -6.10 -11.92
CA ASP B 245 -35.41 -5.75 -12.53
C ASP B 245 -35.16 -4.45 -13.25
N ILE B 246 -35.01 -4.48 -14.57
CA ILE B 246 -34.60 -3.32 -15.38
C ILE B 246 -35.70 -2.25 -15.40
N PRO B 247 -36.96 -2.66 -15.57
CA PRO B 247 -38.08 -1.76 -15.32
C PRO B 247 -38.09 -0.98 -13.99
N ALA B 248 -37.77 -1.66 -12.89
CA ALA B 248 -37.72 -1.03 -11.56
C ALA B 248 -36.47 -0.13 -11.38
N LEU B 249 -35.43 -0.44 -12.15
CA LEU B 249 -34.27 0.39 -12.19
C LEU B 249 -34.61 1.73 -12.86
N CYS B 250 -35.29 1.63 -14.01
CA CYS B 250 -35.74 2.80 -14.77
C CYS B 250 -36.63 3.68 -13.92
N ASP B 251 -37.49 3.03 -13.15
CA ASP B 251 -38.35 3.72 -12.20
C ASP B 251 -37.56 4.58 -11.26
N ALA B 252 -36.55 4.00 -10.67
CA ALA B 252 -35.75 4.67 -9.64
C ALA B 252 -34.78 5.72 -10.20
N LEU B 253 -34.43 5.58 -11.47
CA LEU B 253 -33.59 6.55 -12.15
C LEU B 253 -34.43 7.73 -12.60
N ALA B 254 -35.63 7.43 -13.09
CA ALA B 254 -36.56 8.45 -13.53
C ALA B 254 -36.98 9.30 -12.33
N SER B 255 -37.31 8.62 -11.24
CA SER B 255 -37.73 9.28 -10.00
C SER B 255 -36.58 10.00 -9.36
N LYS B 256 -35.36 9.65 -9.78
CA LYS B 256 -34.15 10.29 -9.34
C LYS B 256 -33.76 9.78 -7.96
N HIS B 257 -34.37 8.68 -7.52
CA HIS B 257 -33.94 8.05 -6.27
C HIS B 257 -32.49 7.56 -6.41
N LEU B 258 -32.14 7.06 -7.59
CA LEU B 258 -30.76 6.77 -7.93
C LEU B 258 -30.22 7.86 -8.83
N ALA B 259 -28.93 8.12 -8.72
CA ALA B 259 -28.28 9.16 -9.51
C ALA B 259 -27.71 8.65 -10.85
N GLY B 260 -27.61 7.34 -10.98
CA GLY B 260 -27.10 6.74 -12.22
C GLY B 260 -26.89 5.25 -12.02
N ALA B 261 -26.47 4.59 -13.07
CA ALA B 261 -26.11 3.18 -12.98
C ALA B 261 -25.27 2.79 -14.18
N ALA B 262 -24.68 1.61 -14.10
CA ALA B 262 -23.85 1.06 -15.15
C ALA B 262 -24.28 -0.39 -15.33
N ILE B 263 -24.86 -0.71 -16.49
CA ILE B 263 -25.33 -2.07 -16.76
C ILE B 263 -24.62 -2.65 -17.99
N ASP B 264 -23.90 -3.74 -17.77
CA ASP B 264 -23.10 -4.47 -18.79
C ASP B 264 -23.76 -5.78 -19.31
N VAL B 265 -24.75 -6.28 -18.58
CA VAL B 265 -25.39 -7.51 -18.88
C VAL B 265 -26.89 -7.32 -18.78
N PHE B 266 -27.62 -8.05 -19.64
CA PHE B 266 -29.07 -7.83 -19.82
C PHE B 266 -29.86 -9.13 -19.88
N PRO B 267 -31.18 -9.06 -19.66
CA PRO B 267 -32.00 -10.28 -19.71
C PRO B 267 -31.85 -10.98 -21.05
N THR B 268 -32.01 -10.22 -22.13
CA THR B 268 -31.82 -10.66 -23.51
C THR B 268 -30.69 -9.84 -24.11
N GLU B 269 -29.63 -10.49 -24.55
CA GLU B 269 -28.56 -9.82 -25.25
C GLU B 269 -28.55 -10.19 -26.75
N PRO B 270 -28.09 -9.25 -27.57
CA PRO B 270 -27.92 -9.53 -28.97
C PRO B 270 -26.89 -10.64 -29.22
N ALA B 271 -27.22 -11.46 -30.20
CA ALA B 271 -26.45 -12.63 -30.57
C ALA B 271 -25.15 -12.25 -31.24
N THR B 272 -25.16 -11.21 -32.05
CA THR B 272 -23.95 -10.79 -32.75
C THR B 272 -23.94 -9.31 -32.71
N ASN B 273 -22.86 -8.74 -33.21
CA ASN B 273 -22.76 -7.31 -33.22
C ASN B 273 -23.63 -6.65 -34.27
N SER B 274 -24.13 -7.44 -35.22
CA SER B 274 -25.04 -6.96 -36.27
C SER B 274 -26.49 -7.00 -35.85
N ASP B 275 -26.77 -7.59 -34.70
CA ASP B 275 -28.12 -7.58 -34.17
C ASP B 275 -28.31 -6.36 -33.28
N PRO B 276 -29.53 -5.82 -33.30
CA PRO B 276 -29.82 -4.55 -32.67
C PRO B 276 -30.09 -4.68 -31.19
N PHE B 277 -29.74 -3.63 -30.45
CA PHE B 277 -29.88 -3.62 -29.01
C PHE B 277 -31.07 -2.72 -28.64
N THR B 278 -31.90 -3.20 -27.71
CA THR B 278 -32.99 -2.45 -27.09
C THR B 278 -32.95 -2.54 -25.58
N SER B 279 -33.14 -1.40 -24.94
CA SER B 279 -33.38 -1.38 -23.53
C SER B 279 -34.11 -0.08 -23.24
N PRO B 280 -34.99 -0.10 -22.25
CA PRO B 280 -35.51 1.17 -21.75
C PRO B 280 -34.43 2.07 -21.16
N LEU B 281 -33.30 1.49 -20.78
CA LEU B 281 -32.19 2.27 -20.21
C LEU B 281 -31.48 3.22 -21.18
N CYS B 282 -31.73 3.03 -22.47
CA CYS B 282 -31.12 3.83 -23.50
C CYS B 282 -31.51 5.27 -23.43
N GLU B 283 -32.55 5.57 -22.65
CA GLU B 283 -33.07 6.94 -22.55
C GLU B 283 -32.38 7.76 -21.49
N PHE B 284 -31.64 7.08 -20.62
CA PHE B 284 -30.95 7.73 -19.52
C PHE B 284 -29.48 7.94 -19.84
N ASP B 285 -29.12 9.21 -20.01
CA ASP B 285 -27.72 9.57 -20.28
C ASP B 285 -26.82 9.32 -19.09
N ASN B 286 -27.41 9.29 -17.91
CA ASN B 286 -26.72 9.01 -16.64
C ASN B 286 -26.58 7.49 -16.35
N VAL B 287 -26.87 6.66 -17.35
CA VAL B 287 -26.60 5.24 -17.27
C VAL B 287 -25.51 4.87 -18.30
N LEU B 288 -24.49 4.16 -17.85
CA LEU B 288 -23.50 3.57 -18.76
C LEU B 288 -23.99 2.22 -19.20
N LEU B 289 -24.20 2.06 -20.49
CA LEU B 289 -24.58 0.76 -21.08
C LEU B 289 -23.42 0.20 -21.84
N THR B 290 -23.01 -1.02 -21.48
CA THR B 290 -21.92 -1.70 -22.21
C THR B 290 -22.35 -3.13 -22.72
N PRO B 291 -21.77 -3.56 -23.85
CA PRO B 291 -22.20 -4.77 -24.50
C PRO B 291 -21.54 -6.06 -23.97
N HIS B 292 -21.71 -6.33 -22.68
CA HIS B 292 -21.19 -7.54 -22.02
C HIS B 292 -19.70 -7.65 -22.23
N ILE B 293 -19.01 -6.56 -21.93
CA ILE B 293 -17.58 -6.50 -22.13
C ILE B 293 -16.82 -6.41 -20.82
N GLY B 294 -17.45 -6.79 -19.71
CA GLY B 294 -16.79 -6.62 -18.41
C GLY B 294 -15.50 -7.41 -18.30
N GLY B 295 -15.45 -8.55 -19.01
CA GLY B 295 -14.27 -9.40 -19.05
C GLY B 295 -13.60 -9.42 -20.41
N SER B 296 -14.03 -8.54 -21.32
CA SER B 296 -13.46 -8.43 -22.66
C SER B 296 -12.25 -7.49 -22.71
N THR B 297 -11.07 -7.99 -22.33
CA THR B 297 -9.76 -7.31 -22.48
C THR B 297 -8.74 -8.32 -23.00
N GLN B 298 -7.62 -7.88 -23.57
CA GLN B 298 -6.53 -8.79 -23.98
C GLN B 298 -5.86 -9.55 -22.85
N GLU B 299 -5.88 -8.99 -21.66
CA GLU B 299 -5.21 -9.63 -20.53
C GLU B 299 -6.05 -10.81 -20.06
N ALA B 300 -7.37 -10.61 -19.99
CA ALA B 300 -8.31 -11.73 -19.81
C ALA B 300 -8.16 -12.82 -20.90
N GLN B 301 -8.03 -12.43 -22.17
CA GLN B 301 -7.83 -13.42 -23.23
C GLN B 301 -6.57 -14.21 -23.03
N GLU B 302 -5.56 -13.55 -22.48
CA GLU B 302 -4.32 -14.20 -22.14
C GLU B 302 -4.50 -15.28 -21.04
N ASN B 303 -5.19 -14.90 -19.98
CA ASN B 303 -5.47 -15.75 -18.83
C ASN B 303 -6.25 -16.95 -19.28
N ILE B 304 -7.24 -16.68 -20.11
CA ILE B 304 -8.08 -17.73 -20.67
C ILE B 304 -7.25 -18.66 -21.53
N GLY B 305 -6.39 -18.11 -22.38
CA GLY B 305 -5.57 -18.92 -23.26
C GLY B 305 -4.73 -19.91 -22.46
N LEU B 306 -4.06 -19.39 -21.45
CA LEU B 306 -3.22 -20.20 -20.61
C LEU B 306 -4.00 -21.24 -19.85
N GLU B 307 -5.12 -20.83 -19.30
CA GLU B 307 -5.86 -21.72 -18.47
C GLU B 307 -6.44 -22.89 -19.25
N VAL B 308 -7.16 -22.58 -20.31
CA VAL B 308 -7.88 -23.62 -21.02
C VAL B 308 -6.93 -24.52 -21.85
N ALA B 309 -5.87 -23.93 -22.39
CA ALA B 309 -4.83 -24.75 -22.98
C ALA B 309 -4.25 -25.68 -21.91
N GLY B 310 -3.97 -25.14 -20.74
CA GLY B 310 -3.47 -26.00 -19.65
C GLY B 310 -4.41 -27.17 -19.31
N LYS B 311 -5.73 -26.95 -19.32
CA LYS B 311 -6.70 -27.99 -19.00
C LYS B 311 -6.70 -29.07 -20.07
N LEU B 312 -6.64 -28.65 -21.32
CA LEU B 312 -6.53 -29.59 -22.45
C LEU B 312 -5.26 -30.39 -22.42
N ILE B 313 -4.16 -29.72 -22.15
CA ILE B 313 -2.86 -30.37 -22.13
C ILE B 313 -2.78 -31.45 -21.04
N LYS B 314 -3.19 -31.08 -19.85
CA LYS B 314 -3.30 -32.02 -18.74
C LYS B 314 -4.21 -33.20 -18.98
N TYR B 315 -5.38 -32.98 -19.53
CA TYR B 315 -6.25 -34.09 -19.85
C TYR B 315 -5.56 -35.03 -20.84
N SER B 316 -4.96 -34.46 -21.87
CA SER B 316 -4.27 -35.21 -22.93
C SER B 316 -3.14 -36.02 -22.34
N ASP B 317 -2.35 -35.38 -21.50
CA ASP B 317 -1.15 -35.98 -21.03
C ASP B 317 -1.39 -36.93 -19.85
N ASN B 318 -2.35 -36.61 -19.01
CA ASN B 318 -2.50 -37.35 -17.75
C ASN B 318 -3.93 -37.69 -17.33
N GLY B 319 -4.88 -37.30 -18.15
CA GLY B 319 -6.26 -37.77 -18.00
C GLY B 319 -7.09 -36.95 -17.05
N SER B 320 -6.52 -35.85 -16.56
CA SER B 320 -7.18 -35.04 -15.55
C SER B 320 -8.45 -34.40 -16.09
N THR B 321 -9.54 -34.60 -15.37
CA THR B 321 -10.80 -33.99 -15.70
C THR B 321 -11.27 -32.99 -14.64
N LEU B 322 -10.40 -32.54 -13.74
CA LEU B 322 -10.81 -31.47 -12.86
C LEU B 322 -11.32 -30.25 -13.63
N SER B 323 -12.43 -29.71 -13.10
CA SER B 323 -13.11 -28.53 -13.62
C SER B 323 -13.90 -28.84 -14.88
N ALA B 324 -13.86 -30.08 -15.35
CA ALA B 324 -14.65 -30.41 -16.51
C ALA B 324 -16.12 -30.30 -16.14
N VAL B 325 -16.82 -29.74 -17.09
CA VAL B 325 -18.13 -29.21 -16.96
C VAL B 325 -19.21 -30.29 -17.21
N ASN B 326 -18.84 -31.42 -17.81
CA ASN B 326 -19.79 -32.40 -18.29
C ASN B 326 -19.35 -33.80 -18.00
N PHE B 327 -18.47 -33.98 -17.01
CA PHE B 327 -17.70 -35.23 -16.81
C PHE B 327 -17.45 -35.45 -15.33
N PRO B 328 -17.33 -36.71 -14.92
CA PRO B 328 -16.72 -37.07 -13.64
C PRO B 328 -15.29 -36.52 -13.50
N GLU B 329 -14.99 -35.90 -12.35
CA GLU B 329 -13.69 -35.26 -12.11
C GLU B 329 -12.69 -36.20 -11.49
N VAL B 330 -11.65 -36.50 -12.24
CA VAL B 330 -10.61 -37.39 -11.76
C VAL B 330 -9.27 -36.72 -12.01
N SER B 331 -8.40 -36.86 -11.03
CA SER B 331 -7.02 -36.46 -11.18
C SER B 331 -6.08 -37.31 -10.32
N LEU B 332 -5.06 -37.86 -10.96
CA LEU B 332 -4.17 -38.79 -10.31
C LEU B 332 -2.72 -38.29 -10.40
N PRO B 333 -2.05 -38.17 -9.26
CA PRO B 333 -0.71 -37.65 -9.29
C PRO B 333 0.17 -38.56 -10.08
N LEU B 334 1.23 -37.99 -10.62
CA LEU B 334 2.10 -38.68 -11.54
C LEU B 334 3.15 -39.42 -10.78
N HIS B 335 3.34 -40.70 -11.07
CA HIS B 335 4.38 -41.45 -10.39
C HIS B 335 5.03 -42.42 -11.35
N GLY B 336 5.09 -42.06 -12.62
CA GLY B 336 5.73 -42.93 -13.61
C GLY B 336 4.95 -44.19 -13.90
N GLY B 337 5.65 -45.11 -14.57
CA GLY B 337 5.00 -46.29 -15.09
C GLY B 337 4.06 -45.90 -16.18
N ARG B 338 3.09 -46.75 -16.46
CA ARG B 338 2.12 -46.47 -17.50
C ARG B 338 0.83 -45.94 -16.88
N ARG B 339 0.16 -45.13 -17.65
CA ARG B 339 -1.18 -44.70 -17.29
C ARG B 339 -2.15 -44.94 -18.44
N LEU B 340 -3.31 -45.47 -18.06
CA LEU B 340 -4.38 -45.79 -18.98
C LEU B 340 -5.67 -45.24 -18.38
N HIS B 342 -10.26 -45.13 -18.81
CA HIS B 342 -11.42 -45.86 -19.30
C HIS B 342 -12.68 -45.06 -19.03
N ILE B 343 -13.39 -44.76 -20.09
CA ILE B 343 -14.63 -44.01 -19.98
C ILE B 343 -15.78 -44.95 -20.36
N HIS B 344 -16.79 -45.02 -19.52
CA HIS B 344 -17.82 -46.03 -19.69
C HIS B 344 -19.19 -45.62 -19.15
N GLU B 345 -20.21 -46.24 -19.72
CA GLU B 345 -21.53 -46.30 -19.10
C GLU B 345 -21.42 -46.92 -17.71
N ASN B 346 -22.34 -46.54 -16.83
CA ASN B 346 -22.20 -46.82 -15.42
C ASN B 346 -22.53 -48.24 -14.94
N ARG B 347 -22.81 -49.15 -15.88
CA ARG B 347 -23.09 -50.57 -15.53
C ARG B 347 -22.09 -51.14 -14.55
N PRO B 348 -22.56 -52.05 -13.69
CA PRO B 348 -21.79 -52.45 -12.52
C PRO B 348 -20.83 -53.57 -12.89
N GLY B 349 -19.74 -53.72 -12.14
CA GLY B 349 -18.69 -54.65 -12.58
C GLY B 349 -18.10 -54.30 -13.94
N VAL B 350 -17.90 -53.01 -14.19
CA VAL B 350 -16.94 -52.57 -15.17
C VAL B 350 -15.61 -52.59 -14.45
N LEU B 351 -15.62 -52.15 -13.20
CA LEU B 351 -14.43 -52.14 -12.39
C LEU B 351 -13.91 -53.56 -12.18
N THR B 352 -14.83 -54.48 -11.94
CA THR B 352 -14.50 -55.89 -11.89
C THR B 352 -13.77 -56.40 -13.11
N ALA B 353 -14.32 -56.10 -14.27
CA ALA B 353 -13.74 -56.54 -15.55
C ALA B 353 -12.33 -55.99 -15.76
N LEU B 354 -12.14 -54.80 -15.27
CA LEU B 354 -10.91 -54.05 -15.46
C LEU B 354 -9.82 -54.68 -14.59
N ASN B 355 -10.15 -54.89 -13.32
CA ASN B 355 -9.16 -55.31 -12.37
C ASN B 355 -8.78 -56.74 -12.68
N LYS B 356 -9.72 -57.48 -13.26
CA LYS B 356 -9.48 -58.82 -13.84
C LYS B 356 -8.46 -58.87 -15.01
N ILE B 357 -8.46 -57.88 -15.87
CA ILE B 357 -7.52 -57.84 -17.01
C ILE B 357 -6.08 -57.88 -16.57
N PHE B 358 -5.77 -57.08 -15.55
CA PHE B 358 -4.42 -56.88 -15.07
C PHE B 358 -3.96 -58.03 -14.18
N ALA B 359 -4.88 -58.56 -13.38
CA ALA B 359 -4.59 -59.71 -12.56
C ALA B 359 -4.15 -60.92 -13.41
N GLU B 360 -4.86 -61.15 -14.50
CA GLU B 360 -4.61 -62.25 -15.44
C GLU B 360 -3.26 -62.11 -16.17
N GLN B 361 -2.93 -60.88 -16.51
CA GLN B 361 -1.66 -60.52 -17.18
C GLN B 361 -0.46 -60.35 -16.21
N GLY B 362 -0.69 -60.37 -14.90
CA GLY B 362 0.39 -60.34 -13.93
C GLY B 362 0.95 -58.95 -13.76
N VAL B 363 0.05 -57.99 -13.86
CA VAL B 363 0.41 -56.58 -13.82
C VAL B 363 -0.06 -55.98 -12.51
N ASN B 364 0.88 -55.36 -11.81
CA ASN B 364 0.53 -54.70 -10.58
C ASN B 364 -0.12 -53.34 -10.91
N ILE B 365 -1.20 -53.03 -10.20
CA ILE B 365 -1.90 -51.74 -10.30
C ILE B 365 -1.38 -50.89 -9.16
N ALA B 366 -0.68 -49.80 -9.48
CA ALA B 366 -0.10 -48.90 -8.46
C ALA B 366 -1.10 -47.92 -7.85
N ALA B 367 -2.06 -47.51 -8.65
CA ALA B 367 -3.04 -46.54 -8.24
C ALA B 367 -4.18 -46.53 -9.25
N GLN B 368 -5.33 -46.09 -8.77
CA GLN B 368 -6.52 -46.05 -9.59
C GLN B 368 -7.57 -45.14 -8.94
N TYR B 369 -8.15 -44.29 -9.78
CA TYR B 369 -9.13 -43.31 -9.36
C TYR B 369 -10.30 -43.39 -10.34
N LEU B 370 -11.44 -43.82 -9.78
CA LEU B 370 -12.72 -43.90 -10.46
C LEU B 370 -13.68 -42.92 -9.81
N GLN B 371 -14.36 -42.17 -10.66
CA GLN B 371 -15.47 -41.33 -10.21
C GLN B 371 -16.65 -41.43 -11.21
N THR B 372 -17.86 -41.20 -10.73
CA THR B 372 -19.04 -41.47 -11.53
C THR B 372 -19.96 -40.27 -11.42
N SER B 373 -20.74 -40.04 -12.46
CA SER B 373 -21.47 -38.78 -12.60
C SER B 373 -22.59 -39.07 -13.58
N ALA B 374 -23.80 -39.10 -13.05
CA ALA B 374 -24.99 -39.39 -13.83
C ALA B 374 -24.93 -40.86 -14.27
N GLN B 375 -25.37 -41.12 -15.50
CA GLN B 375 -25.24 -42.43 -16.11
C GLN B 375 -23.83 -42.69 -16.67
N GLY B 377 -19.20 -43.13 -15.95
CA GLY B 377 -18.07 -43.47 -15.10
C GLY B 377 -16.75 -43.23 -15.80
N TYR B 378 -15.73 -42.84 -15.02
CA TYR B 378 -14.38 -42.53 -15.53
C TYR B 378 -13.29 -42.97 -14.61
N VAL B 379 -12.38 -43.79 -15.10
CA VAL B 379 -11.30 -44.27 -14.24
C VAL B 379 -9.93 -44.11 -14.90
N VAL B 380 -8.98 -43.61 -14.12
CA VAL B 380 -7.56 -43.54 -14.51
C VAL B 380 -6.77 -44.55 -13.71
N ILE B 381 -5.91 -45.31 -14.40
CA ILE B 381 -5.15 -46.43 -13.78
C ILE B 381 -3.66 -46.34 -14.06
N ASP B 382 -2.90 -46.44 -12.99
CA ASP B 382 -1.47 -46.46 -13.04
C ASP B 382 -1.08 -47.92 -12.88
N ILE B 383 -0.37 -48.43 -13.89
CA ILE B 383 0.22 -49.76 -13.82
C ILE B 383 1.72 -49.76 -14.09
N GLU B 384 2.35 -50.89 -13.78
CA GLU B 384 3.81 -51.12 -13.92
C GLU B 384 4.03 -52.23 -14.94
N ALA B 385 4.19 -51.80 -16.18
CA ALA B 385 4.26 -52.66 -17.32
C ALA B 385 4.98 -51.93 -18.44
N ASP B 386 5.42 -52.67 -19.43
CA ASP B 386 6.04 -52.11 -20.59
C ASP B 386 4.94 -51.83 -21.63
N GLU B 387 5.40 -51.34 -22.78
CA GLU B 387 4.62 -51.11 -24.01
C GLU B 387 3.60 -52.14 -24.39
N ASP B 388 4.12 -53.31 -24.80
CA ASP B 388 3.31 -54.36 -25.41
C ASP B 388 2.25 -54.76 -24.44
N VAL B 389 2.63 -54.90 -23.18
CA VAL B 389 1.74 -55.39 -22.17
C VAL B 389 0.62 -54.39 -21.97
N ALA B 390 0.93 -53.10 -21.90
CA ALA B 390 -0.05 -52.01 -21.73
C ALA B 390 -0.98 -51.89 -22.92
N GLU B 391 -0.45 -52.03 -24.13
CA GLU B 391 -1.27 -52.05 -25.34
C GLU B 391 -2.22 -53.22 -25.34
N LYS B 392 -1.73 -54.39 -24.93
CA LYS B 392 -2.56 -55.57 -24.90
C LYS B 392 -3.64 -55.38 -23.85
N ALA B 393 -3.27 -54.86 -22.70
CA ALA B 393 -4.27 -54.48 -21.69
C ALA B 393 -5.31 -53.50 -22.25
N LEU B 394 -4.85 -52.53 -23.02
CA LEU B 394 -5.76 -51.55 -23.52
C LEU B 394 -6.73 -52.15 -24.48
N GLN B 395 -6.28 -53.08 -25.31
CA GLN B 395 -7.21 -53.66 -26.26
C GLN B 395 -8.25 -54.46 -25.51
N ALA B 396 -7.85 -55.08 -24.41
CA ALA B 396 -8.79 -55.80 -23.58
C ALA B 396 -9.82 -54.85 -22.97
N LYS B 398 -10.87 -51.89 -24.08
CA LYS B 398 -11.79 -51.41 -25.07
C LYS B 398 -12.96 -52.39 -25.29
N ALA B 399 -12.76 -53.65 -24.91
CA ALA B 399 -13.72 -54.73 -25.22
C ALA B 399 -14.74 -54.97 -24.13
N ILE B 400 -14.54 -54.33 -22.99
CA ILE B 400 -15.47 -54.43 -21.88
C ILE B 400 -16.82 -53.80 -22.24
N PRO B 401 -17.92 -54.55 -22.01
CA PRO B 401 -19.27 -54.03 -22.13
C PRO B 401 -19.50 -52.69 -21.45
N GLY B 402 -20.03 -51.75 -22.21
CA GLY B 402 -20.30 -50.43 -21.69
C GLY B 402 -19.13 -49.50 -21.91
N THR B 403 -18.02 -49.97 -22.47
CA THR B 403 -16.92 -49.08 -22.76
C THR B 403 -17.33 -48.07 -23.80
N ILE B 404 -17.04 -46.80 -23.48
CA ILE B 404 -17.23 -45.68 -24.41
C ILE B 404 -15.89 -45.38 -25.06
N ARG B 405 -14.85 -45.27 -24.28
CA ARG B 405 -13.58 -44.87 -24.83
C ARG B 405 -12.47 -45.34 -23.91
N ALA B 406 -11.32 -45.68 -24.50
CA ALA B 406 -10.12 -45.94 -23.69
C ALA B 406 -8.81 -45.60 -24.40
N ARG B 407 -7.83 -45.19 -23.59
CA ARG B 407 -6.54 -44.69 -24.02
C ARG B 407 -5.43 -45.02 -23.05
N LEU B 408 -4.26 -45.15 -23.64
CA LEU B 408 -2.99 -45.23 -23.00
C LEU B 408 -2.41 -43.84 -23.06
N LEU B 409 -2.25 -43.19 -21.90
CA LEU B 409 -1.77 -41.78 -21.83
C LEU B 409 -0.27 -41.68 -21.83
N TYR B 410 0.37 -42.60 -21.13
CA TYR B 410 1.81 -42.74 -21.15
C TYR B 410 2.18 -44.12 -20.63
N SER C 5 -21.26 -38.62 20.50
CA SER C 5 -21.85 -39.91 20.01
C SER C 5 -21.20 -41.12 20.73
N LEU C 6 -21.97 -42.21 20.88
CA LEU C 6 -21.42 -43.48 21.30
C LEU C 6 -20.30 -43.94 20.34
N GLU C 7 -20.36 -43.56 19.04
CA GLU C 7 -19.24 -43.81 18.08
C GLU C 7 -17.90 -43.27 18.55
N LYS C 8 -17.88 -41.96 18.73
CA LYS C 8 -16.64 -41.20 18.89
C LYS C 8 -16.09 -41.23 20.31
N ASP C 9 -16.95 -41.42 21.28
CA ASP C 9 -16.53 -41.43 22.68
C ASP C 9 -15.49 -42.52 22.96
N LYS C 10 -15.52 -43.59 22.16
CA LYS C 10 -14.52 -44.65 22.24
C LYS C 10 -13.18 -44.23 21.69
N ILE C 11 -13.13 -43.10 20.98
CA ILE C 11 -11.96 -42.76 20.17
C ILE C 11 -11.04 -41.78 20.90
N LYS C 12 -10.04 -42.38 21.54
CA LYS C 12 -9.16 -41.68 22.46
C LYS C 12 -8.08 -40.97 21.72
N PHE C 13 -7.95 -39.67 22.01
CA PHE C 13 -6.81 -38.82 21.60
C PHE C 13 -5.87 -38.57 22.73
N LEU C 14 -4.62 -38.98 22.54
CA LEU C 14 -3.57 -38.72 23.50
C LEU C 14 -2.73 -37.55 22.96
N LEU C 15 -2.78 -36.44 23.68
CA LEU C 15 -2.07 -35.24 23.33
C LEU C 15 -1.04 -34.98 24.35
N VAL C 16 0.21 -34.85 23.92
CA VAL C 16 1.33 -34.59 24.83
C VAL C 16 2.16 -33.37 24.43
N GLU C 17 3.01 -32.94 25.37
CA GLU C 17 3.94 -31.83 25.18
C GLU C 17 3.29 -30.44 24.98
N GLY C 18 1.99 -30.35 25.28
CA GLY C 18 1.33 -29.08 25.41
C GLY C 18 1.04 -28.42 24.11
N VAL C 19 0.32 -29.13 23.25
CA VAL C 19 -0.14 -28.55 22.00
C VAL C 19 -1.15 -27.44 22.34
N HIS C 20 -1.40 -26.55 21.39
CA HIS C 20 -2.36 -25.45 21.61
C HIS C 20 -3.82 -25.91 21.88
N GLN C 21 -4.47 -25.20 22.80
CA GLN C 21 -5.87 -25.44 23.16
C GLN C 21 -6.83 -25.46 22.00
N LYS C 22 -6.54 -24.70 20.95
CA LYS C 22 -7.31 -24.75 19.71
C LYS C 22 -7.41 -26.14 19.10
N ALA C 23 -6.41 -26.98 19.34
CA ALA C 23 -6.49 -28.35 18.87
C ALA C 23 -7.57 -29.07 19.64
N LEU C 24 -7.65 -28.82 20.94
CA LEU C 24 -8.67 -29.48 21.73
C LEU C 24 -10.06 -29.00 21.30
N GLU C 25 -10.17 -27.70 20.99
CA GLU C 25 -11.43 -27.07 20.59
C GLU C 25 -11.90 -27.63 19.28
N SER C 26 -10.97 -27.83 18.34
CA SER C 26 -11.30 -28.46 17.04
C SER C 26 -11.89 -29.86 17.22
N LEU C 27 -11.18 -30.65 18.01
CA LEU C 27 -11.58 -32.02 18.27
C LEU C 27 -12.97 -32.08 18.86
N ARG C 28 -13.19 -31.31 19.89
CA ARG C 28 -14.47 -31.30 20.55
C ARG C 28 -15.53 -30.74 19.64
N ALA C 29 -15.21 -29.71 18.88
CA ALA C 29 -16.13 -29.23 17.83
C ALA C 29 -16.54 -30.33 16.85
N ALA C 30 -15.63 -31.25 16.57
CA ALA C 30 -15.89 -32.27 15.57
C ALA C 30 -16.56 -33.50 16.18
N GLY C 31 -16.88 -33.42 17.48
CA GLY C 31 -17.58 -34.49 18.20
C GLY C 31 -16.65 -35.41 18.98
N TYR C 32 -15.34 -35.19 18.86
CA TYR C 32 -14.34 -35.98 19.57
C TYR C 32 -14.00 -35.40 20.96
N THR C 33 -14.60 -35.95 22.01
CA THR C 33 -14.37 -35.46 23.39
C THR C 33 -13.45 -36.33 24.27
N ASN C 34 -13.01 -37.49 23.77
CA ASN C 34 -12.13 -38.35 24.56
C ASN C 34 -10.71 -37.97 24.38
N ILE C 35 -10.24 -37.10 25.26
CA ILE C 35 -8.94 -36.50 25.16
C ILE C 35 -8.16 -36.71 26.48
N GLU C 36 -6.94 -37.23 26.36
CA GLU C 36 -5.97 -37.24 27.46
C GLU C 36 -4.89 -36.23 27.09
N PHE C 37 -4.76 -35.18 27.88
CA PHE C 37 -3.89 -34.06 27.52
C PHE C 37 -2.78 -33.96 28.51
N HIS C 38 -1.57 -33.71 28.01
CA HIS C 38 -0.43 -33.46 28.89
C HIS C 38 0.34 -32.24 28.41
N LYS C 39 0.75 -31.40 29.35
CA LYS C 39 1.55 -30.21 29.07
C LYS C 39 2.97 -30.57 28.70
N GLY C 40 3.51 -31.60 29.35
CA GLY C 40 4.88 -32.03 29.15
C GLY C 40 4.92 -33.35 28.41
N ALA C 41 6.13 -33.84 28.20
CA ALA C 41 6.31 -35.17 27.66
C ALA C 41 6.17 -36.18 28.80
N LEU C 42 5.98 -37.42 28.38
CA LEU C 42 5.73 -38.54 29.27
C LEU C 42 6.99 -39.40 29.36
N ASP C 43 7.25 -39.91 30.57
CA ASP C 43 8.19 -41.01 30.79
C ASP C 43 7.68 -42.26 30.09
N ASP C 44 8.55 -43.24 30.05
CA ASP C 44 8.25 -44.48 29.36
C ASP C 44 7.06 -45.17 30.00
N GLU C 45 7.09 -45.35 31.31
CA GLU C 45 5.92 -45.87 32.02
C GLU C 45 4.62 -45.21 31.50
N GLN C 46 4.49 -43.91 31.73
CA GLN C 46 3.22 -43.23 31.48
C GLN C 46 2.88 -43.27 30.01
N LEU C 47 3.91 -43.19 29.15
CA LEU C 47 3.68 -43.20 27.71
C LEU C 47 3.03 -44.49 27.22
N LYS C 48 3.56 -45.62 27.66
CA LYS C 48 3.01 -46.92 27.25
C LYS C 48 1.64 -47.16 27.87
N GLU C 49 1.40 -46.67 29.08
CA GLU C 49 0.10 -46.87 29.70
C GLU C 49 -0.93 -45.98 28.99
N SER C 50 -0.53 -44.76 28.69
CA SER C 50 -1.43 -43.79 28.08
C SER C 50 -1.74 -44.06 26.60
N ILE C 51 -0.78 -44.62 25.88
CA ILE C 51 -0.95 -44.85 24.45
C ILE C 51 -1.52 -46.23 24.09
N ARG C 52 -1.41 -47.18 25.03
CA ARG C 52 -1.99 -48.51 24.87
C ARG C 52 -3.35 -48.49 24.14
N ASP C 53 -4.27 -47.66 24.63
CA ASP C 53 -5.66 -47.63 24.15
C ASP C 53 -6.01 -46.35 23.40
N ALA C 54 -5.00 -45.73 22.81
CA ALA C 54 -5.14 -44.48 22.08
C ALA C 54 -5.41 -44.78 20.61
N HIS C 55 -6.40 -44.09 20.04
CA HIS C 55 -6.67 -44.20 18.61
C HIS C 55 -5.83 -43.19 17.85
N PHE C 56 -5.60 -42.03 18.46
CA PHE C 56 -4.69 -41.04 17.91
C PHE C 56 -3.72 -40.52 18.98
N ILE C 57 -2.55 -40.09 18.55
CA ILE C 57 -1.59 -39.38 19.38
C ILE C 57 -1.07 -38.09 18.68
N GLY C 58 -1.07 -37.00 19.45
CA GLY C 58 -0.47 -35.72 19.09
C GLY C 58 0.73 -35.50 19.97
N LEU C 59 1.83 -35.14 19.34
CA LEU C 59 3.05 -34.90 20.04
C LEU C 59 3.82 -33.76 19.36
N ARG C 60 4.98 -33.43 19.92
CA ARG C 60 5.87 -32.44 19.38
C ARG C 60 7.27 -33.08 19.25
N SER C 61 8.34 -32.31 19.44
CA SER C 61 9.74 -32.73 19.24
C SER C 61 10.23 -33.85 20.15
N ARG C 62 9.75 -33.92 21.38
CA ARG C 62 10.46 -34.65 22.43
C ARG C 62 10.04 -36.10 22.55
N THR C 63 8.78 -36.33 22.30
CA THR C 63 8.24 -37.66 22.35
C THR C 63 8.86 -38.49 21.26
N HIS C 64 9.59 -39.55 21.63
CA HIS C 64 10.12 -40.54 20.67
C HIS C 64 9.20 -41.72 20.51
N LEU C 65 8.49 -41.76 19.37
CA LEU C 65 7.65 -42.91 19.01
C LEU C 65 8.45 -43.90 18.18
N THR C 66 9.15 -44.78 18.89
CA THR C 66 10.05 -45.73 18.28
C THR C 66 9.25 -46.93 17.85
N GLU C 67 9.90 -47.87 17.19
CA GLU C 67 9.24 -49.11 16.77
C GLU C 67 8.54 -49.78 17.96
N ASP C 68 9.27 -49.94 19.07
CA ASP C 68 8.70 -50.63 20.21
C ASP C 68 7.50 -49.88 20.81
N VAL C 69 7.56 -48.55 20.87
CA VAL C 69 6.45 -47.82 21.46
C VAL C 69 5.22 -48.06 20.63
N ILE C 70 5.38 -47.86 19.33
CA ILE C 70 4.32 -48.00 18.35
C ILE C 70 3.70 -49.40 18.35
N ASN C 71 4.50 -50.43 18.61
CA ASN C 71 3.97 -51.79 18.66
C ASN C 71 3.05 -52.05 19.83
N ALA C 72 3.29 -51.35 20.94
CA ALA C 72 2.43 -51.47 22.12
C ALA C 72 1.08 -50.79 21.89
N ALA C 73 1.07 -49.72 21.10
CA ALA C 73 -0.17 -49.02 20.78
C ALA C 73 -1.11 -49.93 19.94
N GLU C 74 -1.89 -50.73 20.66
CA GLU C 74 -2.84 -51.66 20.06
C GLU C 74 -3.92 -50.99 19.22
N LYS C 75 -4.37 -49.79 19.60
CA LYS C 75 -5.58 -49.22 19.00
C LYS C 75 -5.32 -48.11 17.99
N LEU C 76 -4.04 -47.86 17.72
CA LEU C 76 -3.57 -46.63 17.13
C LEU C 76 -3.78 -46.52 15.61
N VAL C 77 -4.40 -45.42 15.22
CA VAL C 77 -4.97 -45.20 13.91
C VAL C 77 -4.11 -44.20 13.13
N ALA C 78 -3.68 -43.15 13.82
CA ALA C 78 -2.85 -42.13 13.20
C ALA C 78 -2.03 -41.34 14.20
N ILE C 79 -0.92 -40.82 13.72
CA ILE C 79 -0.07 -39.95 14.48
C ILE C 79 -0.07 -38.53 13.90
N GLY C 80 -0.11 -37.56 14.78
CA GLY C 80 -0.02 -36.16 14.40
C GLY C 80 1.14 -35.50 15.11
N CYS C 81 2.11 -35.03 14.31
CA CYS C 81 3.19 -34.22 14.83
C CYS C 81 2.79 -32.76 14.82
N PHE C 82 2.56 -32.20 16.01
CA PHE C 82 2.14 -30.81 16.15
C PHE C 82 3.34 -29.93 16.12
N CYS C 83 4.02 -30.03 14.97
CA CYS C 83 5.27 -29.38 14.70
C CYS C 83 5.68 -29.74 13.26
N ILE C 84 6.86 -29.24 12.86
CA ILE C 84 7.40 -29.45 11.50
C ILE C 84 8.03 -30.83 11.40
N GLY C 85 8.89 -31.15 12.38
CA GLY C 85 9.77 -32.30 12.31
C GLY C 85 9.04 -33.59 12.63
N THR C 86 9.54 -34.69 12.06
CA THR C 86 8.94 -36.00 12.23
C THR C 86 9.96 -37.06 12.63
N ASN C 87 11.23 -36.67 12.83
CA ASN C 87 12.30 -37.64 13.15
C ASN C 87 12.06 -38.39 14.42
N GLN C 88 11.31 -37.76 15.32
CA GLN C 88 10.99 -38.38 16.57
C GLN C 88 10.06 -39.55 16.37
N VAL C 89 9.62 -39.79 15.14
CA VAL C 89 8.73 -40.92 14.85
C VAL C 89 9.35 -41.95 13.90
N ASP C 90 9.33 -43.24 14.27
CA ASP C 90 9.72 -44.27 13.30
C ASP C 90 8.62 -44.44 12.28
N LEU C 91 8.83 -43.84 11.10
CA LEU C 91 7.78 -43.68 10.11
C LEU C 91 7.46 -44.96 9.40
N ASP C 92 8.46 -45.79 9.17
CA ASP C 92 8.28 -47.10 8.51
C ASP C 92 7.56 -48.01 9.43
N ALA C 93 7.90 -47.87 10.71
CA ALA C 93 7.21 -48.65 11.71
C ALA C 93 5.73 -48.22 11.75
N ALA C 94 5.44 -46.94 11.67
CA ALA C 94 4.05 -46.55 11.62
C ALA C 94 3.40 -47.04 10.32
N ALA C 95 4.11 -46.90 9.21
CA ALA C 95 3.66 -47.33 7.89
C ALA C 95 3.27 -48.80 7.80
N LYS C 96 4.09 -49.68 8.38
CA LYS C 96 3.82 -51.11 8.40
C LYS C 96 2.52 -51.45 9.13
N ARG C 97 2.12 -50.65 10.13
CA ARG C 97 0.88 -50.88 10.87
C ARG C 97 -0.31 -50.14 10.25
N GLY C 98 -0.06 -49.49 9.12
CA GLY C 98 -1.08 -48.74 8.46
C GLY C 98 -1.48 -47.48 9.23
N ILE C 99 -0.49 -46.86 9.88
CA ILE C 99 -0.71 -45.67 10.72
C ILE C 99 -0.07 -44.46 10.03
N PRO C 100 -0.91 -43.63 9.38
CA PRO C 100 -0.39 -42.41 8.75
C PRO C 100 0.10 -41.45 9.79
N VAL C 101 1.10 -40.70 9.41
CA VAL C 101 1.68 -39.67 10.25
C VAL C 101 1.58 -38.32 9.52
N PHE C 102 0.93 -37.36 10.16
CA PHE C 102 0.85 -36.00 9.66
C PHE C 102 1.71 -34.99 10.47
N ASN C 103 1.96 -33.83 9.86
CA ASN C 103 2.73 -32.77 10.52
C ASN C 103 2.21 -31.40 10.07
N ALA C 104 2.97 -30.36 10.39
CA ALA C 104 2.59 -28.99 10.11
C ALA C 104 3.83 -28.31 9.58
N PRO C 105 4.09 -28.43 8.27
CA PRO C 105 5.31 -27.89 7.72
C PRO C 105 5.30 -26.40 7.47
N PHE C 106 4.14 -25.81 7.17
CA PHE C 106 4.05 -24.38 6.88
C PHE C 106 3.15 -23.56 7.79
N SER C 107 3.10 -23.86 9.08
CA SER C 107 2.22 -23.13 10.01
C SER C 107 2.95 -21.93 10.73
N ASN C 108 4.26 -21.83 10.49
CA ASN C 108 5.19 -20.92 11.20
C ASN C 108 5.59 -19.69 10.38
N THR C 109 4.99 -19.52 9.21
CA THR C 109 5.50 -18.58 8.18
C THR C 109 5.68 -17.10 8.63
N ARG C 110 4.60 -16.57 9.18
CA ARG C 110 4.58 -15.23 9.68
C ARG C 110 5.59 -15.00 10.84
N SER C 111 5.71 -15.95 11.76
CA SER C 111 6.59 -15.76 12.88
C SER C 111 8.05 -15.66 12.43
N VAL C 112 8.45 -16.43 11.43
CA VAL C 112 9.85 -16.37 11.00
C VAL C 112 10.11 -15.04 10.29
N ALA C 113 9.18 -14.65 9.42
CA ALA C 113 9.26 -13.44 8.63
C ALA C 113 9.36 -12.22 9.55
N GLU C 114 8.49 -12.15 10.55
CA GLU C 114 8.46 -11.04 11.50
C GLU C 114 9.79 -10.91 12.26
N LEU C 115 10.38 -12.04 12.61
CA LEU C 115 11.65 -12.05 13.32
C LEU C 115 12.78 -11.50 12.47
N VAL C 116 12.84 -11.88 11.21
CA VAL C 116 13.88 -11.39 10.33
C VAL C 116 13.74 -9.87 10.16
N ILE C 117 12.51 -9.38 10.10
CA ILE C 117 12.27 -7.92 10.04
C ILE C 117 12.83 -7.21 11.26
N GLY C 118 12.46 -7.68 12.44
CA GLY C 118 12.92 -7.07 13.69
C GLY C 118 14.43 -7.11 13.78
N GLU C 119 15.00 -8.26 13.48
CA GLU C 119 16.44 -8.44 13.54
C GLU C 119 17.21 -7.56 12.57
N LEU C 120 16.74 -7.46 11.33
CA LEU C 120 17.45 -6.62 10.35
C LEU C 120 17.38 -5.13 10.74
N LEU C 121 16.27 -4.72 11.32
CA LEU C 121 16.07 -3.34 11.75
C LEU C 121 17.11 -2.98 12.81
N LEU C 122 17.23 -3.82 13.83
CA LEU C 122 18.16 -3.55 14.90
C LEU C 122 19.62 -3.72 14.50
N LEU C 123 19.86 -4.67 13.60
CA LEU C 123 21.21 -4.89 13.13
C LEU C 123 21.72 -3.71 12.32
N LEU C 124 20.89 -3.24 11.38
CA LEU C 124 21.26 -2.10 10.50
C LEU C 124 21.64 -0.86 11.32
N ARG C 125 21.05 -0.79 12.52
CA ARG C 125 21.23 0.28 13.46
C ARG C 125 22.29 0.08 14.56
N GLY C 126 22.93 -1.10 14.60
CA GLY C 126 23.98 -1.43 15.58
C GLY C 126 23.51 -1.63 17.00
N VAL C 127 22.24 -1.99 17.15
CA VAL C 127 21.60 -2.06 18.46
C VAL C 127 22.04 -3.25 19.33
N PRO C 128 22.21 -4.44 18.71
CA PRO C 128 22.73 -5.57 19.48
C PRO C 128 24.02 -5.20 20.20
N GLU C 129 24.94 -4.56 19.51
CA GLU C 129 26.19 -4.20 20.15
C GLU C 129 26.01 -3.11 21.17
N ALA C 130 25.21 -2.08 20.84
CA ALA C 130 25.00 -0.96 21.75
C ALA C 130 24.33 -1.43 23.03
N ASN C 131 23.35 -2.32 22.89
CA ASN C 131 22.65 -2.93 24.04
C ASN C 131 23.56 -3.74 24.97
N ALA C 132 24.40 -4.55 24.33
CA ALA C 132 25.41 -5.37 25.02
C ALA C 132 26.39 -4.51 25.83
N LYS C 133 26.85 -3.44 25.23
CA LYS C 133 27.74 -2.50 25.90
C LYS C 133 27.05 -1.83 27.05
N ALA C 134 25.82 -1.43 26.82
CA ALA C 134 25.07 -0.66 27.82
C ALA C 134 24.85 -1.46 29.06
N HIS C 135 24.45 -2.71 28.91
CA HIS C 135 24.30 -3.59 30.04
C HIS C 135 25.59 -3.75 30.83
N ARG C 136 26.76 -3.76 30.17
N ARG C 136 26.74 -3.73 30.14
CA ARG C 136 28.03 -3.75 30.92
CA ARG C 136 28.04 -3.74 30.82
C ARG C 136 28.56 -2.35 31.21
C ARG C 136 28.54 -2.34 31.24
N GLY C 137 27.68 -1.33 31.13
CA GLY C 137 28.01 0.04 31.54
C GLY C 137 28.81 0.91 30.56
N VAL C 138 28.84 0.51 29.30
CA VAL C 138 29.54 1.26 28.27
C VAL C 138 28.52 1.99 27.40
N TRP C 139 28.72 3.29 27.24
CA TRP C 139 27.82 4.10 26.42
C TRP C 139 28.46 4.37 25.08
N ASN C 140 27.84 3.90 24.01
CA ASN C 140 28.40 4.02 22.65
C ASN C 140 27.42 4.71 21.67
N LYS C 141 27.27 6.02 21.84
CA LYS C 141 26.40 6.78 20.97
C LYS C 141 27.15 7.19 19.70
N LEU C 142 26.61 6.75 18.56
CA LEU C 142 27.15 7.16 17.26
C LEU C 142 26.10 6.99 16.16
N ALA C 143 26.19 7.84 15.10
CA ALA C 143 25.32 7.69 13.94
C ALA C 143 26.05 6.94 12.81
N ALA C 144 27.40 6.92 12.86
CA ALA C 144 28.24 6.28 11.83
C ALA C 144 27.88 4.79 11.66
N GLY C 145 27.69 4.32 10.44
CA GLY C 145 27.29 2.94 10.20
C GLY C 145 25.87 2.55 10.57
N SER C 146 25.06 3.44 11.12
CA SER C 146 23.65 3.10 11.43
C SER C 146 22.75 3.65 10.33
N PHE C 147 21.79 2.82 9.91
CA PHE C 147 20.96 3.07 8.75
C PHE C 147 19.54 2.72 9.02
N GLU C 148 18.62 3.53 8.53
CA GLU C 148 17.24 3.12 8.41
C GLU C 148 17.16 2.02 7.37
N ALA C 149 16.14 1.17 7.52
CA ALA C 149 15.85 0.12 6.56
C ALA C 149 15.10 0.61 5.31
N ARG C 150 14.37 1.72 5.40
CA ARG C 150 13.68 2.19 4.23
C ARG C 150 14.71 2.54 3.16
N GLY C 151 14.50 2.02 1.95
CA GLY C 151 15.34 2.33 0.80
C GLY C 151 16.50 1.36 0.65
N LYS C 152 16.61 0.40 1.56
CA LYS C 152 17.68 -0.58 1.48
C LYS C 152 17.20 -1.80 0.70
N LYS C 153 18.17 -2.57 0.22
CA LYS C 153 17.97 -3.82 -0.54
C LYS C 153 18.10 -5.09 0.26
N LEU C 154 16.99 -5.80 0.37
CA LEU C 154 16.92 -7.12 0.98
C LEU C 154 17.00 -8.15 -0.10
N GLY C 155 17.99 -9.06 0.05
CA GLY C 155 18.17 -10.19 -0.83
C GLY C 155 17.67 -11.45 -0.13
N ILE C 156 16.65 -12.07 -0.70
CA ILE C 156 16.07 -13.29 -0.14
C ILE C 156 16.56 -14.46 -0.95
N ILE C 157 17.16 -15.43 -0.26
CA ILE C 157 17.51 -16.69 -0.88
C ILE C 157 16.49 -17.78 -0.47
N GLY C 158 15.74 -18.26 -1.48
CA GLY C 158 14.61 -19.15 -1.28
C GLY C 158 13.32 -18.36 -1.17
N TYR C 159 12.60 -18.28 -2.27
CA TYR C 159 11.35 -17.54 -2.30
C TYR C 159 10.16 -18.48 -2.23
N GLY C 160 9.99 -19.10 -1.06
CA GLY C 160 8.92 -20.04 -0.86
C GLY C 160 7.92 -19.44 0.09
N HIS C 161 7.43 -20.24 1.02
CA HIS C 161 6.40 -19.78 1.91
C HIS C 161 6.86 -18.58 2.75
N ILE C 162 8.04 -18.70 3.35
CA ILE C 162 8.61 -17.64 4.21
C ILE C 162 9.28 -16.53 3.38
N GLY C 163 10.05 -16.88 2.36
CA GLY C 163 10.69 -15.86 1.53
C GLY C 163 9.66 -14.90 1.02
N THR C 164 8.54 -15.44 0.57
CA THR C 164 7.45 -14.63 0.04
C THR C 164 6.87 -13.68 1.07
N GLN C 165 6.39 -14.21 2.18
CA GLN C 165 5.82 -13.41 3.23
C GLN C 165 6.80 -12.34 3.73
N LEU C 166 8.08 -12.71 3.85
CA LEU C 166 9.14 -11.77 4.27
C LEU C 166 9.23 -10.57 3.30
N GLY C 167 9.31 -10.85 2.01
CA GLY C 167 9.31 -9.83 0.99
C GLY C 167 8.14 -8.85 1.08
N ILE C 168 6.95 -9.35 1.35
CA ILE C 168 5.79 -8.50 1.52
C ILE C 168 5.97 -7.52 2.69
N LEU C 169 6.50 -8.03 3.79
CA LEU C 169 6.63 -7.22 4.98
C LEU C 169 7.70 -6.17 4.77
N ALA C 170 8.82 -6.58 4.20
CA ALA C 170 9.92 -5.68 3.88
C ALA C 170 9.45 -4.55 2.97
N GLU C 171 8.66 -4.89 1.95
CA GLU C 171 8.14 -3.89 1.05
C GLU C 171 7.26 -2.92 1.78
N SER C 172 6.51 -3.39 2.77
CA SER C 172 5.77 -2.47 3.66
C SER C 172 6.64 -1.44 4.41
N LEU C 173 7.88 -1.77 4.70
CA LEU C 173 8.81 -0.84 5.33
C LEU C 173 9.59 -0.06 4.34
N GLY C 174 9.29 -0.21 3.07
CA GLY C 174 9.94 0.60 2.07
C GLY C 174 11.28 0.06 1.63
N TYR C 176 13.54 -2.44 -0.83
CA TYR C 176 13.54 -3.05 -2.17
C TYR C 176 13.91 -4.54 -2.04
N VAL C 177 13.12 -5.38 -2.70
CA VAL C 177 13.14 -6.81 -2.46
C VAL C 177 13.60 -7.51 -3.74
N TYR C 178 14.64 -8.31 -3.56
CA TYR C 178 15.25 -9.14 -4.61
C TYR C 178 15.30 -10.56 -4.08
N PHE C 179 15.16 -11.54 -4.95
CA PHE C 179 15.25 -12.93 -4.51
C PHE C 179 15.98 -13.82 -5.51
N TYR C 180 16.68 -14.82 -4.96
CA TYR C 180 17.26 -15.90 -5.75
C TYR C 180 16.59 -17.21 -5.31
N ASP C 181 16.09 -17.94 -6.29
CA ASP C 181 15.52 -19.26 -6.09
C ASP C 181 16.04 -20.14 -7.23
N ILE C 182 16.09 -21.44 -7.00
CA ILE C 182 16.57 -22.36 -8.04
C ILE C 182 15.49 -22.59 -9.08
N GLU C 183 14.25 -22.26 -8.79
CA GLU C 183 13.26 -22.28 -9.84
C GLU C 183 12.65 -20.91 -10.03
N ASN C 184 12.19 -20.67 -11.23
CA ASN C 184 11.56 -19.43 -11.51
C ASN C 184 10.29 -19.32 -10.74
N LYS C 185 10.19 -18.21 -10.03
CA LYS C 185 9.02 -17.89 -9.24
C LYS C 185 8.34 -16.65 -9.80
N LEU C 186 7.06 -16.58 -9.51
CA LEU C 186 6.30 -15.39 -9.76
C LEU C 186 6.48 -14.46 -8.55
N PRO C 187 7.05 -13.25 -8.80
CA PRO C 187 7.20 -12.20 -7.80
C PRO C 187 5.90 -11.61 -7.29
N LEU C 188 5.86 -11.34 -6.00
CA LEU C 188 4.72 -10.66 -5.37
C LEU C 188 5.12 -9.20 -5.21
N GLY C 189 4.16 -8.32 -5.34
CA GLY C 189 4.46 -6.91 -5.16
C GLY C 189 5.51 -6.50 -6.16
N ASN C 190 6.46 -5.70 -5.70
CA ASN C 190 7.53 -5.27 -6.55
C ASN C 190 8.80 -6.07 -6.35
N ALA C 191 8.67 -7.32 -5.91
CA ALA C 191 9.87 -8.15 -5.78
C ALA C 191 10.50 -8.47 -7.16
N THR C 192 11.79 -8.81 -7.14
CA THR C 192 12.55 -9.00 -8.36
C THR C 192 13.40 -10.25 -8.23
N GLN C 193 13.18 -11.23 -9.13
CA GLN C 193 14.07 -12.40 -9.18
C GLN C 193 15.38 -12.04 -9.89
N VAL C 194 16.48 -12.30 -9.19
CA VAL C 194 17.85 -12.20 -9.72
C VAL C 194 18.31 -13.60 -10.18
N GLN C 195 18.70 -13.74 -11.44
CA GLN C 195 18.93 -15.08 -11.96
C GLN C 195 20.18 -15.71 -11.37
N HIS C 196 21.25 -14.90 -11.24
CA HIS C 196 22.55 -15.33 -10.65
C HIS C 196 22.77 -14.91 -9.21
N LEU C 197 23.06 -15.87 -8.36
CA LEU C 197 23.11 -15.61 -6.93
C LEU C 197 24.22 -14.61 -6.54
N SER C 198 25.32 -14.62 -7.31
CA SER C 198 26.41 -13.67 -7.12
C SER C 198 25.93 -12.21 -7.23
N ASP C 199 25.03 -11.93 -8.20
CA ASP C 199 24.47 -10.61 -8.35
C ASP C 199 23.64 -10.22 -7.12
N LEU C 200 22.80 -11.12 -6.64
CA LEU C 200 21.99 -10.82 -5.45
C LEU C 200 22.84 -10.47 -4.23
N LEU C 201 23.89 -11.24 -4.00
CA LEU C 201 24.81 -10.99 -2.91
C LEU C 201 25.56 -9.68 -3.08
N ASN C 202 26.03 -9.38 -4.28
CA ASN C 202 26.68 -8.09 -4.56
C ASN C 202 25.85 -6.84 -4.16
N SER C 204 22.87 -6.67 -2.21
CA SER C 204 21.99 -6.70 -1.06
C SER C 204 22.62 -6.02 0.18
N ASP C 205 21.85 -5.22 0.90
CA ASP C 205 22.28 -4.70 2.21
C ASP C 205 22.03 -5.72 3.35
N VAL C 206 21.00 -6.54 3.15
CA VAL C 206 20.64 -7.63 4.05
C VAL C 206 20.37 -8.84 3.17
N VAL C 207 21.04 -9.93 3.53
CA VAL C 207 20.74 -11.24 2.94
C VAL C 207 20.07 -12.10 4.00
N SER C 208 18.99 -12.76 3.61
CA SER C 208 18.29 -13.65 4.52
C SER C 208 17.88 -14.94 3.79
N LEU C 209 18.14 -16.06 4.45
CA LEU C 209 18.08 -17.41 3.88
C LEU C 209 16.84 -18.12 4.34
N HIS C 210 16.14 -18.72 3.38
CA HIS C 210 14.81 -19.37 3.59
C HIS C 210 14.61 -20.63 2.72
N VAL C 211 15.67 -21.44 2.73
CA VAL C 211 15.83 -22.61 1.89
C VAL C 211 15.68 -23.92 2.69
N PRO C 212 15.47 -25.05 1.99
CA PRO C 212 15.43 -26.35 2.70
C PRO C 212 16.82 -26.93 3.07
N GLU C 213 16.83 -28.12 3.67
CA GLU C 213 18.08 -28.79 4.01
C GLU C 213 18.37 -29.88 3.03
N ASN C 214 19.37 -29.70 2.22
CA ASN C 214 19.71 -30.78 1.33
C ASN C 214 21.08 -30.51 0.70
N PRO C 215 21.57 -31.48 -0.08
CA PRO C 215 22.86 -31.39 -0.71
C PRO C 215 23.05 -30.00 -1.31
N SER C 216 22.01 -29.50 -1.95
CA SER C 216 22.14 -28.23 -2.63
C SER C 216 22.40 -27.02 -1.71
N THR C 217 21.86 -27.07 -0.45
CA THR C 217 21.98 -25.94 0.46
C THR C 217 23.06 -26.15 1.51
N LYS C 218 23.68 -27.31 1.56
CA LYS C 218 24.70 -27.60 2.57
C LYS C 218 25.86 -26.61 2.42
N ASN C 219 26.19 -25.91 3.50
CA ASN C 219 27.20 -24.83 3.48
C ASN C 219 27.19 -23.95 2.23
N GLY C 222 29.25 -20.13 2.03
CA GLY C 222 30.64 -20.27 2.41
C GLY C 222 31.46 -18.98 2.32
N ALA C 223 32.76 -19.11 2.53
CA ALA C 223 33.68 -17.99 2.46
C ALA C 223 33.55 -17.20 1.15
N LYS C 224 33.46 -17.90 0.03
CA LYS C 224 33.28 -17.27 -1.28
C LYS C 224 32.03 -16.39 -1.32
N GLU C 225 30.91 -16.96 -0.95
CA GLU C 225 29.64 -16.27 -1.04
C GLU C 225 29.60 -15.07 -0.10
N ILE C 226 30.13 -15.24 1.09
CA ILE C 226 30.23 -14.15 2.04
C ILE C 226 31.16 -13.05 1.53
N SER C 227 32.22 -13.36 0.78
CA SER C 227 33.08 -12.29 0.26
C SER C 227 32.43 -11.53 -0.91
N LEU C 228 31.48 -12.21 -1.57
CA LEU C 228 30.66 -11.61 -2.64
C LEU C 228 29.64 -10.63 -2.13
N LYS C 230 27.97 -7.54 -0.04
CA LYS C 230 28.32 -6.14 -0.05
C LYS C 230 29.01 -5.79 1.28
N PRO C 231 30.04 -4.93 1.24
CA PRO C 231 30.65 -4.50 2.50
C PRO C 231 29.70 -3.79 3.45
N GLY C 232 29.72 -4.20 4.71
CA GLY C 232 28.86 -3.65 5.74
C GLY C 232 27.48 -4.26 5.72
N SER C 233 27.30 -5.31 4.90
CA SER C 233 26.01 -5.98 4.82
C SER C 233 25.85 -6.85 6.05
N LEU C 234 24.64 -7.41 6.16
CA LEU C 234 24.23 -8.27 7.26
C LEU C 234 23.72 -9.61 6.72
N LEU C 235 24.06 -10.69 7.41
CA LEU C 235 23.55 -12.00 7.06
C LEU C 235 22.56 -12.48 8.11
N ILE C 236 21.44 -13.00 7.66
CA ILE C 236 20.44 -13.58 8.56
C ILE C 236 20.17 -15.00 8.12
N ASN C 237 20.34 -15.95 9.04
CA ASN C 237 19.87 -17.33 8.82
C ASN C 237 18.94 -17.89 9.89
N ALA C 238 17.67 -18.00 9.53
CA ALA C 238 16.68 -18.68 10.35
C ALA C 238 15.98 -19.75 9.52
N SER C 239 16.70 -20.30 8.54
CA SER C 239 16.24 -21.46 7.80
C SER C 239 16.79 -22.75 8.46
N ARG C 240 17.96 -23.22 8.05
CA ARG C 240 18.51 -24.48 8.58
C ARG C 240 19.94 -24.35 9.05
N GLY C 241 20.31 -25.20 10.01
CA GLY C 241 21.60 -25.15 10.70
C GLY C 241 22.85 -25.45 9.90
N THR C 242 22.69 -26.01 8.71
CA THR C 242 23.80 -26.51 7.86
C THR C 242 24.08 -25.60 6.67
N VAL C 243 23.31 -24.55 6.54
CA VAL C 243 23.30 -23.73 5.32
C VAL C 243 24.46 -22.72 5.26
N VAL C 244 24.91 -22.25 6.42
CA VAL C 244 26.01 -21.31 6.51
C VAL C 244 27.24 -21.97 7.13
N ASP C 245 28.38 -21.76 6.50
CA ASP C 245 29.67 -22.06 7.12
C ASP C 245 29.93 -20.98 8.19
N ILE C 246 29.73 -21.35 9.46
CA ILE C 246 29.77 -20.40 10.57
C ILE C 246 31.17 -19.91 10.88
N PRO C 247 32.16 -20.80 10.79
CA PRO C 247 33.53 -20.25 10.93
C PRO C 247 33.89 -19.18 9.89
N ALA C 248 33.46 -19.36 8.64
CA ALA C 248 33.67 -18.36 7.58
C ALA C 248 32.93 -17.04 7.90
N LEU C 249 31.73 -17.15 8.43
CA LEU C 249 30.97 -16.02 8.84
C LEU C 249 31.70 -15.30 9.97
N CYS C 250 32.20 -16.04 10.96
CA CYS C 250 33.04 -15.46 12.01
C CYS C 250 34.22 -14.64 11.47
N ASP C 251 34.89 -15.15 10.45
CA ASP C 251 36.01 -14.46 9.83
C ASP C 251 35.60 -13.16 9.15
N ALA C 252 34.40 -13.14 8.56
CA ALA C 252 33.89 -11.99 7.84
C ALA C 252 33.42 -10.90 8.81
N LEU C 253 33.07 -11.33 10.03
CA LEU C 253 32.58 -10.42 11.06
C LEU C 253 33.79 -9.75 11.74
N ALA C 254 34.78 -10.56 11.98
CA ALA C 254 36.03 -10.12 12.55
C ALA C 254 36.77 -9.16 11.58
N SER C 255 36.73 -9.45 10.28
CA SER C 255 37.34 -8.59 9.27
C SER C 255 36.47 -7.41 8.94
N LYS C 256 35.28 -7.37 9.51
CA LYS C 256 34.32 -6.29 9.31
C LYS C 256 33.76 -6.21 7.92
N HIS C 257 34.01 -7.22 7.10
CA HIS C 257 33.40 -7.26 5.79
C HIS C 257 31.89 -7.20 5.96
N LEU C 258 31.37 -7.95 6.93
CA LEU C 258 29.97 -7.83 7.33
C LEU C 258 29.92 -7.06 8.62
N ALA C 259 28.79 -6.40 8.83
CA ALA C 259 28.57 -5.49 9.96
C ALA C 259 27.77 -6.14 11.08
N GLY C 260 27.27 -7.34 10.82
CA GLY C 260 26.50 -8.07 11.79
C GLY C 260 25.84 -9.25 11.15
N ALA C 261 25.24 -10.08 12.01
CA ALA C 261 24.42 -11.22 11.58
C ALA C 261 23.36 -11.59 12.61
N ALA C 262 22.43 -12.47 12.21
CA ALA C 262 21.40 -12.98 13.12
C ALA C 262 21.21 -14.46 12.80
N ILE C 263 21.65 -15.36 13.68
CA ILE C 263 21.56 -16.79 13.43
C ILE C 263 20.60 -17.38 14.45
N ASP C 264 19.59 -18.11 13.93
CA ASP C 264 18.58 -18.82 14.77
C ASP C 264 18.80 -20.36 14.82
N VAL C 265 19.71 -20.86 13.98
CA VAL C 265 19.83 -22.27 13.74
C VAL C 265 21.29 -22.58 13.52
N PHE C 266 21.73 -23.71 14.06
CA PHE C 266 23.16 -24.02 14.14
C PHE C 266 23.37 -25.48 13.77
N PRO C 267 24.59 -25.80 13.35
CA PRO C 267 24.92 -27.18 12.99
C PRO C 267 24.75 -28.16 14.13
N THR C 268 25.13 -27.75 15.34
CA THR C 268 24.84 -28.51 16.55
C THR C 268 24.10 -27.63 17.54
N GLU C 269 22.92 -28.06 17.93
CA GLU C 269 22.09 -27.34 18.88
C GLU C 269 21.89 -28.19 20.14
N PRO C 270 21.76 -27.56 21.32
CA PRO C 270 21.34 -28.27 22.52
C PRO C 270 20.06 -29.10 22.36
N ALA C 271 20.07 -30.30 22.93
CA ALA C 271 18.92 -31.20 22.91
C ALA C 271 17.79 -30.67 23.76
N THR C 272 18.14 -29.94 24.82
CA THR C 272 17.17 -29.42 25.77
C THR C 272 17.72 -28.12 26.26
N ASN C 273 16.89 -27.40 26.97
CA ASN C 273 17.30 -26.12 27.42
C ASN C 273 18.32 -26.12 28.53
N SER C 274 18.60 -27.31 29.15
CA SER C 274 19.57 -27.49 30.26
C SER C 274 20.98 -27.70 29.78
N ASP C 275 21.09 -28.08 28.50
CA ASP C 275 22.34 -28.37 27.87
C ASP C 275 22.94 -27.08 27.36
N PRO C 276 24.25 -26.93 27.58
CA PRO C 276 24.95 -25.71 27.17
C PRO C 276 24.96 -25.52 25.68
N PHE C 277 25.03 -24.25 25.29
CA PHE C 277 25.15 -23.81 23.92
C PHE C 277 26.55 -23.21 23.77
N THR C 278 27.16 -23.43 22.62
CA THR C 278 28.40 -22.78 22.30
C THR C 278 28.50 -22.62 20.80
N SER C 279 28.98 -21.45 20.39
CA SER C 279 29.23 -21.10 18.97
C SER C 279 30.41 -20.16 18.96
N PRO C 280 31.25 -20.24 17.93
CA PRO C 280 32.33 -19.25 17.88
C PRO C 280 31.75 -17.83 17.66
N LEU C 281 30.47 -17.79 17.28
CA LEU C 281 29.75 -16.55 17.16
C LEU C 281 29.48 -15.84 18.47
N CYS C 282 29.58 -16.55 19.58
CA CYS C 282 29.21 -15.99 20.89
C CYS C 282 30.11 -14.80 21.25
N GLU C 283 31.28 -14.76 20.62
CA GLU C 283 32.29 -13.74 20.82
C GLU C 283 31.83 -12.30 20.40
N PHE C 284 30.93 -12.23 19.41
CA PHE C 284 30.49 -11.00 18.73
C PHE C 284 29.19 -10.39 19.30
N ASP C 285 29.31 -9.19 19.84
CA ASP C 285 28.12 -8.40 20.29
C ASP C 285 27.20 -7.88 19.16
N ASN C 286 27.77 -7.72 17.97
CA ASN C 286 27.00 -7.39 16.77
C ASN C 286 26.31 -8.56 16.04
N VAL C 287 26.21 -9.70 16.74
CA VAL C 287 25.46 -10.89 16.27
C VAL C 287 24.29 -11.24 17.23
N LEU C 288 23.09 -11.31 16.66
CA LEU C 288 21.95 -11.87 17.35
C LEU C 288 21.94 -13.41 17.25
N LEU C 289 21.99 -14.07 18.41
CA LEU C 289 21.92 -15.51 18.49
C LEU C 289 20.63 -15.90 19.18
N THR C 290 19.80 -16.69 18.50
CA THR C 290 18.53 -17.12 19.11
C THR C 290 18.41 -18.65 19.11
N PRO C 291 17.77 -19.21 20.14
CA PRO C 291 17.64 -20.66 20.29
C PRO C 291 16.55 -21.38 19.46
N HIS C 292 16.66 -21.25 18.14
CA HIS C 292 15.80 -21.91 17.20
C HIS C 292 14.35 -21.59 17.51
N ILE C 293 14.10 -20.31 17.69
CA ILE C 293 12.76 -19.83 18.07
C ILE C 293 12.13 -19.05 16.92
N GLY C 294 12.64 -19.23 15.72
CA GLY C 294 12.08 -18.62 14.53
C GLY C 294 10.58 -18.84 14.40
N GLY C 295 10.12 -20.02 14.73
CA GLY C 295 8.71 -20.33 14.61
C GLY C 295 8.02 -20.46 15.94
N SER C 296 8.68 -19.98 17.01
CA SER C 296 8.24 -20.28 18.36
C SER C 296 7.43 -19.12 18.94
N THR C 297 6.18 -19.03 18.48
CA THR C 297 5.21 -18.06 18.96
C THR C 297 3.91 -18.78 19.28
N GLN C 298 3.10 -18.17 20.13
CA GLN C 298 1.77 -18.66 20.42
C GLN C 298 0.86 -18.66 19.21
N GLU C 299 1.10 -17.75 18.27
CA GLU C 299 0.26 -17.72 17.07
C GLU C 299 0.60 -18.89 16.18
N ALA C 300 1.90 -19.15 16.03
CA ALA C 300 2.36 -20.37 15.33
C ALA C 300 1.81 -21.66 15.96
N GLN C 301 1.98 -21.82 17.25
CA GLN C 301 1.37 -22.95 17.96
C GLN C 301 -0.10 -23.15 17.72
N GLU C 302 -0.78 -22.04 17.64
CA GLU C 302 -2.19 -22.06 17.39
C GLU C 302 -2.51 -22.58 15.99
N ASN C 303 -1.76 -22.13 14.99
CA ASN C 303 -1.96 -22.49 13.60
C ASN C 303 -1.72 -23.98 13.46
N ILE C 304 -0.63 -24.43 14.08
CA ILE C 304 -0.26 -25.85 14.09
C ILE C 304 -1.40 -26.69 14.72
N GLY C 305 -1.91 -26.26 15.85
CA GLY C 305 -3.02 -26.94 16.53
C GLY C 305 -4.21 -27.17 15.64
N LEU C 306 -4.58 -26.17 14.85
CA LEU C 306 -5.75 -26.27 13.98
C LEU C 306 -5.45 -27.16 12.80
N GLU C 307 -4.28 -27.00 12.21
CA GLU C 307 -3.94 -27.76 11.04
C GLU C 307 -3.90 -29.25 11.31
N VAL C 308 -3.12 -29.64 12.30
CA VAL C 308 -2.87 -31.03 12.60
C VAL C 308 -4.08 -31.71 13.25
N ALA C 309 -4.76 -31.05 14.18
CA ALA C 309 -6.02 -31.59 14.65
C ALA C 309 -6.96 -31.86 13.42
N GLY C 310 -7.01 -30.91 12.48
CA GLY C 310 -7.90 -31.01 11.34
C GLY C 310 -7.51 -32.13 10.42
N LYS C 311 -6.22 -32.37 10.30
CA LYS C 311 -5.74 -33.52 9.51
C LYS C 311 -6.18 -34.83 10.17
N LEU C 312 -6.01 -34.91 11.49
CA LEU C 312 -6.43 -36.09 12.21
C LEU C 312 -7.94 -36.36 12.05
N ILE C 313 -8.73 -35.31 12.23
CA ILE C 313 -10.19 -35.37 12.15
C ILE C 313 -10.69 -35.82 10.78
N LYS C 314 -10.04 -35.35 9.74
CA LYS C 314 -10.44 -35.69 8.39
C LYS C 314 -10.09 -37.13 8.07
N TYR C 315 -8.98 -37.61 8.63
CA TYR C 315 -8.61 -38.99 8.42
C TYR C 315 -9.69 -39.85 9.09
N SER C 316 -9.98 -39.53 10.33
CA SER C 316 -11.01 -40.22 11.08
C SER C 316 -12.37 -40.16 10.42
N ASP C 317 -12.80 -38.97 10.04
CA ASP C 317 -14.15 -38.82 9.53
C ASP C 317 -14.34 -39.27 8.08
N ASN C 318 -13.34 -39.05 7.24
CA ASN C 318 -13.49 -39.35 5.80
C ASN C 318 -12.32 -40.07 5.11
N GLY C 319 -11.30 -40.45 5.88
CA GLY C 319 -10.27 -41.35 5.37
C GLY C 319 -9.16 -40.67 4.61
N SER C 320 -9.20 -39.34 4.52
CA SER C 320 -8.16 -38.61 3.77
C SER C 320 -6.80 -38.74 4.39
N THR C 321 -5.84 -39.05 3.55
CA THR C 321 -4.45 -39.13 3.95
C THR C 321 -3.60 -38.14 3.18
N LEU C 322 -4.20 -37.09 2.66
CA LEU C 322 -3.37 -36.09 2.00
C LEU C 322 -2.42 -35.43 2.99
N SER C 323 -1.20 -35.21 2.53
CA SER C 323 -0.12 -34.64 3.32
C SER C 323 0.43 -35.61 4.32
N ALA C 324 -0.05 -36.86 4.33
CA ALA C 324 0.56 -37.84 5.20
C ALA C 324 1.99 -38.01 4.72
N VAL C 325 2.87 -38.22 5.65
CA VAL C 325 4.31 -38.10 5.41
C VAL C 325 4.96 -39.49 5.11
N ASN C 326 4.26 -40.56 5.50
CA ASN C 326 4.78 -41.92 5.45
C ASN C 326 3.81 -42.89 4.75
N PHE C 327 2.89 -42.39 3.94
CA PHE C 327 1.69 -43.15 3.57
C PHE C 327 1.14 -42.73 2.22
N PRO C 328 0.58 -43.69 1.47
CA PRO C 328 -0.19 -43.38 0.25
C PRO C 328 -1.23 -42.26 0.49
N GLU C 329 -1.18 -41.20 -0.31
CA GLU C 329 -2.16 -40.12 -0.20
C GLU C 329 -3.38 -40.36 -1.04
N VAL C 330 -4.51 -40.45 -0.37
CA VAL C 330 -5.78 -40.64 -0.98
C VAL C 330 -6.75 -39.67 -0.36
N SER C 331 -7.59 -39.05 -1.17
CA SER C 331 -8.79 -38.39 -0.64
C SER C 331 -9.85 -38.31 -1.71
N LEU C 332 -11.09 -38.54 -1.34
CA LEU C 332 -12.18 -38.49 -2.24
C LEU C 332 -13.18 -37.46 -1.77
N PRO C 333 -13.79 -36.73 -2.71
CA PRO C 333 -14.78 -35.75 -2.30
C PRO C 333 -15.98 -36.44 -1.71
N LEU C 334 -16.67 -35.70 -0.88
CA LEU C 334 -17.76 -36.19 -0.13
C LEU C 334 -18.99 -36.01 -0.98
N HIS C 335 -19.50 -37.12 -1.50
CA HIS C 335 -20.70 -37.09 -2.30
C HIS C 335 -21.75 -37.97 -1.64
N GLY C 336 -21.79 -38.01 -0.31
CA GLY C 336 -22.81 -38.82 0.36
C GLY C 336 -22.74 -40.31 0.10
N GLY C 337 -23.81 -41.03 0.39
CA GLY C 337 -23.75 -42.49 0.39
C GLY C 337 -22.90 -43.06 1.53
N ARG C 338 -22.32 -44.24 1.34
CA ARG C 338 -21.48 -44.85 2.36
C ARG C 338 -20.08 -44.95 1.86
N ARG C 339 -19.14 -44.95 2.80
CA ARG C 339 -17.71 -44.92 2.52
C ARG C 339 -16.92 -45.94 3.34
N LEU C 340 -16.16 -46.78 2.65
CA LEU C 340 -15.31 -47.76 3.27
C LEU C 340 -13.90 -47.46 2.96
N HIS C 342 -9.75 -49.35 3.19
CA HIS C 342 -9.05 -50.60 3.31
C HIS C 342 -7.55 -50.39 3.17
N ILE C 343 -6.83 -50.68 4.25
CA ILE C 343 -5.40 -50.60 4.27
C ILE C 343 -4.88 -52.03 4.22
N HIS C 344 -3.89 -52.27 3.34
CA HIS C 344 -3.35 -53.60 3.11
C HIS C 344 -1.89 -53.69 2.61
N GLU C 345 -1.28 -54.84 2.83
CA GLU C 345 -0.09 -55.23 2.10
C GLU C 345 -0.55 -55.46 0.67
N ASN C 346 0.37 -55.26 -0.28
CA ASN C 346 0.02 -55.36 -1.69
C ASN C 346 0.22 -56.81 -2.14
N ARG C 347 -0.69 -57.65 -1.65
CA ARG C 347 -0.71 -59.06 -1.97
C ARG C 347 -1.49 -59.25 -3.24
N PRO C 348 -1.16 -60.30 -3.99
CA PRO C 348 -1.89 -60.47 -5.22
C PRO C 348 -3.39 -60.67 -4.92
N GLY C 349 -4.24 -60.06 -5.73
CA GLY C 349 -5.68 -60.33 -5.64
C GLY C 349 -6.44 -59.56 -4.58
N VAL C 350 -5.81 -58.64 -3.86
CA VAL C 350 -6.58 -57.83 -2.91
C VAL C 350 -7.72 -57.10 -3.62
N LEU C 351 -7.38 -56.42 -4.70
CA LEU C 351 -8.37 -55.64 -5.42
C LEU C 351 -9.51 -56.43 -6.03
N THR C 352 -9.16 -57.50 -6.74
CA THR C 352 -10.19 -58.34 -7.34
C THR C 352 -11.07 -58.94 -6.24
N ALA C 353 -10.51 -59.13 -5.05
CA ALA C 353 -11.27 -59.69 -3.95
C ALA C 353 -12.32 -58.66 -3.51
N LEU C 354 -11.91 -57.40 -3.44
CA LEU C 354 -12.82 -56.29 -3.11
C LEU C 354 -14.04 -56.23 -4.00
N ASN C 355 -13.87 -56.28 -5.31
CA ASN C 355 -15.05 -56.39 -6.18
C ASN C 355 -15.90 -57.59 -5.97
N LYS C 356 -15.26 -58.76 -5.86
CA LYS C 356 -16.01 -59.98 -5.76
C LYS C 356 -17.03 -59.81 -4.64
N ILE C 357 -16.60 -59.15 -3.57
CA ILE C 357 -17.44 -58.86 -2.41
C ILE C 357 -18.66 -58.01 -2.79
N PHE C 358 -18.42 -56.89 -3.48
CA PHE C 358 -19.47 -56.00 -3.93
C PHE C 358 -20.35 -56.60 -5.01
N ALA C 359 -19.83 -57.48 -5.84
CA ALA C 359 -20.67 -58.24 -6.78
C ALA C 359 -21.63 -59.21 -6.07
N GLU C 360 -21.09 -60.12 -5.28
CA GLU C 360 -21.92 -61.07 -4.52
C GLU C 360 -22.79 -60.44 -3.41
N GLN C 361 -22.47 -59.20 -3.03
CA GLN C 361 -23.32 -58.39 -2.12
C GLN C 361 -24.24 -57.43 -2.94
N GLY C 362 -23.96 -57.23 -4.23
CA GLY C 362 -24.86 -56.50 -5.16
C GLY C 362 -24.70 -54.98 -5.17
N VAL C 363 -23.59 -54.52 -4.61
CA VAL C 363 -23.32 -53.13 -4.29
C VAL C 363 -22.68 -52.42 -5.45
N ASN C 364 -23.24 -51.27 -5.82
CA ASN C 364 -22.68 -50.41 -6.87
C ASN C 364 -21.71 -49.41 -6.29
N ILE C 365 -20.53 -49.37 -6.86
CA ILE C 365 -19.50 -48.46 -6.43
C ILE C 365 -19.68 -47.11 -7.11
N ALA C 366 -19.59 -46.02 -6.34
CA ALA C 366 -19.73 -44.67 -6.89
C ALA C 366 -18.37 -44.01 -7.16
N ALA C 367 -17.39 -44.35 -6.34
CA ALA C 367 -16.05 -43.86 -6.49
C ALA C 367 -15.13 -44.79 -5.75
N GLN C 368 -13.88 -44.78 -6.20
CA GLN C 368 -12.83 -45.58 -5.62
C GLN C 368 -11.50 -44.94 -5.95
N TYR C 369 -10.70 -44.76 -4.92
CA TYR C 369 -9.39 -44.14 -5.05
C TYR C 369 -8.36 -45.04 -4.34
N LEU C 370 -7.55 -45.71 -5.15
CA LEU C 370 -6.45 -46.51 -4.66
C LEU C 370 -5.12 -45.83 -4.92
N GLN C 371 -4.24 -45.89 -3.92
CA GLN C 371 -2.84 -45.47 -4.07
C GLN C 371 -1.99 -46.39 -3.23
N THR C 372 -0.77 -46.57 -3.69
CA THR C 372 0.15 -47.52 -3.12
C THR C 372 1.46 -46.86 -2.91
N SER C 373 2.23 -47.44 -2.01
CA SER C 373 3.58 -47.07 -1.82
C SER C 373 4.40 -48.27 -1.32
N ALA C 374 5.29 -48.78 -2.18
CA ALA C 374 6.05 -49.97 -1.89
C ALA C 374 5.04 -51.13 -1.64
N GLN C 375 5.17 -51.90 -0.56
N GLN C 375 5.17 -51.77 -0.49
CA GLN C 375 4.23 -53.02 -0.30
CA GLN C 375 4.38 -52.93 -0.14
C GLN C 375 3.03 -52.56 0.51
C GLN C 375 3.03 -52.56 0.47
N GLY C 377 -0.64 -50.50 0.61
CA GLY C 377 -1.74 -50.06 -0.23
C GLY C 377 -2.92 -49.52 0.57
N TYR C 378 -3.60 -48.52 -0.01
CA TYR C 378 -4.71 -47.88 0.65
C TYR C 378 -5.72 -47.44 -0.40
N VAL C 379 -6.96 -47.93 -0.16
CA VAL C 379 -8.11 -47.63 -1.01
C VAL C 379 -9.35 -47.21 -0.24
N VAL C 380 -9.98 -46.17 -0.78
CA VAL C 380 -11.20 -45.62 -0.20
C VAL C 380 -12.30 -45.77 -1.25
N ILE C 381 -13.43 -46.30 -0.81
CA ILE C 381 -14.52 -46.66 -1.69
C ILE C 381 -15.87 -46.09 -1.22
N ASP C 382 -16.53 -45.42 -2.15
CA ASP C 382 -17.89 -44.97 -1.99
C ASP C 382 -18.83 -45.94 -2.71
N ILE C 383 -19.90 -46.29 -1.99
CA ILE C 383 -20.91 -47.24 -2.43
C ILE C 383 -22.32 -46.69 -2.15
N GLU C 384 -23.28 -47.18 -2.91
CA GLU C 384 -24.67 -46.87 -2.70
C GLU C 384 -25.26 -48.16 -2.12
N ALA C 385 -25.49 -48.15 -0.83
CA ALA C 385 -25.93 -49.33 -0.16
C ALA C 385 -26.40 -48.98 1.23
N ASP C 386 -27.51 -49.57 1.65
CA ASP C 386 -27.95 -49.45 3.04
C ASP C 386 -26.89 -49.95 4.03
N GLU C 387 -27.18 -49.72 5.31
CA GLU C 387 -26.28 -50.00 6.41
C GLU C 387 -25.94 -51.48 6.55
N ASP C 388 -26.95 -52.35 6.55
CA ASP C 388 -26.69 -53.76 6.82
C ASP C 388 -25.87 -54.41 5.72
N VAL C 389 -25.97 -53.87 4.50
CA VAL C 389 -25.20 -54.39 3.36
C VAL C 389 -23.75 -53.96 3.46
N ALA C 390 -23.56 -52.66 3.73
CA ALA C 390 -22.24 -52.08 3.93
C ALA C 390 -21.51 -52.79 5.05
N GLU C 391 -22.23 -53.08 6.13
CA GLU C 391 -21.65 -53.79 7.27
C GLU C 391 -21.24 -55.22 6.91
N LYS C 392 -22.10 -55.90 6.15
CA LYS C 392 -21.77 -57.24 5.67
C LYS C 392 -20.50 -57.22 4.80
N ALA C 393 -20.49 -56.32 3.83
CA ALA C 393 -19.31 -56.11 2.98
C ALA C 393 -18.02 -55.80 3.79
N LEU C 394 -18.12 -54.97 4.81
CA LEU C 394 -16.99 -54.66 5.66
C LEU C 394 -16.39 -55.90 6.31
N GLN C 395 -17.23 -56.76 6.89
CA GLN C 395 -16.70 -57.95 7.51
C GLN C 395 -15.94 -58.81 6.55
N ALA C 396 -16.44 -58.90 5.32
CA ALA C 396 -15.82 -59.68 4.29
C ALA C 396 -14.45 -59.12 3.93
N LYS C 398 -12.47 -57.31 5.97
CA LYS C 398 -11.47 -57.43 7.02
C LYS C 398 -10.72 -58.74 6.89
N ALA C 399 -11.32 -59.70 6.17
CA ALA C 399 -10.77 -61.07 6.03
C ALA C 399 -9.93 -61.31 4.80
N ILE C 400 -9.91 -60.38 3.86
CA ILE C 400 -9.02 -60.49 2.71
C ILE C 400 -7.57 -60.64 3.16
N PRO C 401 -6.88 -61.70 2.73
CA PRO C 401 -5.46 -61.88 3.08
C PRO C 401 -4.61 -60.67 2.71
N GLY C 402 -3.87 -60.18 3.70
CA GLY C 402 -3.07 -58.99 3.56
C GLY C 402 -3.72 -57.72 4.10
N THR C 403 -4.97 -57.82 4.55
CA THR C 403 -5.68 -56.70 5.16
C THR C 403 -4.97 -56.33 6.47
N ILE C 404 -4.69 -55.03 6.60
CA ILE C 404 -4.18 -54.46 7.84
C ILE C 404 -5.28 -53.75 8.64
N ARG C 405 -6.12 -53.00 7.97
CA ARG C 405 -7.24 -52.38 8.62
C ARG C 405 -8.27 -52.10 7.56
N ALA C 406 -9.52 -52.32 7.95
CA ALA C 406 -10.66 -51.92 7.15
C ALA C 406 -11.72 -51.33 8.10
N ARG C 407 -12.39 -50.29 7.61
CA ARG C 407 -13.34 -49.53 8.39
C ARG C 407 -14.40 -48.95 7.46
N LEU C 408 -15.59 -48.82 8.02
CA LEU C 408 -16.71 -48.06 7.43
C LEU C 408 -16.74 -46.70 8.10
N LEU C 409 -16.50 -45.66 7.32
CA LEU C 409 -16.31 -44.31 7.83
C LEU C 409 -17.65 -43.63 8.00
N TYR C 410 -18.51 -43.73 6.99
CA TYR C 410 -19.89 -43.20 7.14
C TYR C 410 -20.94 -43.92 6.28
N SER D 5 32.37 32.24 -8.87
CA SER D 5 32.42 32.53 -7.41
C SER D 5 33.69 33.36 -7.05
N LEU D 6 34.05 34.33 -7.91
CA LEU D 6 35.08 35.36 -7.62
C LEU D 6 35.06 35.77 -6.11
N GLU D 7 34.08 36.60 -5.71
CA GLU D 7 33.92 37.16 -4.33
C GLU D 7 33.37 36.20 -3.21
N LYS D 8 32.80 35.05 -3.61
CA LYS D 8 32.32 33.99 -2.67
C LYS D 8 33.41 33.07 -2.11
N ASP D 9 34.47 32.87 -2.89
CA ASP D 9 35.61 32.08 -2.46
C ASP D 9 36.24 32.59 -1.19
N LYS D 10 36.06 33.86 -0.90
CA LYS D 10 36.59 34.45 0.32
C LYS D 10 35.71 34.09 1.53
N ILE D 11 34.57 33.47 1.28
CA ILE D 11 33.65 33.13 2.36
C ILE D 11 33.93 31.71 2.88
N LYS D 12 34.61 31.66 4.02
CA LYS D 12 35.14 30.42 4.56
C LYS D 12 34.09 29.78 5.42
N PHE D 13 33.83 28.52 5.09
CA PHE D 13 33.03 27.66 5.92
C PHE D 13 33.94 26.72 6.71
N LEU D 14 33.82 26.76 8.04
CA LEU D 14 34.45 25.79 8.91
C LEU D 14 33.41 24.77 9.34
N LEU D 15 33.62 23.52 8.95
CA LEU D 15 32.79 22.38 9.36
C LEU D 15 33.56 21.40 10.24
N VAL D 16 33.10 21.21 11.47
CA VAL D 16 33.72 20.30 12.42
C VAL D 16 32.76 19.21 12.81
N GLU D 17 33.35 18.15 13.36
CA GLU D 17 32.64 17.01 13.90
C GLU D 17 31.93 16.12 12.88
N GLY D 18 32.36 16.19 11.62
CA GLY D 18 31.94 15.23 10.62
C GLY D 18 30.49 15.31 10.21
N VAL D 19 30.04 16.49 9.83
CA VAL D 19 28.72 16.61 9.24
C VAL D 19 28.65 15.81 7.91
N HIS D 20 27.44 15.46 7.48
CA HIS D 20 27.28 14.62 6.29
C HIS D 20 27.89 15.30 5.07
N GLN D 21 28.32 14.49 4.12
CA GLN D 21 28.91 15.01 2.91
C GLN D 21 27.88 15.77 2.10
N LYS D 22 26.61 15.65 2.45
CA LYS D 22 25.57 16.30 1.71
C LYS D 22 25.58 17.77 2.01
N ALA D 23 26.10 18.14 3.17
CA ALA D 23 26.21 19.54 3.53
C ALA D 23 27.23 20.22 2.61
N LEU D 24 28.30 19.52 2.29
CA LEU D 24 29.32 20.11 1.47
C LEU D 24 28.85 20.14 0.01
N GLU D 25 28.12 19.13 -0.43
CA GLU D 25 27.52 19.12 -1.77
C GLU D 25 26.57 20.28 -2.00
N SER D 26 25.84 20.64 -0.95
CA SER D 26 24.92 21.78 -1.01
C SER D 26 25.74 23.05 -1.12
N LEU D 27 26.80 23.13 -0.35
CA LEU D 27 27.63 24.32 -0.36
C LEU D 27 28.31 24.52 -1.70
N ARG D 28 29.01 23.50 -2.19
CA ARG D 28 29.65 23.56 -3.49
C ARG D 28 28.62 23.93 -4.58
N ALA D 29 27.42 23.38 -4.50
CA ALA D 29 26.38 23.69 -5.46
C ALA D 29 25.86 25.13 -5.37
N ALA D 30 26.04 25.76 -4.23
CA ALA D 30 25.66 27.15 -4.07
C ALA D 30 26.84 28.12 -4.35
N GLY D 31 27.95 27.60 -4.89
CA GLY D 31 29.12 28.39 -5.18
C GLY D 31 30.02 28.61 -3.98
N TYR D 32 29.72 27.96 -2.86
CA TYR D 32 30.56 28.12 -1.68
C TYR D 32 31.54 26.96 -1.53
N THR D 33 32.78 27.25 -1.83
CA THR D 33 33.77 26.26 -2.16
C THR D 33 34.96 26.27 -1.20
N ASN D 34 35.11 27.36 -0.46
CA ASN D 34 36.13 27.49 0.56
C ASN D 34 35.61 26.84 1.82
N ILE D 35 35.96 25.56 1.99
CA ILE D 35 35.46 24.75 3.11
C ILE D 35 36.61 24.07 3.85
N GLU D 36 36.74 24.36 5.14
CA GLU D 36 37.64 23.60 5.99
C GLU D 36 36.78 22.53 6.65
N PHE D 37 37.08 21.26 6.34
CA PHE D 37 36.28 20.15 6.85
C PHE D 37 37.07 19.31 7.86
N HIS D 38 36.43 19.01 9.00
CA HIS D 38 37.01 18.12 10.00
C HIS D 38 36.00 17.08 10.42
N LYS D 39 36.44 15.82 10.56
CA LYS D 39 35.59 14.69 11.00
C LYS D 39 35.36 14.74 12.50
N GLY D 40 36.37 15.21 13.22
CA GLY D 40 36.29 15.33 14.65
C GLY D 40 36.13 16.75 15.11
N ALA D 41 36.27 16.95 16.41
CA ALA D 41 36.25 18.27 17.02
C ALA D 41 37.70 18.75 17.19
N LEU D 42 37.86 20.07 17.37
CA LEU D 42 39.17 20.69 17.41
C LEU D 42 39.50 21.10 18.84
N ASP D 43 40.75 20.93 19.29
CA ASP D 43 41.10 21.48 20.62
C ASP D 43 41.24 23.00 20.52
N ASP D 44 41.52 23.65 21.65
CA ASP D 44 41.40 25.10 21.75
C ASP D 44 42.21 25.95 20.73
N GLU D 45 43.54 25.96 20.78
CA GLU D 45 44.31 26.80 19.84
C GLU D 45 43.97 26.39 18.40
N GLN D 46 43.91 25.08 18.16
CA GLN D 46 43.49 24.52 16.86
C GLN D 46 42.14 25.08 16.41
N LEU D 47 41.20 25.23 17.33
CA LEU D 47 39.88 25.81 17.01
C LEU D 47 39.97 27.29 16.70
N LYS D 48 40.46 28.05 17.67
CA LYS D 48 40.59 29.49 17.53
C LYS D 48 41.33 29.84 16.22
N GLU D 49 42.30 29.01 15.85
CA GLU D 49 43.08 29.13 14.62
C GLU D 49 42.27 28.99 13.33
N SER D 50 41.39 28.01 13.29
CA SER D 50 40.57 27.76 12.11
C SER D 50 39.40 28.73 12.00
N ILE D 51 38.81 29.04 13.15
CA ILE D 51 37.64 29.90 13.24
C ILE D 51 37.93 31.40 13.00
N ARG D 52 39.10 31.88 13.44
CA ARG D 52 39.43 33.32 13.35
C ARG D 52 38.93 33.99 12.06
N ASP D 53 39.07 33.33 10.91
CA ASP D 53 38.77 33.94 9.60
C ASP D 53 37.56 33.29 8.89
N ALA D 54 36.81 32.47 9.64
CA ALA D 54 35.68 31.78 9.08
C ALA D 54 34.50 32.72 9.09
N HIS D 55 33.76 32.68 7.99
CA HIS D 55 32.52 33.44 7.86
C HIS D 55 31.35 32.67 8.42
N PHE D 56 31.43 31.34 8.29
CA PHE D 56 30.47 30.44 8.90
C PHE D 56 31.13 29.29 9.59
N ILE D 57 30.47 28.82 10.65
CA ILE D 57 30.87 27.56 11.26
C ILE D 57 29.69 26.58 11.39
N GLY D 58 29.96 25.34 11.00
CA GLY D 58 29.02 24.20 11.17
C GLY D 58 29.58 23.22 12.19
N LEU D 59 28.83 22.94 13.23
CA LEU D 59 29.32 22.10 14.29
C LEU D 59 28.23 21.12 14.71
N ARG D 60 28.52 20.31 15.70
CA ARG D 60 27.52 19.44 16.27
C ARG D 60 27.60 19.70 17.76
N SER D 61 27.39 18.66 18.57
CA SER D 61 27.19 18.80 20.02
C SER D 61 28.44 19.05 20.87
N ARG D 62 29.60 18.68 20.35
CA ARG D 62 30.82 18.66 21.19
C ARG D 62 31.59 19.98 21.21
N THR D 63 31.55 20.72 20.11
CA THR D 63 32.27 21.98 20.00
C THR D 63 31.51 23.04 20.79
N HIS D 64 32.19 23.72 21.72
CA HIS D 64 31.57 24.68 22.65
C HIS D 64 31.94 26.09 22.23
N LEU D 65 31.02 26.78 21.55
CA LEU D 65 31.24 28.16 21.14
C LEU D 65 30.83 29.08 22.27
N THR D 66 31.79 29.35 23.14
CA THR D 66 31.57 30.20 24.29
C THR D 66 31.71 31.66 23.84
N GLU D 67 31.40 32.54 24.75
CA GLU D 67 31.54 33.96 24.46
C GLU D 67 33.00 34.28 24.12
N ASP D 68 33.95 33.55 24.72
CA ASP D 68 35.34 33.82 24.44
C ASP D 68 35.72 33.36 23.05
N VAL D 69 35.28 32.17 22.64
CA VAL D 69 35.59 31.72 21.30
C VAL D 69 34.90 32.60 20.25
N ILE D 70 33.61 32.94 20.54
CA ILE D 70 32.78 33.68 19.60
C ILE D 70 33.37 35.07 19.31
N ASN D 71 33.73 35.78 20.39
CA ASN D 71 34.27 37.12 20.32
C ASN D 71 35.68 37.19 19.72
N ALA D 72 36.26 36.06 19.37
CA ALA D 72 37.57 36.06 18.75
C ALA D 72 37.47 35.76 17.26
N ALA D 73 36.27 35.37 16.83
CA ALA D 73 36.01 34.86 15.47
C ALA D 73 35.81 35.93 14.40
N GLU D 74 36.56 37.04 14.48
CA GLU D 74 36.67 38.15 13.50
C GLU D 74 35.65 38.22 12.35
N LYS D 75 35.75 37.29 11.40
CA LYS D 75 34.87 37.34 10.18
C LYS D 75 33.52 36.62 10.35
N LEU D 76 33.14 36.25 11.55
CA LEU D 76 32.04 35.29 11.69
C LEU D 76 30.65 35.91 11.49
N VAL D 77 29.84 35.26 10.64
CA VAL D 77 28.55 35.79 10.17
C VAL D 77 27.33 34.98 10.63
N ALA D 78 27.40 33.65 10.53
CA ALA D 78 26.34 32.83 11.12
C ALA D 78 26.84 31.46 11.65
N ILE D 79 26.04 30.87 12.53
CA ILE D 79 26.37 29.57 13.14
C ILE D 79 25.34 28.48 12.82
N GLY D 80 25.82 27.35 12.28
CA GLY D 80 24.99 26.18 11.99
C GLY D 80 25.30 25.00 12.92
N CYS D 81 24.35 24.69 13.79
CA CYS D 81 24.38 23.49 14.57
C CYS D 81 23.75 22.38 13.74
N PHE D 82 24.58 21.44 13.28
CA PHE D 82 24.15 20.29 12.49
C PHE D 82 23.68 19.19 13.40
N CYS D 83 22.64 19.54 14.13
CA CYS D 83 22.06 18.76 15.21
C CYS D 83 20.90 19.56 15.82
N ILE D 84 20.28 19.02 16.83
CA ILE D 84 19.16 19.74 17.48
C ILE D 84 19.62 20.65 18.65
N GLY D 85 20.62 20.21 19.39
CA GLY D 85 21.07 20.94 20.56
C GLY D 85 21.77 22.23 20.20
N THR D 86 21.60 23.23 21.06
CA THR D 86 22.22 24.54 20.83
C THR D 86 22.92 25.06 22.08
N ASN D 87 22.97 24.25 23.13
CA ASN D 87 23.57 24.65 24.40
C ASN D 87 25.09 24.72 24.36
N GLN D 88 25.70 24.12 23.35
CA GLN D 88 27.14 24.23 23.15
C GLN D 88 27.51 25.63 22.62
N VAL D 89 26.51 26.36 22.10
CA VAL D 89 26.69 27.74 21.62
C VAL D 89 26.14 28.79 22.60
N ASP D 90 26.91 29.86 22.88
CA ASP D 90 26.39 30.98 23.66
C ASP D 90 25.55 31.82 22.72
N LEU D 91 24.24 31.65 22.84
CA LEU D 91 23.30 32.23 21.88
C LEU D 91 23.26 33.74 21.95
N ASP D 92 23.69 34.31 23.07
CA ASP D 92 23.65 35.76 23.22
C ASP D 92 24.94 36.38 22.77
N ALA D 93 26.06 35.76 23.11
CA ALA D 93 27.35 36.17 22.56
C ALA D 93 27.24 36.31 21.03
N ALA D 94 26.59 35.34 20.41
CA ALA D 94 26.26 35.37 19.00
C ALA D 94 25.31 36.55 18.64
N ALA D 95 24.13 36.58 19.26
CA ALA D 95 23.10 37.60 18.99
C ALA D 95 23.64 39.01 19.15
N LYS D 96 24.25 39.24 20.30
CA LYS D 96 24.88 40.51 20.61
C LYS D 96 25.98 40.90 19.59
N ARG D 97 26.63 39.92 18.98
CA ARG D 97 27.56 40.22 17.87
C ARG D 97 26.84 40.18 16.49
N GLY D 98 25.55 39.93 16.49
CA GLY D 98 24.74 40.04 15.29
C GLY D 98 24.84 38.81 14.45
N ILE D 99 24.94 37.66 15.13
CA ILE D 99 25.23 36.36 14.49
C ILE D 99 24.09 35.38 14.76
N PRO D 100 23.34 35.06 13.71
CA PRO D 100 22.26 34.07 13.87
C PRO D 100 22.77 32.65 14.07
N VAL D 101 22.03 31.90 14.86
CA VAL D 101 22.32 30.50 15.11
C VAL D 101 21.15 29.68 14.57
N PHE D 102 21.49 28.75 13.68
CA PHE D 102 20.51 27.84 13.09
C PHE D 102 20.72 26.40 13.61
N ASN D 103 19.63 25.63 13.63
CA ASN D 103 19.73 24.22 13.98
C ASN D 103 18.81 23.36 13.09
N ALA D 104 18.72 22.09 13.46
CA ALA D 104 17.89 21.08 12.80
C ALA D 104 16.95 20.49 13.86
N PRO D 105 15.69 20.94 13.91
CA PRO D 105 14.72 20.58 15.00
C PRO D 105 13.94 19.28 14.89
N PHE D 106 13.71 18.75 13.67
CA PHE D 106 13.08 17.41 13.47
C PHE D 106 13.56 16.62 12.23
N SER D 107 14.86 16.42 12.06
CA SER D 107 15.33 15.74 10.84
C SER D 107 15.51 14.20 11.03
N ASN D 108 14.74 13.60 11.94
CA ASN D 108 14.93 12.19 12.28
C ASN D 108 13.67 11.39 12.70
N THR D 109 12.53 11.74 12.14
CA THR D 109 11.25 11.15 12.52
C THR D 109 11.15 9.65 12.16
N ARG D 110 11.67 9.29 11.00
CA ARG D 110 11.66 7.90 10.55
C ARG D 110 12.59 7.00 11.41
N SER D 111 13.73 7.54 11.80
CA SER D 111 14.68 6.77 12.54
C SER D 111 14.06 6.37 13.86
N VAL D 112 13.40 7.28 14.56
CA VAL D 112 12.84 6.89 15.87
C VAL D 112 11.74 5.81 15.74
N ALA D 113 10.86 6.02 14.77
CA ALA D 113 9.74 5.11 14.52
C ALA D 113 10.20 3.72 14.14
N GLU D 114 11.12 3.59 13.19
CA GLU D 114 11.73 2.28 12.84
C GLU D 114 12.41 1.59 13.99
N LEU D 115 13.09 2.36 14.84
CA LEU D 115 13.72 1.77 16.02
C LEU D 115 12.66 1.09 16.89
N VAL D 116 11.59 1.81 17.14
CA VAL D 116 10.53 1.29 18.00
C VAL D 116 9.87 0.04 17.41
N ILE D 117 9.64 0.02 16.10
CA ILE D 117 9.10 -1.15 15.47
C ILE D 117 10.00 -2.38 15.65
N GLY D 118 11.31 -2.20 15.41
CA GLY D 118 12.29 -3.28 15.52
C GLY D 118 12.35 -3.80 16.95
N GLU D 119 12.38 -2.88 17.89
CA GLU D 119 12.40 -3.20 19.32
C GLU D 119 11.17 -3.95 19.77
N LEU D 120 10.00 -3.54 19.34
CA LEU D 120 8.81 -4.21 19.85
C LEU D 120 8.64 -5.60 19.22
N LEU D 121 9.00 -5.74 17.95
CA LEU D 121 9.00 -7.05 17.35
C LEU D 121 9.81 -8.04 18.20
N LEU D 122 11.03 -7.67 18.55
CA LEU D 122 11.91 -8.57 19.30
C LEU D 122 11.52 -8.70 20.78
N LEU D 123 11.10 -7.62 21.42
CA LEU D 123 10.62 -7.75 22.78
C LEU D 123 9.42 -8.70 22.88
N LEU D 124 8.46 -8.57 21.98
CA LEU D 124 7.32 -9.47 21.97
C LEU D 124 7.74 -10.97 21.91
N ARG D 125 8.92 -11.21 21.32
CA ARG D 125 9.44 -12.55 21.03
C ARG D 125 10.43 -13.06 22.09
N GLY D 126 10.75 -12.23 23.09
CA GLY D 126 11.74 -12.54 24.10
C GLY D 126 13.18 -12.64 23.65
N VAL D 127 13.50 -12.04 22.51
CA VAL D 127 14.82 -12.15 21.89
C VAL D 127 15.95 -11.42 22.64
N PRO D 128 15.69 -10.21 23.18
CA PRO D 128 16.79 -9.62 23.93
C PRO D 128 17.35 -10.57 25.00
N GLU D 129 16.47 -11.24 25.71
CA GLU D 129 16.89 -12.14 26.79
C GLU D 129 17.51 -13.44 26.26
N ALA D 130 16.92 -13.98 25.21
CA ALA D 130 17.43 -15.20 24.57
C ALA D 130 18.82 -14.93 24.05
N ASN D 131 19.02 -13.79 23.40
CA ASN D 131 20.29 -13.42 22.83
C ASN D 131 21.34 -13.28 23.91
N ALA D 132 20.98 -12.61 25.00
CA ALA D 132 21.91 -12.40 26.09
C ALA D 132 22.29 -13.73 26.68
N LYS D 133 21.29 -14.57 26.94
CA LYS D 133 21.51 -15.95 27.39
C LYS D 133 22.39 -16.75 26.43
N ALA D 134 22.07 -16.74 25.15
CA ALA D 134 22.87 -17.48 24.14
C ALA D 134 24.35 -17.14 24.15
N HIS D 135 24.64 -15.86 24.24
CA HIS D 135 26.03 -15.44 24.34
C HIS D 135 26.77 -15.95 25.60
N ARG D 136 26.01 -16.19 26.68
CA ARG D 136 26.53 -16.86 27.88
C ARG D 136 26.41 -18.41 27.84
N GLY D 137 25.99 -18.93 26.69
CA GLY D 137 25.85 -20.36 26.45
C GLY D 137 24.66 -21.03 27.09
N VAL D 138 23.62 -20.24 27.29
CA VAL D 138 22.36 -20.73 27.81
C VAL D 138 21.34 -20.68 26.71
N TRP D 139 20.68 -21.80 26.47
CA TRP D 139 19.78 -21.98 25.37
C TRP D 139 18.39 -22.08 25.94
N ASN D 140 17.52 -21.21 25.44
CA ASN D 140 16.18 -21.07 25.97
C ASN D 140 15.07 -21.13 24.91
N LYS D 141 14.95 -22.25 24.22
CA LYS D 141 13.92 -22.43 23.20
C LYS D 141 12.58 -22.59 23.88
N LEU D 142 11.70 -21.63 23.64
CA LEU D 142 10.33 -21.81 24.01
C LEU D 142 9.42 -20.94 23.17
N ALA D 143 8.15 -21.35 23.08
CA ALA D 143 7.06 -20.63 22.38
C ALA D 143 6.12 -19.91 23.36
N ALA D 144 6.10 -20.42 24.58
CA ALA D 144 5.34 -19.85 25.69
C ALA D 144 5.72 -18.42 25.90
N GLY D 145 4.72 -17.52 25.85
CA GLY D 145 4.94 -16.09 26.09
C GLY D 145 5.55 -15.31 24.94
N SER D 146 5.77 -15.94 23.77
CA SER D 146 6.25 -15.25 22.56
C SER D 146 5.12 -15.08 21.59
N PHE D 147 5.10 -13.88 21.00
CA PHE D 147 3.95 -13.35 20.24
C PHE D 147 4.40 -12.61 19.01
N GLU D 148 3.66 -12.85 17.94
CA GLU D 148 3.72 -12.05 16.71
C GLU D 148 3.14 -10.69 17.01
N ALA D 149 3.73 -9.66 16.41
CA ALA D 149 3.20 -8.30 16.52
C ALA D 149 1.89 -8.11 15.77
N ARG D 150 1.70 -8.85 14.68
CA ARG D 150 0.43 -8.78 13.98
C ARG D 150 -0.76 -9.11 14.91
N GLY D 151 -1.78 -8.22 14.83
CA GLY D 151 -2.97 -8.30 15.65
C GLY D 151 -2.82 -7.72 17.03
N LYS D 152 -1.64 -7.23 17.37
CA LYS D 152 -1.45 -6.70 18.71
C LYS D 152 -1.79 -5.23 18.67
N LYS D 153 -2.04 -4.69 19.85
CA LYS D 153 -2.53 -3.36 20.05
C LYS D 153 -1.37 -2.50 20.52
N LEU D 154 -0.98 -1.56 19.68
CA LEU D 154 0.03 -0.56 20.05
C LEU D 154 -0.64 0.72 20.59
N GLY D 155 -0.19 1.15 21.77
CA GLY D 155 -0.65 2.34 22.44
C GLY D 155 0.39 3.42 22.37
N ILE D 156 0.13 4.44 21.56
CA ILE D 156 1.07 5.53 21.40
C ILE D 156 0.71 6.69 22.34
N ILE D 157 1.65 7.12 23.18
CA ILE D 157 1.40 8.31 24.01
C ILE D 157 2.18 9.50 23.45
N GLY D 158 1.44 10.49 22.93
CA GLY D 158 2.05 11.60 22.19
C GLY D 158 1.98 11.34 20.69
N TYR D 159 0.90 11.81 20.09
CA TYR D 159 0.64 11.51 18.69
C TYR D 159 1.04 12.75 17.85
N GLY D 160 2.34 13.04 17.83
CA GLY D 160 2.87 14.16 17.05
C GLY D 160 3.68 13.70 15.87
N HIS D 161 4.78 14.39 15.59
CA HIS D 161 5.59 14.03 14.45
C HIS D 161 5.95 12.55 14.39
N ILE D 162 6.54 12.07 15.48
CA ILE D 162 7.03 10.70 15.57
C ILE D 162 5.91 9.74 15.89
N GLY D 163 4.99 10.14 16.76
CA GLY D 163 3.91 9.21 17.10
C GLY D 163 3.09 8.82 15.88
N THR D 164 2.82 9.80 15.07
CA THR D 164 2.02 9.68 13.89
C THR D 164 2.57 8.68 12.90
N GLN D 165 3.86 8.86 12.68
CA GLN D 165 4.64 8.08 11.78
C GLN D 165 4.76 6.62 12.27
N LEU D 166 5.02 6.47 13.57
CA LEU D 166 5.04 5.17 14.16
C LEU D 166 3.71 4.46 13.98
N GLY D 167 2.59 5.12 14.22
CA GLY D 167 1.31 4.48 13.97
C GLY D 167 1.20 3.97 12.53
N ILE D 168 1.76 4.70 11.58
CA ILE D 168 1.64 4.33 10.18
C ILE D 168 2.41 3.05 9.90
N LEU D 169 3.62 2.97 10.45
CA LEU D 169 4.43 1.76 10.31
C LEU D 169 3.78 0.54 10.92
N ALA D 170 3.26 0.73 12.14
CA ALA D 170 2.64 -0.34 12.90
C ALA D 170 1.45 -0.91 12.16
N GLU D 171 0.63 -0.06 11.57
CA GLU D 171 -0.51 -0.53 10.80
C GLU D 171 -0.08 -1.36 9.61
N SER D 172 1.02 -0.99 8.96
CA SER D 172 1.62 -1.79 7.88
C SER D 172 1.93 -3.18 8.36
N LEU D 173 2.32 -3.31 9.63
CA LEU D 173 2.63 -4.62 10.19
C LEU D 173 1.45 -5.35 10.80
N GLY D 174 0.24 -4.88 10.50
CA GLY D 174 -0.96 -5.60 10.87
C GLY D 174 -1.37 -5.35 12.28
N TYR D 176 -2.95 -3.03 15.50
CA TYR D 176 -4.01 -2.10 15.79
C TYR D 176 -3.45 -0.95 16.60
N VAL D 177 -3.74 0.27 16.16
CA VAL D 177 -3.15 1.48 16.74
C VAL D 177 -4.13 2.39 17.47
N TYR D 178 -3.71 2.70 18.69
CA TYR D 178 -4.43 3.55 19.61
C TYR D 178 -3.46 4.62 20.11
N PHE D 179 -3.99 5.81 20.42
CA PHE D 179 -3.14 6.84 21.00
C PHE D 179 -3.83 7.74 22.05
N TYR D 180 -3.01 8.25 22.97
CA TYR D 180 -3.45 9.23 23.94
C TYR D 180 -2.64 10.47 23.63
N ASP D 181 -3.34 11.61 23.63
CA ASP D 181 -2.69 12.91 23.48
C ASP D 181 -3.52 13.90 24.28
N ILE D 182 -2.86 14.93 24.74
CA ILE D 182 -3.57 15.99 25.47
C ILE D 182 -4.42 16.85 24.57
N GLU D 183 -4.20 16.83 23.27
CA GLU D 183 -5.15 17.46 22.40
C GLU D 183 -5.82 16.50 21.47
N ASN D 184 -6.97 16.89 20.95
CA ASN D 184 -7.62 16.13 19.89
C ASN D 184 -6.82 16.24 18.61
N LYS D 185 -6.46 15.09 18.07
CA LYS D 185 -5.74 15.02 16.82
C LYS D 185 -6.58 14.20 15.88
N LEU D 186 -6.33 14.45 14.59
CA LEU D 186 -6.90 13.71 13.47
C LEU D 186 -6.18 12.38 13.31
N PRO D 187 -6.89 11.26 13.50
CA PRO D 187 -6.13 10.03 13.32
C PRO D 187 -5.76 9.84 11.87
N LEU D 188 -4.61 9.21 11.64
CA LEU D 188 -4.22 8.72 10.31
C LEU D 188 -4.52 7.22 10.18
N GLY D 189 -4.85 6.78 8.97
CA GLY D 189 -5.24 5.40 8.74
C GLY D 189 -6.35 5.03 9.69
N ASN D 190 -6.26 3.85 10.29
CA ASN D 190 -7.29 3.38 11.21
C ASN D 190 -6.91 3.55 12.69
N ALA D 191 -6.01 4.48 12.95
CA ALA D 191 -5.65 4.82 14.31
C ALA D 191 -6.87 5.36 15.05
N THR D 192 -6.85 5.19 16.36
CA THR D 192 -7.98 5.52 17.21
C THR D 192 -7.47 6.33 18.43
N GLN D 193 -8.03 7.53 18.66
CA GLN D 193 -7.70 8.32 19.85
C GLN D 193 -8.50 7.81 21.05
N VAL D 194 -7.82 7.65 22.17
CA VAL D 194 -8.43 7.18 23.42
C VAL D 194 -8.44 8.34 24.42
N GLN D 195 -9.60 8.69 24.98
CA GLN D 195 -9.69 9.92 25.79
C GLN D 195 -8.95 9.81 27.13
N HIS D 196 -9.01 8.63 27.77
CA HIS D 196 -8.39 8.43 29.08
C HIS D 196 -7.17 7.53 28.97
N LEU D 197 -6.07 8.03 29.44
CA LEU D 197 -4.80 7.30 29.45
C LEU D 197 -4.95 5.94 30.11
N SER D 198 -5.68 5.86 31.23
CA SER D 198 -5.88 4.59 31.90
C SER D 198 -6.47 3.50 30.97
N ASP D 199 -7.29 3.88 30.00
CA ASP D 199 -7.90 2.95 29.05
C ASP D 199 -6.89 2.49 27.99
N LEU D 200 -6.07 3.43 27.51
CA LEU D 200 -4.98 3.07 26.64
C LEU D 200 -4.06 2.06 27.35
N LEU D 201 -3.60 2.40 28.54
CA LEU D 201 -2.73 1.51 29.28
C LEU D 201 -3.35 0.11 29.46
N ASN D 202 -4.63 0.02 29.85
CA ASN D 202 -5.28 -1.29 30.11
C ASN D 202 -5.33 -2.17 28.90
N SER D 204 -3.32 -1.90 25.82
CA SER D 204 -2.18 -1.93 24.91
C SER D 204 -1.29 -3.10 25.22
N ASP D 205 -0.90 -3.85 24.18
CA ASP D 205 0.12 -4.89 24.31
C ASP D 205 1.56 -4.30 24.41
N VAL D 206 1.74 -3.18 23.72
CA VAL D 206 2.98 -2.40 23.71
C VAL D 206 2.60 -0.92 23.86
N VAL D 207 3.29 -0.21 24.76
CA VAL D 207 3.09 1.19 24.97
C VAL D 207 4.38 1.91 24.62
N SER D 208 4.29 2.89 23.73
CA SER D 208 5.45 3.71 23.35
C SER D 208 5.23 5.21 23.57
N LEU D 209 6.26 5.88 24.05
CA LEU D 209 6.16 7.29 24.44
C LEU D 209 6.80 8.23 23.43
N HIS D 210 6.06 9.27 23.03
CA HIS D 210 6.57 10.24 22.07
C HIS D 210 6.13 11.66 22.39
N VAL D 211 6.46 12.04 23.63
CA VAL D 211 6.07 13.28 24.23
C VAL D 211 7.24 14.21 24.43
N PRO D 212 6.95 15.51 24.60
CA PRO D 212 8.01 16.47 24.91
C PRO D 212 8.47 16.38 26.36
N GLU D 213 9.47 17.17 26.72
CA GLU D 213 9.89 17.32 28.10
C GLU D 213 9.40 18.63 28.67
N ASN D 214 8.36 18.55 29.52
CA ASN D 214 7.82 19.65 30.31
C ASN D 214 7.18 19.06 31.59
N PRO D 215 6.66 19.91 32.48
CA PRO D 215 6.12 19.35 33.73
C PRO D 215 4.91 18.42 33.60
N SER D 216 4.16 18.51 32.49
CA SER D 216 2.98 17.66 32.29
C SER D 216 3.44 16.23 32.06
N THR D 217 4.73 16.12 31.75
CA THR D 217 5.30 14.97 31.10
C THR D 217 6.31 14.26 32.06
N LYS D 218 6.91 15.01 32.98
CA LYS D 218 7.84 14.50 33.98
C LYS D 218 7.20 13.41 34.84
N ASN D 219 7.80 12.22 34.79
CA ASN D 219 7.37 10.99 35.49
C ASN D 219 5.92 10.68 35.34
N GLY D 222 4.56 6.66 35.96
CA GLY D 222 4.99 6.35 37.33
C GLY D 222 4.44 4.99 37.72
N ALA D 223 4.56 4.63 39.00
CA ALA D 223 4.15 3.32 39.47
C ALA D 223 2.68 3.04 39.13
N LYS D 224 1.82 4.02 39.36
CA LYS D 224 0.39 3.85 39.15
C LYS D 224 0.11 3.51 37.71
N GLU D 225 0.80 4.18 36.79
CA GLU D 225 0.48 4.06 35.38
C GLU D 225 0.97 2.71 34.80
N ILE D 226 2.14 2.30 35.25
CA ILE D 226 2.70 1.01 34.90
C ILE D 226 1.81 -0.11 35.48
N SER D 227 1.32 0.04 36.71
CA SER D 227 0.40 -0.93 37.30
C SER D 227 -0.89 -1.04 36.50
N LEU D 228 -1.22 -0.01 35.73
CA LEU D 228 -2.43 -0.04 34.89
C LEU D 228 -2.17 -0.64 33.52
N LYS D 230 -1.30 -3.49 30.87
CA LYS D 230 -1.83 -4.83 30.75
C LYS D 230 -0.77 -5.78 31.29
N PRO D 231 -1.15 -6.74 32.16
CA PRO D 231 -0.15 -7.72 32.57
C PRO D 231 0.51 -8.40 31.38
N GLY D 232 1.85 -8.39 31.35
CA GLY D 232 2.63 -8.97 30.28
C GLY D 232 3.09 -8.04 29.18
N SER D 233 2.72 -6.76 29.29
CA SER D 233 2.94 -5.78 28.24
C SER D 233 4.41 -5.30 28.22
N LEU D 234 4.68 -4.39 27.31
CA LEU D 234 6.04 -3.89 27.01
C LEU D 234 5.97 -2.40 27.05
N LEU D 235 6.95 -1.76 27.70
CA LEU D 235 7.05 -0.33 27.67
C LEU D 235 8.22 0.09 26.82
N ILE D 236 8.03 1.08 26.00
CA ILE D 236 9.11 1.64 25.21
C ILE D 236 9.16 3.18 25.38
N ASN D 237 10.38 3.68 25.58
CA ASN D 237 10.64 5.13 25.71
C ASN D 237 11.87 5.57 24.89
N ALA D 238 11.59 6.21 23.77
CA ALA D 238 12.60 6.86 22.99
C ALA D 238 12.29 8.36 22.86
N SER D 239 11.52 8.87 23.82
CA SER D 239 11.18 10.29 23.87
C SER D 239 12.20 11.06 24.70
N ARG D 240 11.91 11.20 26.00
CA ARG D 240 12.73 12.02 26.89
C ARG D 240 12.99 11.25 28.16
N GLY D 241 14.17 11.51 28.72
CA GLY D 241 14.69 10.76 29.84
C GLY D 241 14.02 10.96 31.17
N THR D 242 13.14 11.93 31.24
CA THR D 242 12.48 12.35 32.48
C THR D 242 11.06 11.81 32.64
N VAL D 243 10.62 11.04 31.65
CA VAL D 243 9.21 10.73 31.47
C VAL D 243 8.73 9.45 32.18
N VAL D 244 9.67 8.53 32.43
CA VAL D 244 9.41 7.28 33.11
C VAL D 244 10.09 7.26 34.48
N ASP D 245 9.33 6.94 35.51
CA ASP D 245 9.94 6.66 36.80
C ASP D 245 10.74 5.33 36.71
N ILE D 246 12.06 5.42 36.61
CA ILE D 246 12.89 4.27 36.26
C ILE D 246 12.87 3.16 37.34
N PRO D 247 13.02 3.55 38.61
CA PRO D 247 12.82 2.59 39.69
C PRO D 247 11.47 1.86 39.67
N ALA D 248 10.38 2.57 39.38
CA ALA D 248 9.03 1.93 39.27
C ALA D 248 9.00 0.91 38.16
N LEU D 249 9.73 1.21 37.09
CA LEU D 249 9.85 0.33 35.94
C LEU D 249 10.63 -0.88 36.32
N CYS D 250 11.72 -0.72 37.06
CA CYS D 250 12.49 -1.87 37.53
C CYS D 250 11.61 -2.75 38.40
N ASP D 251 10.87 -2.15 39.34
N ASP D 251 10.87 -2.14 39.31
CA ASP D 251 9.91 -2.90 40.20
CA ASP D 251 9.97 -2.87 40.18
C ASP D 251 9.02 -3.76 39.32
C ASP D 251 8.91 -3.66 39.41
N ALA D 252 8.52 -3.16 38.24
CA ALA D 252 7.49 -3.80 37.40
C ALA D 252 8.08 -4.86 36.51
N LEU D 253 9.35 -4.68 36.17
CA LEU D 253 10.11 -5.71 35.47
C LEU D 253 10.43 -6.92 36.36
N ALA D 254 10.85 -6.62 37.59
CA ALA D 254 11.17 -7.63 38.55
C ALA D 254 9.93 -8.42 38.95
N SER D 255 8.81 -7.75 39.21
CA SER D 255 7.53 -8.38 39.56
C SER D 255 6.94 -9.17 38.40
N LYS D 256 7.49 -8.92 37.22
CA LYS D 256 7.04 -9.48 35.96
C LYS D 256 5.64 -9.00 35.49
N HIS D 257 5.19 -7.86 36.05
CA HIS D 257 4.03 -7.17 35.48
C HIS D 257 4.26 -6.77 34.02
N LEU D 258 5.50 -6.41 33.73
CA LEU D 258 5.91 -6.17 32.37
C LEU D 258 6.88 -7.25 31.94
N ALA D 259 6.75 -7.60 30.68
CA ALA D 259 7.48 -8.70 30.07
C ALA D 259 8.81 -8.19 29.52
N GLY D 260 8.93 -6.86 29.43
CA GLY D 260 10.15 -6.24 28.90
C GLY D 260 9.97 -4.77 28.63
N ALA D 261 11.05 -4.16 28.16
CA ALA D 261 11.11 -2.74 27.89
C ALA D 261 12.24 -2.42 26.95
N ALA D 262 12.18 -1.23 26.37
CA ALA D 262 13.21 -0.73 25.53
C ALA D 262 13.36 0.74 25.89
N ILE D 263 14.52 1.11 26.42
CA ILE D 263 14.79 2.46 26.87
C ILE D 263 16.02 3.03 26.17
N ASP D 264 15.83 4.21 25.56
CA ASP D 264 16.86 4.88 24.78
C ASP D 264 17.34 6.19 25.42
N VAL D 265 16.60 6.65 26.43
CA VAL D 265 16.82 7.96 27.03
C VAL D 265 16.63 7.82 28.55
N PHE D 266 17.48 8.51 29.31
CA PHE D 266 17.62 8.26 30.74
C PHE D 266 17.68 9.57 31.50
N PRO D 267 17.25 9.56 32.78
CA PRO D 267 17.27 10.77 33.61
C PRO D 267 18.56 11.49 33.45
N THR D 268 19.64 10.72 33.51
CA THR D 268 20.97 11.26 33.37
C THR D 268 21.74 10.39 32.38
N GLU D 269 22.45 11.02 31.44
CA GLU D 269 23.11 10.31 30.38
C GLU D 269 24.59 10.62 30.40
N PRO D 270 25.45 9.63 30.11
CA PRO D 270 26.87 9.93 29.85
C PRO D 270 27.08 11.11 28.95
N ALA D 271 28.00 11.96 29.35
CA ALA D 271 28.34 13.17 28.62
C ALA D 271 29.04 12.84 27.31
N THR D 272 29.89 11.81 27.34
CA THR D 272 30.60 11.32 26.15
C THR D 272 30.61 9.82 26.22
N ASN D 273 31.12 9.20 25.16
CA ASN D 273 31.23 7.74 25.06
C ASN D 273 32.29 7.06 25.93
N SER D 274 33.20 7.86 26.46
CA SER D 274 34.17 7.36 27.42
C SER D 274 33.78 7.61 28.86
N ASP D 275 32.62 8.22 29.10
CA ASP D 275 32.05 8.31 30.47
C ASP D 275 31.12 7.12 30.76
N PRO D 276 31.11 6.62 32.00
CA PRO D 276 30.37 5.40 32.29
C PRO D 276 28.86 5.58 32.44
N PHE D 277 28.16 4.53 32.02
CA PHE D 277 26.71 4.46 32.06
C PHE D 277 26.23 3.58 33.25
N THR D 278 25.32 4.12 34.05
CA THR D 278 24.82 3.43 35.23
C THR D 278 23.33 3.43 35.12
N SER D 279 22.71 2.26 35.32
CA SER D 279 21.26 2.17 35.47
C SER D 279 20.90 0.88 36.15
N PRO D 280 19.92 0.96 37.04
CA PRO D 280 19.38 -0.25 37.62
C PRO D 280 18.79 -1.19 36.56
N LEU D 281 18.47 -0.65 35.38
CA LEU D 281 17.93 -1.45 34.27
C LEU D 281 18.91 -2.45 33.68
N CYS D 282 20.20 -2.22 33.94
CA CYS D 282 21.27 -3.08 33.40
C CYS D 282 21.16 -4.52 33.90
N GLU D 283 20.60 -4.73 35.08
N GLU D 283 20.58 -4.71 35.07
CA GLU D 283 20.39 -6.09 35.57
CA GLU D 283 20.42 -6.05 35.60
C GLU D 283 19.48 -6.92 34.65
C GLU D 283 19.32 -6.87 34.86
N PHE D 284 18.55 -6.25 33.95
CA PHE D 284 17.51 -6.96 33.15
C PHE D 284 17.90 -7.19 31.71
N ASP D 285 18.01 -8.47 31.37
CA ASP D 285 18.26 -8.96 30.01
C ASP D 285 17.08 -8.85 29.06
N ASN D 286 15.87 -8.76 29.61
CA ASN D 286 14.67 -8.49 28.80
C ASN D 286 14.39 -6.99 28.60
N VAL D 287 15.38 -6.16 28.94
CA VAL D 287 15.35 -4.76 28.60
C VAL D 287 16.41 -4.48 27.54
N LEU D 288 16.00 -3.79 26.47
CA LEU D 288 16.93 -3.23 25.51
C LEU D 288 17.31 -1.85 25.95
N LEU D 289 18.59 -1.60 26.08
CA LEU D 289 19.12 -0.31 26.49
C LEU D 289 20.01 0.20 25.41
N THR D 290 19.61 1.35 24.85
CA THR D 290 20.38 2.01 23.80
C THR D 290 20.83 3.43 24.18
N PRO D 291 21.99 3.86 23.66
CA PRO D 291 22.60 5.12 24.06
C PRO D 291 22.09 6.37 23.31
N HIS D 292 20.80 6.72 23.48
CA HIS D 292 20.19 7.90 22.90
C HIS D 292 20.47 7.97 21.40
N ILE D 293 20.20 6.85 20.74
CA ILE D 293 20.46 6.71 19.32
C ILE D 293 19.17 6.59 18.50
N GLY D 294 18.01 6.87 19.12
CA GLY D 294 16.72 6.98 18.39
C GLY D 294 16.76 7.72 17.06
N GLY D 295 17.44 8.85 17.01
CA GLY D 295 17.60 9.60 15.79
C GLY D 295 19.02 9.56 15.23
N SER D 296 19.81 8.61 15.67
CA SER D 296 21.21 8.52 15.21
C SER D 296 21.39 7.53 14.02
N THR D 297 21.08 8.00 12.81
CA THR D 297 21.28 7.23 11.59
C THR D 297 21.92 8.08 10.54
N GLN D 298 22.42 7.47 9.47
CA GLN D 298 23.03 8.25 8.42
C GLN D 298 22.01 8.99 7.62
N GLU D 299 20.79 8.50 7.60
CA GLU D 299 19.72 9.16 6.86
C GLU D 299 19.39 10.46 7.58
N ALA D 300 19.33 10.41 8.90
CA ALA D 300 19.12 11.60 9.70
C ALA D 300 20.23 12.62 9.51
N GLN D 301 21.48 12.15 9.47
CA GLN D 301 22.65 13.03 9.31
C GLN D 301 22.61 13.75 7.98
N GLU D 302 22.13 13.03 6.99
CA GLU D 302 22.00 13.56 5.63
C GLU D 302 20.93 14.62 5.54
N ASN D 303 19.76 14.38 6.12
CA ASN D 303 18.72 15.39 6.24
C ASN D 303 19.18 16.59 7.01
N ILE D 304 19.92 16.36 8.10
CA ILE D 304 20.46 17.47 8.89
C ILE D 304 21.38 18.29 8.02
N GLY D 305 22.25 17.63 7.29
CA GLY D 305 23.23 18.34 6.46
C GLY D 305 22.60 19.26 5.45
N LEU D 306 21.64 18.72 4.72
CA LEU D 306 20.84 19.47 3.77
C LEU D 306 20.14 20.64 4.40
N GLU D 307 19.46 20.40 5.51
CA GLU D 307 18.65 21.43 6.15
C GLU D 307 19.51 22.57 6.63
N VAL D 308 20.52 22.25 7.44
CA VAL D 308 21.28 23.29 8.08
C VAL D 308 22.20 23.98 7.06
N ALA D 309 22.86 23.26 6.16
CA ALA D 309 23.61 23.93 5.11
C ALA D 309 22.70 24.90 4.32
N GLY D 310 21.51 24.42 3.97
CA GLY D 310 20.61 25.23 3.19
C GLY D 310 20.27 26.50 3.92
N LYS D 311 20.18 26.45 5.24
CA LYS D 311 19.84 27.61 6.04
C LYS D 311 20.97 28.62 6.04
N LEU D 312 22.21 28.14 6.03
CA LEU D 312 23.34 29.04 6.01
C LEU D 312 23.51 29.71 4.64
N ILE D 313 23.19 28.95 3.60
CA ILE D 313 23.30 29.44 2.23
C ILE D 313 22.26 30.55 2.06
N LYS D 314 21.01 30.26 2.38
CA LYS D 314 19.94 31.24 2.34
C LYS D 314 20.24 32.49 3.17
N TYR D 315 20.86 32.35 4.34
CA TYR D 315 21.22 33.56 5.10
C TYR D 315 22.28 34.39 4.41
N SER D 316 23.32 33.72 3.96
CA SER D 316 24.38 34.35 3.20
C SER D 316 23.80 35.06 1.96
N ASP D 317 23.00 34.34 1.20
CA ASP D 317 22.61 34.79 -0.10
C ASP D 317 21.53 35.87 -0.07
N ASN D 318 20.56 35.71 0.83
CA ASN D 318 19.37 36.54 0.81
C ASN D 318 18.93 37.04 2.18
N GLY D 319 19.64 36.67 3.23
CA GLY D 319 19.45 37.29 4.53
C GLY D 319 18.34 36.67 5.34
N SER D 320 17.84 35.53 4.91
CA SER D 320 16.76 34.92 5.63
C SER D 320 17.23 34.44 6.98
N THR D 321 16.50 34.83 8.03
CA THR D 321 16.76 34.32 9.40
C THR D 321 15.62 33.45 9.93
N LEU D 322 14.81 32.97 9.02
CA LEU D 322 13.76 32.06 9.36
C LEU D 322 14.33 30.88 10.10
N SER D 323 13.78 30.61 11.29
CA SER D 323 14.11 29.44 12.10
C SER D 323 15.36 29.64 12.93
N ALA D 324 15.98 30.82 12.81
CA ALA D 324 17.07 31.15 13.64
C ALA D 324 16.62 31.05 15.08
N VAL D 325 17.56 30.66 15.90
CA VAL D 325 17.30 30.32 17.30
C VAL D 325 17.54 31.47 18.27
N ASN D 326 18.29 32.49 17.84
CA ASN D 326 18.68 33.60 18.73
C ASN D 326 18.42 34.99 18.13
N PHE D 327 17.51 35.05 17.16
CA PHE D 327 17.46 36.18 16.22
C PHE D 327 16.03 36.51 15.79
N PRO D 328 15.74 37.78 15.49
CA PRO D 328 14.49 38.09 14.79
C PRO D 328 14.35 37.37 13.45
N GLU D 329 13.15 36.85 13.19
CA GLU D 329 12.89 36.11 11.93
C GLU D 329 12.40 36.99 10.78
N VAL D 330 13.27 37.12 9.80
CA VAL D 330 12.99 37.87 8.61
C VAL D 330 13.33 37.03 7.40
N SER D 331 12.43 37.07 6.45
CA SER D 331 12.65 36.49 5.14
C SER D 331 11.85 37.33 4.15
N LEU D 332 12.53 37.84 3.13
CA LEU D 332 11.89 38.68 2.11
C LEU D 332 12.04 37.99 0.75
N PRO D 333 10.96 37.78 0.01
CA PRO D 333 11.01 37.22 -1.30
C PRO D 333 11.94 37.97 -2.24
N LEU D 334 12.58 37.24 -3.16
CA LEU D 334 13.53 37.85 -4.08
C LEU D 334 12.80 38.42 -5.27
N HIS D 335 13.08 39.68 -5.58
CA HIS D 335 12.48 40.38 -6.71
C HIS D 335 13.55 41.25 -7.42
N GLY D 336 14.78 40.77 -7.48
CA GLY D 336 15.87 41.53 -8.10
C GLY D 336 16.21 42.81 -7.41
N GLY D 337 16.99 43.65 -8.10
CA GLY D 337 17.44 44.93 -7.54
C GLY D 337 18.49 44.63 -6.50
N ARG D 338 18.85 45.60 -5.68
CA ARG D 338 19.83 45.39 -4.63
C ARG D 338 19.16 45.09 -3.33
N ARG D 339 19.85 44.32 -2.49
CA ARG D 339 19.36 44.00 -1.17
C ARG D 339 20.41 44.27 -0.14
N LEU D 340 19.96 44.95 0.90
CA LEU D 340 20.78 45.27 2.04
C LEU D 340 20.07 44.83 3.30
N HIS D 342 20.43 45.06 7.84
CA HIS D 342 20.85 45.90 8.99
C HIS D 342 20.41 45.31 10.35
N ILE D 343 21.40 45.10 11.21
CA ILE D 343 21.22 44.53 12.54
C ILE D 343 21.61 45.61 13.52
N HIS D 344 20.79 45.78 14.55
CA HIS D 344 20.87 46.95 15.37
C HIS D 344 20.16 46.76 16.70
N GLU D 345 20.56 47.62 17.62
CA GLU D 345 19.93 47.71 18.92
C GLU D 345 18.54 48.31 18.76
N ASN D 346 17.57 47.66 19.38
CA ASN D 346 16.17 48.00 19.20
C ASN D 346 15.77 49.24 20.00
N ARG D 347 15.71 50.36 19.30
CA ARG D 347 15.46 51.67 19.90
C ARG D 347 14.71 52.51 18.86
N PRO D 348 13.76 53.38 19.30
CA PRO D 348 13.08 54.25 18.33
C PRO D 348 14.06 55.02 17.43
N GLY D 349 13.65 55.27 16.18
CA GLY D 349 14.40 56.12 15.28
C GLY D 349 15.39 55.47 14.35
N VAL D 350 15.68 54.19 14.55
CA VAL D 350 16.65 53.53 13.69
C VAL D 350 16.12 53.40 12.25
N LEU D 351 14.87 52.96 12.16
CA LEU D 351 14.20 52.74 10.90
C LEU D 351 13.99 54.08 10.18
N THR D 352 13.75 55.11 10.97
CA THR D 352 13.65 56.46 10.47
C THR D 352 14.95 56.98 9.83
N ALA D 353 16.09 56.67 10.46
CA ALA D 353 17.40 57.00 9.93
C ALA D 353 17.76 56.21 8.70
N LEU D 354 17.29 54.98 8.61
CA LEU D 354 17.55 54.13 7.42
C LEU D 354 16.82 54.68 6.24
N ASN D 355 15.53 54.90 6.44
CA ASN D 355 14.64 55.31 5.36
C ASN D 355 14.98 56.69 4.83
N LYS D 356 15.57 57.48 5.71
CA LYS D 356 16.09 58.82 5.43
C LYS D 356 17.32 58.77 4.50
N ILE D 357 18.12 57.73 4.60
CA ILE D 357 19.30 57.58 3.75
C ILE D 357 18.88 57.41 2.28
N PHE D 358 17.86 56.60 2.05
CA PHE D 358 17.40 56.32 0.71
C PHE D 358 16.66 57.51 0.13
N ALA D 359 15.70 58.05 0.87
CA ALA D 359 15.06 59.31 0.50
C ALA D 359 16.04 60.34 -0.07
N GLU D 360 17.17 60.53 0.61
CA GLU D 360 18.15 61.56 0.25
C GLU D 360 18.89 61.35 -1.06
N GLN D 361 19.24 60.10 -1.30
CA GLN D 361 19.90 59.71 -2.53
C GLN D 361 18.88 59.55 -3.69
N GLY D 362 17.58 59.69 -3.43
CA GLY D 362 16.56 59.61 -4.45
C GLY D 362 16.38 58.17 -4.90
N VAL D 363 16.45 57.24 -3.95
CA VAL D 363 16.37 55.81 -4.21
C VAL D 363 15.07 55.24 -3.64
N ASN D 364 14.30 54.56 -4.49
CA ASN D 364 13.04 53.93 -4.07
C ASN D 364 13.28 52.62 -3.30
N ILE D 365 12.55 52.48 -2.19
CA ILE D 365 12.58 51.27 -1.38
C ILE D 365 11.44 50.42 -1.89
N ALA D 366 11.82 49.30 -2.53
CA ALA D 366 10.88 48.34 -3.12
C ALA D 366 10.24 47.48 -2.05
N ALA D 367 11.00 47.11 -1.05
CA ALA D 367 10.44 46.33 0.03
C ALA D 367 11.32 46.40 1.24
N GLN D 368 10.72 46.15 2.38
CA GLN D 368 11.50 46.03 3.61
C GLN D 368 10.74 45.30 4.67
N TYR D 369 11.51 44.54 5.45
CA TYR D 369 10.99 43.64 6.45
C TYR D 369 11.90 43.83 7.66
N LEU D 370 11.31 44.40 8.69
CA LEU D 370 11.91 44.59 9.98
C LEU D 370 11.21 43.66 10.93
N GLN D 371 11.99 42.97 11.77
CA GLN D 371 11.42 42.29 12.92
C GLN D 371 12.36 42.54 14.09
N THR D 372 11.79 42.49 15.30
CA THR D 372 12.56 42.76 16.51
C THR D 372 12.40 41.62 17.51
N SER D 373 13.52 41.28 18.14
CA SER D 373 13.60 40.33 19.23
C SER D 373 13.17 41.10 20.49
N ALA D 374 13.74 40.76 21.64
CA ALA D 374 13.66 41.66 22.78
C ALA D 374 14.57 42.89 22.49
N GLN D 375 15.88 42.70 22.66
CA GLN D 375 16.88 43.79 22.71
C GLN D 375 17.30 44.33 21.36
N GLY D 377 16.93 44.48 16.75
CA GLY D 377 16.18 44.42 15.50
C GLY D 377 16.99 44.08 14.26
N TYR D 378 16.29 43.59 13.25
CA TYR D 378 16.89 43.14 12.00
C TYR D 378 15.99 43.54 10.90
N VAL D 379 16.60 44.15 9.87
CA VAL D 379 15.84 44.59 8.74
C VAL D 379 16.55 44.32 7.44
N VAL D 380 15.78 43.75 6.49
CA VAL D 380 16.23 43.52 5.10
C VAL D 380 15.46 44.48 4.22
N ILE D 381 16.18 45.07 3.25
CA ILE D 381 15.69 46.18 2.41
C ILE D 381 16.04 45.99 0.95
N ASP D 382 15.01 46.01 0.10
CA ASP D 382 15.21 45.93 -1.35
C ASP D 382 15.10 47.33 -1.92
N ILE D 383 16.11 47.71 -2.71
CA ILE D 383 16.18 48.99 -3.38
C ILE D 383 16.44 48.82 -4.84
N GLU D 384 16.11 49.86 -5.55
CA GLU D 384 16.26 49.94 -7.00
C GLU D 384 17.36 50.96 -7.19
N ALA D 385 18.57 50.48 -7.44
CA ALA D 385 19.76 51.32 -7.46
C ALA D 385 20.95 50.55 -7.96
N ASP D 386 21.94 51.24 -8.50
CA ASP D 386 23.10 50.54 -9.02
C ASP D 386 24.09 50.26 -7.89
N GLU D 387 25.11 49.49 -8.24
CA GLU D 387 26.22 49.16 -7.36
C GLU D 387 26.78 50.33 -6.52
N ASP D 388 27.38 51.31 -7.21
CA ASP D 388 27.92 52.52 -6.58
C ASP D 388 27.04 53.06 -5.47
N VAL D 389 25.80 53.34 -5.84
CA VAL D 389 24.87 54.04 -4.98
C VAL D 389 24.52 53.21 -3.75
N ALA D 390 24.31 51.92 -3.96
CA ALA D 390 23.99 50.99 -2.86
C ALA D 390 25.17 50.87 -1.90
N GLU D 391 26.36 50.98 -2.43
CA GLU D 391 27.53 50.94 -1.60
C GLU D 391 27.67 52.19 -0.71
N LYS D 392 27.45 53.37 -1.30
CA LYS D 392 27.48 54.61 -0.51
C LYS D 392 26.39 54.52 0.55
N ALA D 393 25.25 53.94 0.20
CA ALA D 393 24.17 53.71 1.18
C ALA D 393 24.56 52.79 2.31
N LEU D 394 25.20 51.67 1.98
CA LEU D 394 25.70 50.76 3.00
C LEU D 394 26.62 51.47 4.01
N GLN D 395 27.60 52.21 3.49
CA GLN D 395 28.53 53.07 4.23
C GLN D 395 27.79 53.91 5.29
N ALA D 396 26.66 54.46 4.91
CA ALA D 396 25.85 55.34 5.77
C ALA D 396 25.05 54.59 6.81
N LYS D 398 25.97 51.85 8.11
CA LYS D 398 26.92 51.37 9.12
C LYS D 398 27.13 52.41 10.19
N ALA D 399 26.93 53.67 9.84
CA ALA D 399 27.22 54.76 10.75
C ALA D 399 26.03 55.15 11.63
N ILE D 400 24.86 54.55 11.45
CA ILE D 400 23.75 54.83 12.37
C ILE D 400 24.11 54.35 13.79
N PRO D 401 23.83 55.19 14.81
CA PRO D 401 24.05 54.74 16.20
C PRO D 401 23.23 53.51 16.53
N GLY D 402 23.84 52.61 17.30
CA GLY D 402 23.21 51.36 17.57
C GLY D 402 23.40 50.29 16.51
N THR D 403 23.91 50.63 15.32
CA THR D 403 24.19 49.62 14.30
C THR D 403 25.17 48.55 14.79
N ILE D 404 24.77 47.29 14.71
CA ILE D 404 25.65 46.15 15.03
C ILE D 404 26.35 45.62 13.79
N ARG D 405 25.59 45.45 12.72
CA ARG D 405 26.15 44.95 11.49
C ARG D 405 25.24 45.29 10.35
N ALA D 406 25.85 45.50 9.19
CA ALA D 406 25.15 45.82 7.95
C ALA D 406 25.91 45.26 6.75
N ARG D 407 25.16 44.84 5.76
CA ARG D 407 25.71 44.12 4.64
C ARG D 407 24.84 44.34 3.40
N LEU D 408 25.52 44.39 2.27
CA LEU D 408 24.90 44.43 0.97
C LEU D 408 24.96 42.99 0.47
N LEU D 409 23.81 42.36 0.30
CA LEU D 409 23.74 40.94 0.01
C LEU D 409 23.80 40.69 -1.47
N TYR D 410 23.19 41.55 -2.24
CA TYR D 410 23.33 41.48 -3.66
C TYR D 410 22.97 42.81 -4.29
#